data_7KNP
#
_entry.id   7KNP
#
_cell.length_a   72.250
_cell.length_b   184.660
_cell.length_c   85.130
_cell.angle_alpha   90.000
_cell.angle_beta   93.840
_cell.angle_gamma   90.000
#
_symmetry.space_group_name_H-M   'P 1 21 1'
#
loop_
_entity.id
_entity.type
_entity.pdbx_description
1 polymer 'Acetyl-coenzyme A synthetase'
2 non-polymer "5'-O-[(S)-butoxy(hydroxy)phosphoryl]adenosine"
3 non-polymer 1,2-ETHANEDIOL
4 non-polymer 'PHOSPHATE ION'
5 water water
#
_entity_poly.entity_id   1
_entity_poly.type   'polypeptide(L)'
_entity_poly.pdbx_seq_one_letter_code
;MHHHHHHHHENLYFQGKTEVAPGVHHVHPLPDSVPESEDLFAPPPRMQGKEGRPKPHIGPNYESYVKEWAKTVGPNSDEW
WAAKARETLDWYDDFKTVRAGGFEHGDVQWFPEGTLNAAYNCLDRHYYKNPKKTAIIYEADEPSESREVSYEELMQETCR
VANVLKSYGVKKGDAVSIYLPMTWQAAAAFLACARIGAIHSAVFAGFSAESLRDRVNDCECKVLITTDEGRRGGKTIATK
QIVDAALQQCPLVENVLVLRRTGNKVPMTEGRDKWWDEECAKMPAYCPCERMASEDPLFILYTSGSTGKPKGVVHSTAGY
LLGTALTLKYVFDAHPDDRFACMADIGWITGHSYIIYGPLANGITTAVFESTPVYPTPSRYWDFVDKWKATQLYTAPTAI
RLLRRMGEDHVKNHDLSSLRVLGSVGEPINPEAWHWYNDFAGKNQCAIVDTYWMTETGSISIAPLPGAISTKPGSATFPF
FGMDVDIIDPQTGQVLEGNDVEGVLVARRPWPSIARTVYRDHKRYLETYMKPYPGYFFFGDGAARDYDGYMWIKGRVDDV
INVSGHRLSTAEVESALILHKGVAETAVVGCADDLTGQAVYAFVTMKPEFDLKATKEADLSKELAIQVRKVIGPFAAPKK
IYLVSDLPKTRSGKIMRRVLRKIVAGEGDQLGDLSSIADPQIVEEVKQKVTGSA
;
_entity_poly.pdbx_strand_id   A,B,C
#
loop_
_chem_comp.id
_chem_comp.type
_chem_comp.name
_chem_comp.formula
EDO non-polymer 1,2-ETHANEDIOL 'C2 H6 O2'
PO4 non-polymer 'PHOSPHATE ION' 'O4 P -3'
WT7 non-polymer 5'-O-[(S)-butoxy(hydroxy)phosphoryl]adenosine 'C14 H22 N5 O7 P'
#
# COMPACT_ATOMS: atom_id res chain seq x y z
N VAL A 24 -29.21 3.10 54.88
CA VAL A 24 -28.19 2.06 55.02
C VAL A 24 -27.12 2.18 53.93
N HIS A 25 -27.49 2.61 52.73
CA HIS A 25 -26.56 2.74 51.61
C HIS A 25 -26.38 4.21 51.25
N HIS A 26 -25.12 4.66 51.22
CA HIS A 26 -24.84 6.05 50.89
C HIS A 26 -25.15 6.36 49.43
N VAL A 27 -24.99 5.40 48.53
CA VAL A 27 -25.30 5.57 47.11
C VAL A 27 -26.67 4.98 46.83
N HIS A 28 -27.59 5.82 46.26
CA HIS A 28 -28.95 5.46 45.90
C HIS A 28 -29.07 5.23 44.39
N PRO A 29 -29.95 4.34 43.95
CA PRO A 29 -30.25 4.23 42.52
C PRO A 29 -30.99 5.49 42.06
N LEU A 30 -31.02 5.70 40.75
CA LEU A 30 -31.79 6.82 40.23
C LEU A 30 -33.26 6.67 40.60
N PRO A 31 -33.93 7.75 41.02
CA PRO A 31 -35.30 7.63 41.55
C PRO A 31 -36.22 6.88 40.60
N ASP A 32 -36.93 5.89 41.14
CA ASP A 32 -37.76 5.03 40.34
C ASP A 32 -39.01 4.69 41.11
N SER A 33 -40.14 4.59 40.38
CA SER A 33 -41.42 4.26 40.98
C SER A 33 -41.49 2.82 41.47
N VAL A 34 -40.65 1.94 40.93
CA VAL A 34 -40.70 0.51 41.22
C VAL A 34 -39.88 0.25 42.49
N PRO A 35 -40.35 -0.61 43.41
CA PRO A 35 -39.56 -0.89 44.61
C PRO A 35 -38.28 -1.65 44.30
N GLU A 36 -37.20 -1.26 44.98
CA GLU A 36 -35.86 -1.73 44.64
C GLU A 36 -35.75 -3.26 44.64
N SER A 37 -36.52 -3.95 45.49
CA SER A 37 -36.44 -5.39 45.70
C SER A 37 -37.21 -6.18 44.65
N GLU A 38 -37.92 -5.50 43.76
CA GLU A 38 -38.50 -6.13 42.58
C GLU A 38 -37.86 -5.60 41.30
N ASP A 39 -36.89 -4.68 41.43
CA ASP A 39 -36.33 -3.91 40.33
C ASP A 39 -34.99 -4.47 39.85
N LEU A 40 -34.89 -5.80 39.77
CA LEU A 40 -33.70 -6.50 39.30
C LEU A 40 -34.16 -7.54 38.28
N PHE A 41 -33.58 -7.47 37.08
CA PHE A 41 -34.12 -8.16 35.91
C PHE A 41 -33.08 -9.13 35.36
N ALA A 42 -33.27 -10.40 35.67
CA ALA A 42 -32.37 -11.44 35.20
C ALA A 42 -32.53 -11.60 33.69
N PRO A 43 -31.50 -12.11 33.01
CA PRO A 43 -31.61 -12.40 31.57
C PRO A 43 -32.85 -13.21 31.25
N PRO A 44 -33.75 -12.66 30.44
CA PRO A 44 -35.00 -13.36 30.12
C PRO A 44 -34.77 -14.53 29.19
N PRO A 45 -35.79 -15.37 28.96
CA PRO A 45 -35.57 -16.62 28.19
C PRO A 45 -35.06 -16.44 26.76
N ARG A 46 -35.42 -15.38 26.06
CA ARG A 46 -34.77 -15.13 24.75
C ARG A 46 -33.25 -15.03 24.91
N MET A 47 -32.79 -14.58 26.08
CA MET A 47 -31.36 -14.46 26.36
C MET A 47 -30.80 -15.65 27.12
N GLN A 48 -31.56 -16.75 27.20
CA GLN A 48 -31.13 -17.96 27.91
C GLN A 48 -30.92 -19.15 26.98
N GLY A 49 -31.01 -18.96 25.67
CA GLY A 49 -30.89 -20.07 24.76
C GLY A 49 -32.14 -20.89 24.61
N LYS A 50 -33.30 -20.34 24.98
CA LYS A 50 -34.57 -21.01 24.83
C LYS A 50 -35.27 -20.51 23.57
N GLU A 51 -36.43 -21.11 23.27
CA GLU A 51 -37.29 -20.67 22.16
C GLU A 51 -36.54 -20.65 20.84
N GLY A 52 -35.44 -21.40 20.75
CA GLY A 52 -34.63 -21.41 19.56
C GLY A 52 -33.68 -20.24 19.41
N ARG A 53 -33.56 -19.38 20.42
CA ARG A 53 -32.64 -18.25 20.28
C ARG A 53 -31.21 -18.74 20.45
N PRO A 54 -30.23 -18.04 19.85
CA PRO A 54 -28.84 -18.44 20.04
C PRO A 54 -28.46 -18.41 21.52
N LYS A 55 -27.58 -19.32 21.89
CA LYS A 55 -27.08 -19.35 23.26
C LYS A 55 -26.12 -18.17 23.47
N PRO A 56 -26.12 -17.57 24.66
CA PRO A 56 -25.22 -16.44 24.90
C PRO A 56 -23.75 -16.81 24.77
N HIS A 57 -22.95 -15.89 24.24
CA HIS A 57 -21.50 -16.06 24.26
C HIS A 57 -20.96 -16.04 25.69
N ILE A 58 -21.62 -15.31 26.58
CA ILE A 58 -21.23 -15.23 27.98
C ILE A 58 -22.50 -15.43 28.81
N GLY A 59 -22.48 -16.43 29.68
CA GLY A 59 -23.61 -16.68 30.56
C GLY A 59 -23.33 -17.82 31.50
N PRO A 60 -24.25 -18.06 32.46
CA PRO A 60 -25.53 -17.35 32.49
C PRO A 60 -25.68 -16.33 33.62
N ASN A 61 -24.59 -15.94 34.28
CA ASN A 61 -24.75 -15.13 35.49
C ASN A 61 -23.56 -14.20 35.64
N TYR A 62 -23.59 -13.43 36.74
CA TYR A 62 -22.53 -12.48 37.03
C TYR A 62 -21.17 -13.15 37.07
N GLU A 63 -21.07 -14.33 37.69
CA GLU A 63 -19.78 -14.99 37.82
C GLU A 63 -19.22 -15.41 36.46
N SER A 64 -20.07 -15.69 35.48
CA SER A 64 -19.55 -16.06 34.17
C SER A 64 -18.95 -14.85 33.47
N TYR A 65 -19.57 -13.67 33.65
CA TYR A 65 -18.96 -12.42 33.22
C TYR A 65 -17.61 -12.20 33.90
N VAL A 66 -17.56 -12.28 35.24
CA VAL A 66 -16.31 -12.00 35.94
C VAL A 66 -15.21 -12.95 35.49
N LYS A 67 -15.55 -14.22 35.30
CA LYS A 67 -14.54 -15.22 34.95
C LYS A 67 -13.85 -14.86 33.64
N GLU A 68 -14.60 -14.38 32.65
CA GLU A 68 -13.97 -13.99 31.40
C GLU A 68 -13.31 -12.61 31.50
N TRP A 69 -13.94 -11.66 32.19
CA TRP A 69 -13.43 -10.30 32.27
C TRP A 69 -12.07 -10.25 32.97
N ALA A 70 -11.87 -11.11 33.99
CA ALA A 70 -10.59 -11.16 34.68
C ALA A 70 -9.43 -11.52 33.75
N LYS A 71 -9.70 -12.21 32.65
CA LYS A 71 -8.64 -12.54 31.69
C LYS A 71 -8.16 -11.33 30.90
N THR A 72 -8.91 -10.23 30.93
CA THR A 72 -8.74 -9.14 29.98
C THR A 72 -8.16 -7.90 30.61
N VAL A 73 -7.98 -7.89 31.92
CA VAL A 73 -7.40 -6.79 32.66
C VAL A 73 -6.32 -7.39 33.55
N GLY A 74 -5.46 -6.52 34.09
CA GLY A 74 -4.42 -6.99 34.98
C GLY A 74 -3.15 -7.39 34.25
N PRO A 75 -2.15 -7.82 35.02
CA PRO A 75 -0.80 -8.00 34.46
C PRO A 75 -0.62 -9.23 33.60
N ASN A 76 -1.64 -10.11 33.50
CA ASN A 76 -1.54 -11.32 32.68
C ASN A 76 -2.58 -11.34 31.57
N SER A 77 -3.05 -10.18 31.13
CA SER A 77 -4.13 -10.12 30.16
C SER A 77 -3.64 -10.06 28.72
N ASP A 78 -2.33 -9.99 28.48
CA ASP A 78 -1.83 -9.97 27.11
C ASP A 78 -2.30 -11.18 26.32
N GLU A 79 -2.31 -12.35 26.97
CA GLU A 79 -2.58 -13.60 26.29
C GLU A 79 -3.96 -13.60 25.64
N TRP A 80 -4.97 -13.16 26.40
CA TRP A 80 -6.33 -13.06 25.90
C TRP A 80 -6.44 -12.02 24.78
N TRP A 81 -5.82 -10.84 24.95
CA TRP A 81 -5.96 -9.83 23.92
C TRP A 81 -5.27 -10.26 22.62
N ALA A 82 -4.11 -10.94 22.72
CA ALA A 82 -3.43 -11.43 21.53
C ALA A 82 -4.28 -12.46 20.80
N ALA A 83 -4.93 -13.35 21.57
CA ALA A 83 -5.79 -14.36 20.98
C ALA A 83 -7.02 -13.73 20.37
N LYS A 84 -7.68 -12.82 21.08
CA LYS A 84 -8.84 -12.16 20.49
C LYS A 84 -8.46 -11.36 19.25
N ALA A 85 -7.29 -10.71 19.27
CA ALA A 85 -6.89 -9.92 18.10
C ALA A 85 -6.67 -10.81 16.89
N ARG A 86 -6.07 -11.99 17.09
CA ARG A 86 -5.80 -12.86 15.95
C ARG A 86 -7.05 -13.60 15.49
N GLU A 87 -8.01 -13.83 16.40
CA GLU A 87 -9.20 -14.59 16.05
C GLU A 87 -10.26 -13.72 15.41
N THR A 88 -10.28 -12.44 15.78
CA THR A 88 -11.34 -11.54 15.41
C THR A 88 -11.07 -10.85 14.08
N LEU A 89 -9.80 -10.56 13.76
CA LEU A 89 -9.42 -9.79 12.58
C LEU A 89 -8.49 -10.60 11.68
N ASP A 90 -8.63 -10.38 10.37
CA ASP A 90 -7.67 -10.87 9.39
C ASP A 90 -6.51 -9.89 9.25
N TRP A 91 -5.29 -10.40 9.40
CA TRP A 91 -4.07 -9.60 9.37
C TRP A 91 -3.27 -9.93 8.12
N TYR A 92 -2.65 -8.90 7.53
CA TYR A 92 -1.63 -9.13 6.51
C TYR A 92 -0.32 -9.52 7.16
N ASP A 93 0.17 -8.74 8.13
CA ASP A 93 1.32 -9.12 8.94
C ASP A 93 0.89 -9.26 10.39
N ASP A 94 1.35 -10.31 11.04
CA ASP A 94 1.10 -10.52 12.46
C ASP A 94 1.81 -9.45 13.29
N PHE A 95 1.30 -9.23 14.49
CA PHE A 95 1.97 -8.35 15.43
C PHE A 95 2.89 -9.17 16.33
N LYS A 96 3.82 -8.47 16.98
CA LYS A 96 4.73 -9.08 17.93
C LYS A 96 4.46 -8.61 19.34
N THR A 97 4.29 -7.29 19.52
CA THR A 97 4.00 -6.65 20.79
C THR A 97 2.48 -6.49 20.95
N VAL A 98 1.94 -6.85 22.12
CA VAL A 98 0.49 -6.70 22.32
C VAL A 98 0.13 -5.26 22.63
N ARG A 99 0.81 -4.66 23.61
CA ARG A 99 0.47 -3.29 23.99
C ARG A 99 1.73 -2.58 24.42
N ALA A 100 1.70 -1.24 24.37
CA ALA A 100 2.77 -0.42 24.95
C ALA A 100 2.24 0.99 25.12
N GLY A 101 3.05 1.83 25.79
CA GLY A 101 2.69 3.22 25.97
C GLY A 101 1.70 3.44 27.11
N GLY A 102 1.23 4.68 27.22
CA GLY A 102 0.39 5.01 28.35
C GLY A 102 -0.22 6.39 28.27
N PHE A 103 -1.05 6.69 29.28
CA PHE A 103 -1.76 7.97 29.35
C PHE A 103 -0.82 9.16 29.42
N GLU A 104 0.26 9.06 30.19
CA GLU A 104 0.99 10.24 30.63
C GLU A 104 1.49 11.08 29.47
N HIS A 105 2.07 10.43 28.45
CA HIS A 105 2.51 11.13 27.26
C HIS A 105 1.60 10.88 26.06
N GLY A 106 0.59 10.05 26.19
CA GLY A 106 -0.27 9.78 25.06
C GLY A 106 0.47 9.10 23.92
N ASP A 107 1.09 7.95 24.22
CA ASP A 107 1.79 7.14 23.22
C ASP A 107 1.24 5.73 23.20
N VAL A 108 -0.09 5.59 23.37
CA VAL A 108 -0.72 4.28 23.44
C VAL A 108 -0.51 3.53 22.13
N GLN A 109 -0.04 2.28 22.24
CA GLN A 109 0.17 1.38 21.12
C GLN A 109 -0.47 0.04 21.45
N TRP A 110 -1.14 -0.54 20.45
CA TRP A 110 -1.66 -1.89 20.50
C TRP A 110 -1.29 -2.58 19.20
N PHE A 111 -0.74 -3.80 19.30
CA PHE A 111 -0.39 -4.65 18.16
C PHE A 111 0.49 -3.92 17.15
N PRO A 112 1.52 -3.16 17.58
CA PRO A 112 2.06 -2.14 16.67
C PRO A 112 2.69 -2.69 15.41
N GLU A 113 3.28 -3.90 15.44
CA GLU A 113 3.95 -4.39 14.23
C GLU A 113 2.98 -5.01 13.24
N GLY A 114 1.73 -5.25 13.62
CA GLY A 114 0.81 -5.88 12.72
C GLY A 114 0.36 -4.94 11.61
N THR A 115 -0.05 -5.54 10.50
CA THR A 115 -0.69 -4.76 9.46
C THR A 115 -2.00 -5.43 9.07
N LEU A 116 -2.92 -4.62 8.55
CA LEU A 116 -4.28 -5.05 8.26
C LEU A 116 -4.98 -3.93 7.50
N ASN A 117 -6.23 -4.16 7.15
CA ASN A 117 -7.01 -3.13 6.48
C ASN A 117 -8.44 -3.28 6.95
N ALA A 118 -9.05 -2.15 7.33
CA ALA A 118 -10.38 -2.19 7.92
C ALA A 118 -11.44 -2.56 6.89
N ALA A 119 -11.27 -2.10 5.64
CA ALA A 119 -12.21 -2.45 4.58
C ALA A 119 -12.15 -3.94 4.27
N TYR A 120 -10.95 -4.52 4.18
CA TYR A 120 -10.82 -5.96 4.03
C TYR A 120 -11.59 -6.69 5.11
N ASN A 121 -11.47 -6.21 6.35
CA ASN A 121 -12.09 -6.90 7.46
C ASN A 121 -13.60 -6.65 7.54
N CYS A 122 -14.10 -5.56 6.97
CA CYS A 122 -15.54 -5.31 7.01
C CYS A 122 -16.27 -5.76 5.76
N LEU A 123 -15.54 -6.16 4.71
CA LEU A 123 -16.14 -6.46 3.42
C LEU A 123 -15.55 -7.71 2.78
N ASP A 124 -14.33 -7.57 2.26
CA ASP A 124 -13.69 -8.58 1.41
C ASP A 124 -13.82 -9.99 2.00
N ARG A 125 -13.43 -10.15 3.27
CA ARG A 125 -13.42 -11.49 3.86
C ARG A 125 -14.83 -12.05 3.97
N HIS A 126 -15.84 -11.21 4.20
CA HIS A 126 -17.22 -11.71 4.22
C HIS A 126 -17.75 -11.91 2.80
N TYR A 127 -17.38 -11.01 1.89
CA TYR A 127 -17.73 -11.20 0.49
C TYR A 127 -17.17 -12.52 -0.03
N TYR A 128 -15.96 -12.89 0.39
CA TYR A 128 -15.36 -14.11 -0.15
C TYR A 128 -16.10 -15.36 0.34
N LYS A 129 -16.73 -15.27 1.51
CA LYS A 129 -17.37 -16.42 2.13
C LYS A 129 -18.85 -16.52 1.76
N ASN A 130 -19.58 -15.40 1.74
CA ASN A 130 -21.02 -15.42 1.45
C ASN A 130 -21.41 -14.10 0.80
N PRO A 131 -21.19 -13.98 -0.51
CA PRO A 131 -21.34 -12.67 -1.15
C PRO A 131 -22.77 -12.17 -1.18
N LYS A 132 -23.77 -13.05 -1.23
CA LYS A 132 -25.14 -12.59 -1.32
C LYS A 132 -25.75 -12.26 0.04
N LYS A 133 -25.06 -12.56 1.14
CA LYS A 133 -25.55 -12.13 2.44
C LYS A 133 -25.74 -10.62 2.43
N THR A 134 -26.78 -10.17 3.12
CA THR A 134 -27.11 -8.76 3.23
C THR A 134 -26.17 -8.09 4.22
N ALA A 135 -25.42 -7.07 3.76
CA ALA A 135 -24.59 -6.26 4.64
C ALA A 135 -25.38 -5.12 5.27
N ILE A 136 -26.19 -4.41 4.50
CA ILE A 136 -26.90 -3.25 4.99
C ILE A 136 -28.37 -3.45 4.68
N ILE A 137 -29.20 -3.26 5.70
CA ILE A 137 -30.62 -3.03 5.50
C ILE A 137 -30.76 -1.51 5.40
N TYR A 138 -31.02 -1.03 4.19
CA TYR A 138 -31.20 0.39 3.94
C TYR A 138 -32.68 0.70 4.11
N GLU A 139 -33.01 1.40 5.18
CA GLU A 139 -34.39 1.80 5.48
C GLU A 139 -34.50 3.27 5.12
N ALA A 140 -35.02 3.53 3.92
CA ALA A 140 -35.10 4.88 3.38
C ALA A 140 -36.07 5.74 4.19
N ASP A 141 -35.96 7.06 3.99
CA ASP A 141 -36.89 7.99 4.61
C ASP A 141 -38.32 7.57 4.32
N GLU A 142 -38.58 7.13 3.09
CA GLU A 142 -39.85 6.54 2.72
C GLU A 142 -39.77 5.02 2.84
N PRO A 143 -40.66 4.39 3.63
CA PRO A 143 -40.54 2.94 3.87
C PRO A 143 -40.57 2.08 2.61
N SER A 144 -41.24 2.53 1.55
CA SER A 144 -41.33 1.72 0.35
C SER A 144 -40.01 1.71 -0.43
N GLU A 145 -39.19 2.75 -0.29
CA GLU A 145 -37.94 2.86 -1.03
C GLU A 145 -36.79 2.07 -0.39
N SER A 146 -37.07 1.30 0.65
CA SER A 146 -36.04 0.56 1.37
C SER A 146 -35.59 -0.67 0.58
N ARG A 147 -34.38 -1.16 0.89
CA ARG A 147 -33.90 -2.37 0.24
C ARG A 147 -32.68 -2.92 0.98
N GLU A 148 -32.30 -4.14 0.59
CA GLU A 148 -31.19 -4.86 1.17
C GLU A 148 -29.98 -4.71 0.26
N VAL A 149 -28.83 -4.43 0.84
CA VAL A 149 -27.58 -4.30 0.09
C VAL A 149 -26.69 -5.46 0.47
N SER A 150 -26.33 -6.28 -0.52
CA SER A 150 -25.49 -7.44 -0.24
C SER A 150 -24.05 -7.01 0.09
N TYR A 151 -23.29 -7.93 0.69
CA TYR A 151 -21.87 -7.68 0.85
C TYR A 151 -21.20 -7.49 -0.50
N GLU A 152 -21.65 -8.22 -1.54
CA GLU A 152 -21.09 -8.03 -2.87
C GLU A 152 -21.32 -6.60 -3.37
N GLU A 153 -22.58 -6.13 -3.30
CA GLU A 153 -22.90 -4.78 -3.80
C GLU A 153 -22.13 -3.71 -3.03
N LEU A 154 -22.08 -3.84 -1.70
CA LEU A 154 -21.38 -2.86 -0.88
C LEU A 154 -19.88 -2.86 -1.17
N MET A 155 -19.28 -4.04 -1.32
CA MET A 155 -17.86 -4.10 -1.63
C MET A 155 -17.55 -3.47 -2.98
N GLN A 156 -18.40 -3.73 -3.98
CA GLN A 156 -18.15 -3.19 -5.31
C GLN A 156 -18.26 -1.67 -5.31
N GLU A 157 -19.24 -1.12 -4.60
CA GLU A 157 -19.40 0.34 -4.54
C GLU A 157 -18.26 0.98 -3.76
N THR A 158 -17.82 0.30 -2.70
CA THR A 158 -16.65 0.78 -1.98
C THR A 158 -15.44 0.79 -2.89
N CYS A 159 -15.24 -0.29 -3.66
CA CYS A 159 -14.06 -0.34 -4.52
C CYS A 159 -14.11 0.73 -5.61
N ARG A 160 -15.31 1.01 -6.15
CA ARG A 160 -15.46 2.04 -7.18
C ARG A 160 -15.11 3.41 -6.64
N VAL A 161 -15.66 3.75 -5.46
CA VAL A 161 -15.34 5.04 -4.85
C VAL A 161 -13.86 5.11 -4.50
N ALA A 162 -13.30 4.01 -3.97
CA ALA A 162 -11.88 4.03 -3.67
C ALA A 162 -11.07 4.30 -4.93
N ASN A 163 -11.47 3.70 -6.05
CA ASN A 163 -10.76 3.98 -7.29
C ASN A 163 -10.95 5.43 -7.71
N VAL A 164 -12.14 6.01 -7.46
CA VAL A 164 -12.35 7.43 -7.77
C VAL A 164 -11.39 8.28 -6.94
N LEU A 165 -11.32 8.01 -5.63
CA LEU A 165 -10.42 8.77 -4.75
C LEU A 165 -8.96 8.64 -5.19
N LYS A 166 -8.52 7.43 -5.55
CA LYS A 166 -7.16 7.29 -6.06
C LYS A 166 -6.95 8.11 -7.33
N SER A 167 -7.98 8.26 -8.17
CA SER A 167 -7.85 9.09 -9.37
C SER A 167 -7.75 10.57 -9.04
N TYR A 168 -8.23 11.00 -7.87
CA TYR A 168 -7.98 12.39 -7.45
C TYR A 168 -6.62 12.57 -6.78
N GLY A 169 -5.80 11.54 -6.68
CA GLY A 169 -4.50 11.67 -6.06
C GLY A 169 -4.48 11.48 -4.55
N VAL A 170 -5.59 11.06 -3.95
CA VAL A 170 -5.64 10.77 -2.52
C VAL A 170 -4.67 9.64 -2.22
N LYS A 171 -3.76 9.88 -1.29
CA LYS A 171 -2.78 8.89 -0.90
C LYS A 171 -3.01 8.46 0.54
N LYS A 172 -2.39 7.34 0.90
CA LYS A 172 -2.37 6.88 2.28
C LYS A 172 -2.03 8.04 3.20
N GLY A 173 -2.83 8.24 4.24
CA GLY A 173 -2.54 9.29 5.18
C GLY A 173 -3.21 10.63 4.91
N ASP A 174 -3.74 10.84 3.71
CA ASP A 174 -4.52 12.05 3.43
C ASP A 174 -5.88 12.00 4.11
N ALA A 175 -6.42 13.16 4.44
CA ALA A 175 -7.75 13.28 5.02
C ALA A 175 -8.79 13.56 3.94
N VAL A 176 -9.98 13.01 4.12
CA VAL A 176 -11.11 13.15 3.20
C VAL A 176 -12.35 13.44 4.04
N SER A 177 -12.97 14.60 3.83
CA SER A 177 -14.19 14.95 4.55
C SER A 177 -15.40 14.30 3.91
N ILE A 178 -16.35 13.90 4.76
CA ILE A 178 -17.57 13.22 4.33
C ILE A 178 -18.72 13.95 4.97
N TYR A 179 -19.62 14.47 4.13
CA TYR A 179 -20.79 15.22 4.56
C TYR A 179 -22.00 14.53 3.92
N LEU A 180 -22.31 13.33 4.44
CA LEU A 180 -23.31 12.44 3.87
C LEU A 180 -24.42 12.17 4.87
N PRO A 181 -25.72 12.20 4.44
CA PRO A 181 -26.79 11.77 5.34
C PRO A 181 -26.88 10.25 5.38
N MET A 182 -27.93 9.73 6.03
CA MET A 182 -27.97 8.30 6.35
C MET A 182 -28.53 7.50 5.17
N THR A 183 -27.76 7.51 4.08
CA THR A 183 -28.04 6.56 3.01
C THR A 183 -26.97 5.48 3.07
N TRP A 184 -27.26 4.32 2.48
CA TRP A 184 -26.32 3.19 2.61
C TRP A 184 -24.94 3.52 2.04
N GLN A 185 -24.86 4.43 1.08
CA GLN A 185 -23.57 4.78 0.48
C GLN A 185 -22.61 5.44 1.45
N ALA A 186 -23.11 5.95 2.59
CA ALA A 186 -22.22 6.51 3.60
C ALA A 186 -21.22 5.47 4.08
N ALA A 187 -21.67 4.22 4.25
CA ALA A 187 -20.76 3.15 4.62
C ALA A 187 -19.71 2.91 3.54
N ALA A 188 -20.11 2.98 2.26
CA ALA A 188 -19.13 2.79 1.19
C ALA A 188 -18.08 3.88 1.20
N ALA A 189 -18.48 5.12 1.51
CA ALA A 189 -17.53 6.25 1.51
C ALA A 189 -16.52 6.14 2.65
N PHE A 190 -17.00 5.83 3.87
CA PHE A 190 -16.09 5.51 4.98
C PHE A 190 -15.12 4.41 4.56
N LEU A 191 -15.67 3.29 4.06
CA LEU A 191 -14.80 2.15 3.83
C LEU A 191 -13.91 2.35 2.61
N ALA A 192 -14.33 3.16 1.63
CA ALA A 192 -13.43 3.49 0.52
C ALA A 192 -12.20 4.22 1.03
N CYS A 193 -12.40 5.12 2.00
CA CYS A 193 -11.28 5.82 2.61
C CYS A 193 -10.39 4.86 3.40
N ALA A 194 -11.00 4.01 4.22
CA ALA A 194 -10.24 3.00 4.93
C ALA A 194 -9.53 2.06 3.96
N ARG A 195 -10.15 1.78 2.81
CA ARG A 195 -9.55 0.83 1.90
C ARG A 195 -8.20 1.31 1.40
N ILE A 196 -8.07 2.61 1.12
CA ILE A 196 -6.83 3.16 0.56
C ILE A 196 -5.97 3.82 1.64
N GLY A 197 -6.38 3.73 2.91
CA GLY A 197 -5.59 4.33 3.96
C GLY A 197 -5.81 5.82 4.13
N ALA A 198 -6.79 6.39 3.46
CA ALA A 198 -7.14 7.75 3.76
C ALA A 198 -7.81 7.80 5.12
N ILE A 199 -7.80 8.99 5.71
CA ILE A 199 -8.33 9.24 7.05
C ILE A 199 -9.66 9.93 6.83
N HIS A 200 -10.78 9.24 7.00
CA HIS A 200 -12.03 9.94 6.76
C HIS A 200 -12.37 10.83 7.94
N SER A 201 -13.03 11.94 7.64
CA SER A 201 -13.52 12.88 8.65
C SER A 201 -14.99 13.16 8.37
N ALA A 202 -15.88 12.42 9.04
CA ALA A 202 -17.31 12.53 8.80
C ALA A 202 -17.91 13.70 9.57
N VAL A 203 -18.80 14.44 8.91
CA VAL A 203 -19.48 15.60 9.48
C VAL A 203 -20.98 15.39 9.35
N PHE A 204 -21.69 15.46 10.49
CA PHE A 204 -23.13 15.23 10.52
C PHE A 204 -23.84 16.09 9.48
N ALA A 205 -24.66 15.43 8.65
CA ALA A 205 -25.21 16.10 7.46
C ALA A 205 -26.14 17.27 7.79
N GLY A 206 -26.54 17.45 9.04
CA GLY A 206 -27.32 18.62 9.37
C GLY A 206 -26.55 19.85 9.83
N PHE A 207 -25.23 19.74 10.00
CA PHE A 207 -24.43 20.84 10.51
C PHE A 207 -24.45 22.04 9.55
N SER A 208 -24.35 23.24 10.12
CA SER A 208 -24.34 24.45 9.33
C SER A 208 -23.10 24.52 8.44
N ALA A 209 -23.13 25.47 7.50
CA ALA A 209 -21.97 25.69 6.65
C ALA A 209 -20.76 26.14 7.47
N GLU A 210 -20.98 27.01 8.43
CA GLU A 210 -19.89 27.45 9.30
C GLU A 210 -19.26 26.28 10.05
N SER A 211 -20.10 25.32 10.48
CA SER A 211 -19.56 24.17 11.20
C SER A 211 -18.79 23.24 10.26
N LEU A 212 -19.35 23.00 9.07
CA LEU A 212 -18.64 22.21 8.07
C LEU A 212 -17.30 22.85 7.72
N ARG A 213 -17.30 24.16 7.43
CA ARG A 213 -16.08 24.87 7.09
C ARG A 213 -14.97 24.63 8.12
N ASP A 214 -15.29 24.78 9.41
CA ASP A 214 -14.27 24.62 10.44
C ASP A 214 -13.69 23.22 10.46
N ARG A 215 -14.55 22.20 10.29
CA ARG A 215 -14.06 20.84 10.26
C ARG A 215 -13.25 20.56 8.99
N VAL A 216 -13.68 21.10 7.85
CA VAL A 216 -12.96 20.85 6.61
C VAL A 216 -11.58 21.48 6.64
N ASN A 217 -11.48 22.70 7.17
CA ASN A 217 -10.21 23.41 7.24
C ASN A 217 -9.28 22.78 8.26
N ASP A 218 -9.82 22.34 9.39
CA ASP A 218 -8.96 21.79 10.43
C ASP A 218 -8.23 20.55 9.94
N CYS A 219 -8.94 19.63 9.28
CA CYS A 219 -8.30 18.40 8.82
C CYS A 219 -7.51 18.60 7.53
N GLU A 220 -7.63 19.75 6.87
CA GLU A 220 -6.83 20.07 5.68
C GLU A 220 -7.08 19.10 4.52
N CYS A 221 -8.27 18.53 4.44
CA CYS A 221 -8.58 17.62 3.34
C CYS A 221 -8.58 18.37 2.00
N LYS A 222 -8.25 17.65 0.93
CA LYS A 222 -8.42 18.18 -0.41
C LYS A 222 -9.66 17.65 -1.11
N VAL A 223 -10.27 16.58 -0.59
CA VAL A 223 -11.46 15.95 -1.20
C VAL A 223 -12.59 15.93 -0.17
N LEU A 224 -13.80 16.17 -0.65
CA LEU A 224 -15.03 16.12 0.14
C LEU A 224 -16.08 15.30 -0.59
N ILE A 225 -16.74 14.40 0.14
CA ILE A 225 -17.75 13.50 -0.39
C ILE A 225 -19.08 13.92 0.21
N THR A 226 -20.08 14.14 -0.65
CA THR A 226 -21.38 14.61 -0.15
C THR A 226 -22.49 14.18 -1.11
N THR A 227 -23.71 14.65 -0.83
CA THR A 227 -24.94 14.41 -1.58
C THR A 227 -25.45 15.70 -2.19
N ASP A 228 -26.31 15.56 -3.21
CA ASP A 228 -27.04 16.72 -3.69
C ASP A 228 -27.99 17.21 -2.61
N GLU A 229 -28.81 16.31 -2.07
CA GLU A 229 -29.73 16.63 -0.98
C GLU A 229 -29.89 15.40 -0.11
N GLY A 230 -30.21 15.63 1.15
CA GLY A 230 -30.64 14.57 2.06
C GLY A 230 -32.13 14.64 2.31
N ARG A 231 -32.72 13.48 2.61
CA ARG A 231 -34.12 13.33 2.97
C ARG A 231 -34.21 12.80 4.39
N ARG A 232 -34.86 13.55 5.29
CA ARG A 232 -35.04 13.09 6.66
C ARG A 232 -36.39 13.55 7.19
N GLY A 233 -37.30 12.59 7.43
CA GLY A 233 -38.63 12.92 7.87
C GLY A 233 -39.36 13.82 6.88
N GLY A 234 -39.37 13.41 5.61
CA GLY A 234 -40.02 14.15 4.54
C GLY A 234 -39.53 15.57 4.31
N LYS A 235 -38.41 15.96 4.91
CA LYS A 235 -37.83 17.27 4.71
C LYS A 235 -36.52 17.17 3.93
N THR A 236 -36.19 18.22 3.20
CA THR A 236 -35.02 18.24 2.34
C THR A 236 -33.85 18.91 3.03
N ILE A 237 -32.68 18.29 2.93
CA ILE A 237 -31.43 18.81 3.50
C ILE A 237 -30.57 19.28 2.34
N ALA A 238 -30.42 20.59 2.20
CA ALA A 238 -29.69 21.16 1.07
C ALA A 238 -28.18 21.00 1.28
N THR A 239 -27.75 19.73 1.31
CA THR A 239 -26.36 19.44 1.61
C THR A 239 -25.43 20.13 0.61
N LYS A 240 -25.78 20.11 -0.68
CA LYS A 240 -24.89 20.72 -1.66
C LYS A 240 -24.89 22.25 -1.56
N GLN A 241 -26.05 22.86 -1.28
CA GLN A 241 -26.06 24.31 -1.03
C GLN A 241 -25.23 24.66 0.20
N ILE A 242 -25.42 23.91 1.28
CA ILE A 242 -24.61 24.13 2.48
C ILE A 242 -23.13 23.95 2.17
N VAL A 243 -22.79 22.95 1.34
CA VAL A 243 -21.39 22.73 0.98
C VAL A 243 -20.84 23.92 0.23
N ASP A 244 -21.57 24.40 -0.78
CA ASP A 244 -21.07 25.52 -1.58
C ASP A 244 -20.81 26.75 -0.73
N ALA A 245 -21.68 27.02 0.25
CA ALA A 245 -21.40 28.08 1.21
C ALA A 245 -20.10 27.82 1.96
N ALA A 246 -19.96 26.61 2.52
CA ALA A 246 -18.76 26.28 3.29
C ALA A 246 -17.50 26.45 2.47
N LEU A 247 -17.52 26.02 1.20
CA LEU A 247 -16.30 25.92 0.41
C LEU A 247 -15.79 27.27 -0.09
N GLN A 248 -16.61 28.32 -0.04
CA GLN A 248 -16.10 29.64 -0.33
C GLN A 248 -14.98 30.05 0.65
N GLN A 249 -14.91 29.41 1.83
CA GLN A 249 -13.90 29.70 2.83
C GLN A 249 -13.03 28.49 3.15
N CYS A 250 -12.88 27.58 2.19
CA CYS A 250 -12.11 26.35 2.34
C CYS A 250 -11.16 26.26 1.15
N PRO A 251 -9.97 26.85 1.26
CA PRO A 251 -9.14 26.98 0.05
C PRO A 251 -8.52 25.67 -0.43
N LEU A 252 -8.32 24.67 0.42
CA LEU A 252 -7.58 23.48 0.00
C LEU A 252 -8.42 22.47 -0.76
N VAL A 253 -9.75 22.55 -0.70
CA VAL A 253 -10.62 21.51 -1.27
C VAL A 253 -10.66 21.66 -2.78
N GLU A 254 -10.18 20.64 -3.49
CA GLU A 254 -10.13 20.67 -4.94
C GLU A 254 -11.19 19.81 -5.60
N ASN A 255 -11.60 18.69 -5.00
CA ASN A 255 -12.55 17.79 -5.62
C ASN A 255 -13.70 17.54 -4.66
N VAL A 256 -14.91 17.58 -5.19
CA VAL A 256 -16.11 17.23 -4.43
C VAL A 256 -16.82 16.14 -5.21
N LEU A 257 -17.10 15.03 -4.52
CA LEU A 257 -17.82 13.91 -5.11
C LEU A 257 -19.25 13.97 -4.59
N VAL A 258 -20.20 14.11 -5.51
CA VAL A 258 -21.58 14.41 -5.17
C VAL A 258 -22.43 13.19 -5.47
N LEU A 259 -22.95 12.55 -4.42
CA LEU A 259 -23.92 11.48 -4.58
C LEU A 259 -25.25 12.04 -5.05
N ARG A 260 -25.87 11.37 -6.02
CA ARG A 260 -27.15 11.80 -6.56
C ARG A 260 -28.28 11.14 -5.77
N ARG A 261 -28.50 11.66 -4.55
CA ARG A 261 -29.50 11.06 -3.66
C ARG A 261 -30.93 11.39 -4.10
N THR A 262 -31.20 12.63 -4.48
CA THR A 262 -32.54 12.98 -4.96
C THR A 262 -32.58 13.28 -6.45
N GLY A 263 -31.51 13.83 -7.02
CA GLY A 263 -31.53 14.20 -8.42
C GLY A 263 -32.22 15.51 -8.73
N ASN A 264 -32.66 16.26 -7.71
CA ASN A 264 -33.19 17.60 -7.89
C ASN A 264 -32.05 18.57 -8.21
N LYS A 265 -32.41 19.68 -8.83
CA LYS A 265 -31.39 20.59 -9.33
C LYS A 265 -30.61 21.20 -8.18
N VAL A 266 -29.30 20.94 -8.15
CA VAL A 266 -28.39 21.62 -7.23
C VAL A 266 -27.28 22.25 -8.07
N PRO A 267 -26.67 23.32 -7.60
CA PRO A 267 -25.52 23.88 -8.32
C PRO A 267 -24.34 22.93 -8.28
N MET A 268 -23.63 22.86 -9.40
CA MET A 268 -22.40 22.08 -9.51
C MET A 268 -21.34 22.96 -10.13
N THR A 269 -20.22 23.11 -9.45
CA THR A 269 -19.11 23.92 -9.93
C THR A 269 -18.30 23.11 -10.94
N GLU A 270 -18.14 23.65 -12.15
CA GLU A 270 -17.36 22.99 -13.18
C GLU A 270 -15.95 22.70 -12.67
N GLY A 271 -15.45 21.49 -12.95
CA GLY A 271 -14.12 21.09 -12.58
C GLY A 271 -14.02 20.54 -11.16
N ARG A 272 -14.47 21.34 -10.18
CA ARG A 272 -14.37 20.93 -8.78
C ARG A 272 -15.32 19.78 -8.48
N ASP A 273 -16.52 19.83 -9.02
CA ASP A 273 -17.60 18.96 -8.62
C ASP A 273 -17.88 17.93 -9.70
N LYS A 274 -18.04 16.69 -9.27
CA LYS A 274 -18.37 15.58 -10.15
C LYS A 274 -19.47 14.76 -9.49
N TRP A 275 -20.22 14.03 -10.33
CA TRP A 275 -21.30 13.17 -9.86
C TRP A 275 -20.78 11.78 -9.52
N TRP A 276 -21.08 11.33 -8.31
CA TRP A 276 -20.71 9.99 -7.83
C TRP A 276 -20.93 8.92 -8.90
N ASP A 277 -22.14 8.85 -9.46
CA ASP A 277 -22.45 7.75 -10.37
C ASP A 277 -21.62 7.81 -11.66
N GLU A 278 -21.38 9.02 -12.19
CA GLU A 278 -20.59 9.14 -13.41
C GLU A 278 -19.13 8.82 -13.16
N GLU A 279 -18.58 9.29 -12.05
CA GLU A 279 -17.21 8.93 -11.69
C GLU A 279 -17.09 7.43 -11.48
N CYS A 280 -17.98 6.86 -10.67
CA CYS A 280 -17.86 5.44 -10.36
C CYS A 280 -18.02 4.57 -11.60
N ALA A 281 -18.88 4.97 -12.55
CA ALA A 281 -19.11 4.13 -13.73
C ALA A 281 -17.83 3.96 -14.56
N LYS A 282 -16.85 4.86 -14.43
CA LYS A 282 -15.60 4.76 -15.16
C LYS A 282 -14.59 3.82 -14.52
N MET A 283 -14.83 3.40 -13.27
CA MET A 283 -13.85 2.71 -12.43
C MET A 283 -14.10 1.22 -12.34
N PRO A 284 -13.04 0.43 -12.19
CA PRO A 284 -13.21 -1.01 -11.91
C PRO A 284 -13.96 -1.22 -10.59
N ALA A 285 -14.62 -2.37 -10.47
CA ALA A 285 -15.40 -2.65 -9.26
C ALA A 285 -14.61 -3.48 -8.26
N TYR A 286 -13.30 -3.63 -8.46
CA TYR A 286 -12.40 -4.06 -7.41
C TYR A 286 -11.26 -3.05 -7.33
N CYS A 287 -10.72 -2.90 -6.13
CA CYS A 287 -9.58 -2.04 -5.80
C CYS A 287 -8.80 -2.77 -4.73
N PRO A 288 -7.47 -2.80 -4.80
CA PRO A 288 -6.67 -3.40 -3.72
C PRO A 288 -6.84 -2.63 -2.41
N CYS A 289 -6.53 -3.32 -1.32
CA CYS A 289 -6.50 -2.77 0.03
C CYS A 289 -5.09 -2.33 0.39
N GLU A 290 -4.95 -1.10 0.85
CA GLU A 290 -3.69 -0.63 1.40
C GLU A 290 -3.37 -1.36 2.70
N ARG A 291 -2.12 -1.75 2.86
CA ARG A 291 -1.70 -2.47 4.05
C ARG A 291 -1.34 -1.46 5.13
N MET A 292 -2.18 -1.35 6.15
CA MET A 292 -2.05 -0.33 7.18
C MET A 292 -1.39 -0.92 8.41
N ALA A 293 -0.50 -0.16 9.04
CA ALA A 293 -0.04 -0.51 10.37
C ALA A 293 -1.15 -0.34 11.40
N SER A 294 -1.11 -1.17 12.45
CA SER A 294 -2.10 -1.09 13.54
C SER A 294 -2.38 0.35 13.98
N GLU A 295 -1.36 1.17 14.08
CA GLU A 295 -1.50 2.50 14.63
C GLU A 295 -1.63 3.59 13.58
N ASP A 296 -1.81 3.23 12.30
CA ASP A 296 -2.14 4.28 11.35
C ASP A 296 -3.52 4.87 11.71
N PRO A 297 -3.72 6.17 11.55
CA PRO A 297 -5.04 6.72 11.85
C PRO A 297 -6.09 6.22 10.87
N LEU A 298 -7.25 5.86 11.42
CA LEU A 298 -8.38 5.40 10.63
C LEU A 298 -9.32 6.56 10.32
N PHE A 299 -9.60 7.40 11.32
CA PHE A 299 -10.50 8.51 11.08
C PHE A 299 -10.30 9.59 12.14
N ILE A 300 -10.75 10.78 11.79
CA ILE A 300 -10.91 11.89 12.70
C ILE A 300 -12.42 12.07 12.89
N LEU A 301 -12.85 12.27 14.13
CA LEU A 301 -14.25 12.63 14.39
C LEU A 301 -14.29 13.84 15.30
N TYR A 302 -14.76 14.96 14.76
CA TYR A 302 -14.88 16.19 15.52
C TYR A 302 -16.10 16.15 16.43
N THR A 303 -15.90 16.51 17.69
CA THR A 303 -16.99 16.64 18.66
C THR A 303 -17.35 18.10 18.83
N SER A 304 -18.51 18.33 19.45
CA SER A 304 -18.98 19.69 19.73
C SER A 304 -18.75 20.05 21.20
N THR A 307 -16.67 21.80 25.16
CA THR A 307 -16.90 23.10 25.79
C THR A 307 -16.17 24.24 25.09
N GLY A 308 -15.33 23.91 24.10
CA GLY A 308 -14.56 24.89 23.35
C GLY A 308 -14.64 24.74 21.84
N LYS A 309 -13.49 24.64 21.17
CA LYS A 309 -13.42 24.52 19.72
C LYS A 309 -13.68 23.07 19.28
N PRO A 310 -13.99 22.85 18.00
CA PRO A 310 -14.21 21.47 17.55
C PRO A 310 -12.98 20.61 17.76
N LYS A 311 -13.14 19.59 18.56
CA LYS A 311 -12.07 18.71 18.95
C LYS A 311 -12.00 17.51 18.01
N GLY A 312 -10.89 17.38 17.28
CA GLY A 312 -10.78 16.26 16.36
C GLY A 312 -10.24 14.98 16.97
N VAL A 313 -11.14 14.11 17.46
CA VAL A 313 -10.73 12.86 18.09
C VAL A 313 -10.24 11.88 17.04
N VAL A 314 -9.03 11.35 17.21
CA VAL A 314 -8.38 10.46 16.24
C VAL A 314 -8.35 9.03 16.78
N HIS A 315 -8.84 8.08 16.00
CA HIS A 315 -8.72 6.68 16.32
C HIS A 315 -7.79 6.01 15.32
N SER A 316 -7.00 5.06 15.81
CA SER A 316 -6.13 4.30 14.92
C SER A 316 -6.92 3.07 14.41
N THR A 317 -6.23 2.07 13.87
CA THR A 317 -6.92 1.08 13.04
C THR A 317 -7.22 -0.20 13.82
N ALA A 318 -6.19 -0.91 14.29
CA ALA A 318 -6.40 -2.28 14.78
C ALA A 318 -7.16 -2.28 16.12
N GLY A 319 -6.68 -1.51 17.11
CA GLY A 319 -7.32 -1.51 18.42
C GLY A 319 -8.76 -1.04 18.36
N TYR A 320 -9.02 0.04 17.62
CA TYR A 320 -10.38 0.54 17.46
C TYR A 320 -11.28 -0.50 16.81
N LEU A 321 -10.81 -1.13 15.74
CA LEU A 321 -11.60 -2.13 15.05
C LEU A 321 -11.84 -3.34 15.94
N LEU A 322 -10.79 -3.79 16.63
CA LEU A 322 -10.96 -4.90 17.56
C LEU A 322 -12.00 -4.54 18.61
N GLY A 323 -11.93 -3.32 19.16
CA GLY A 323 -12.86 -2.93 20.22
C GLY A 323 -14.31 -2.89 19.77
N THR A 324 -14.58 -2.28 18.60
CA THR A 324 -15.94 -2.27 18.10
C THR A 324 -16.43 -3.67 17.75
N ALA A 325 -15.55 -4.50 17.17
CA ALA A 325 -15.92 -5.88 16.87
C ALA A 325 -16.29 -6.67 18.14
N LEU A 326 -15.46 -6.56 19.18
CA LEU A 326 -15.68 -7.34 20.40
C LEU A 326 -16.92 -6.86 21.14
N THR A 327 -17.10 -5.54 21.28
CA THR A 327 -18.26 -5.01 21.98
C THR A 327 -19.54 -5.34 21.24
N LEU A 328 -19.55 -5.19 19.92
CA LEU A 328 -20.73 -5.59 19.15
C LEU A 328 -21.09 -7.04 19.45
N LYS A 329 -20.09 -7.94 19.38
CA LYS A 329 -20.36 -9.34 19.60
C LYS A 329 -20.89 -9.59 21.02
N TYR A 330 -20.22 -9.03 22.03
CA TYR A 330 -20.51 -9.46 23.40
C TYR A 330 -21.59 -8.63 24.08
N VAL A 331 -21.62 -7.31 23.87
CA VAL A 331 -22.65 -6.49 24.50
C VAL A 331 -24.02 -6.70 23.86
N PHE A 332 -24.07 -7.04 22.58
CA PHE A 332 -25.37 -7.31 21.95
C PHE A 332 -25.59 -8.77 21.66
N ASP A 333 -24.66 -9.63 22.06
CA ASP A 333 -24.70 -11.07 21.81
C ASP A 333 -25.07 -11.37 20.36
N ALA A 334 -24.27 -10.82 19.46
CA ALA A 334 -24.53 -10.97 18.03
C ALA A 334 -24.08 -12.34 17.55
N HIS A 335 -24.92 -13.00 16.78
CA HIS A 335 -24.61 -14.28 16.18
C HIS A 335 -24.70 -14.15 14.67
N PRO A 336 -24.12 -15.10 13.91
CA PRO A 336 -23.89 -14.88 12.46
C PRO A 336 -25.08 -14.40 11.64
N ASP A 337 -26.31 -14.72 12.02
CA ASP A 337 -27.47 -14.37 11.21
C ASP A 337 -28.29 -13.24 11.81
N ASP A 338 -27.69 -12.45 12.70
CA ASP A 338 -28.44 -11.39 13.36
C ASP A 338 -28.64 -10.21 12.42
N ARG A 339 -29.67 -9.41 12.72
CA ARG A 339 -30.01 -8.24 11.90
C ARG A 339 -30.01 -7.06 12.87
N PHE A 340 -28.84 -6.42 12.99
CA PHE A 340 -28.56 -5.46 14.05
C PHE A 340 -29.06 -4.07 13.63
N ALA A 341 -29.90 -3.46 14.46
CA ALA A 341 -30.58 -2.20 14.13
C ALA A 341 -30.16 -1.08 15.08
N CYS A 342 -29.03 -0.45 14.77
CA CYS A 342 -28.62 0.79 15.44
C CYS A 342 -29.22 1.98 14.70
N MET A 343 -30.00 2.79 15.42
CA MET A 343 -30.80 3.85 14.84
C MET A 343 -30.12 5.21 14.92
N ALA A 344 -28.81 5.23 15.14
CA ALA A 344 -28.10 6.49 15.22
C ALA A 344 -27.71 6.95 13.83
N ASP A 345 -26.76 7.87 13.76
CA ASP A 345 -26.36 8.53 12.54
C ASP A 345 -24.85 8.42 12.44
N ILE A 346 -24.36 8.06 11.24
CA ILE A 346 -22.94 7.87 11.05
C ILE A 346 -22.15 9.16 11.30
N GLY A 347 -22.82 10.30 11.40
CA GLY A 347 -22.13 11.52 11.77
C GLY A 347 -21.55 11.51 13.16
N TRP A 348 -21.97 10.59 14.03
CA TRP A 348 -21.52 10.49 15.41
C TRP A 348 -20.81 9.15 15.64
N ILE A 349 -20.10 9.07 16.78
CA ILE A 349 -19.27 7.89 17.04
C ILE A 349 -20.13 6.64 17.11
N THR A 350 -21.39 6.79 17.50
CA THR A 350 -22.28 5.64 17.61
C THR A 350 -22.47 4.97 16.27
N GLY A 351 -22.68 5.77 15.21
CA GLY A 351 -22.78 5.23 13.87
C GLY A 351 -21.45 4.71 13.35
N HIS A 352 -20.35 5.40 13.65
CA HIS A 352 -19.02 4.87 13.32
C HIS A 352 -18.88 3.45 13.88
N SER A 353 -19.18 3.27 15.18
CA SER A 353 -18.81 2.04 15.85
C SER A 353 -19.86 0.93 15.73
N TYR A 354 -21.14 1.28 15.76
CA TYR A 354 -22.22 0.28 15.84
C TYR A 354 -23.20 0.38 14.68
N ILE A 355 -22.86 1.07 13.61
CA ILE A 355 -23.53 0.91 12.33
C ILE A 355 -22.59 0.33 11.29
N ILE A 356 -21.38 0.86 11.22
CA ILE A 356 -20.48 0.47 10.16
C ILE A 356 -19.45 -0.53 10.67
N TYR A 357 -18.47 -0.08 11.47
CA TYR A 357 -17.26 -0.87 11.70
C TYR A 357 -17.54 -2.11 12.53
N GLY A 358 -18.14 -1.94 13.70
CA GLY A 358 -18.45 -3.06 14.56
C GLY A 358 -19.24 -4.17 13.90
N PRO A 359 -20.43 -3.87 13.38
CA PRO A 359 -21.24 -4.93 12.75
C PRO A 359 -20.63 -5.50 11.47
N LEU A 360 -20.07 -4.66 10.58
CA LEU A 360 -19.50 -5.22 9.36
C LEU A 360 -18.23 -6.04 9.64
N ALA A 361 -17.42 -5.64 10.61
CA ALA A 361 -16.29 -6.50 10.94
C ALA A 361 -16.76 -7.87 11.39
N ASN A 362 -17.91 -7.94 12.06
CA ASN A 362 -18.46 -9.23 12.48
C ASN A 362 -19.16 -9.98 11.36
N GLY A 363 -19.29 -9.39 10.17
CA GLY A 363 -19.91 -10.09 9.06
C GLY A 363 -21.42 -10.25 9.15
N ILE A 364 -22.11 -9.48 9.99
CA ILE A 364 -23.56 -9.63 10.10
C ILE A 364 -24.26 -8.55 9.30
N THR A 365 -25.58 -8.50 9.42
CA THR A 365 -26.41 -7.51 8.73
C THR A 365 -26.65 -6.32 9.64
N THR A 366 -26.40 -5.12 9.14
CA THR A 366 -26.54 -3.91 9.91
C THR A 366 -27.54 -2.97 9.24
N ALA A 367 -28.25 -2.18 10.04
CA ALA A 367 -29.28 -1.31 9.50
C ALA A 367 -28.74 0.11 9.34
N VAL A 368 -29.08 0.73 8.21
CA VAL A 368 -28.81 2.14 7.96
C VAL A 368 -30.17 2.81 7.81
N PHE A 369 -30.61 3.50 8.86
CA PHE A 369 -31.96 4.03 8.98
C PHE A 369 -31.96 5.52 8.67
N GLU A 370 -32.62 5.91 7.58
CA GLU A 370 -32.56 7.27 7.06
C GLU A 370 -33.61 8.21 7.67
N SER A 371 -34.67 7.69 8.27
CA SER A 371 -35.78 8.52 8.71
C SER A 371 -35.58 9.01 10.14
N THR A 372 -36.67 9.50 10.74
CA THR A 372 -36.79 9.92 12.12
C THR A 372 -37.72 8.96 12.87
N PRO A 373 -37.64 8.91 14.20
CA PRO A 373 -38.47 7.94 14.94
C PRO A 373 -39.97 8.18 14.80
N VAL A 374 -40.37 9.33 14.26
CA VAL A 374 -41.77 9.73 14.17
C VAL A 374 -42.18 9.99 12.73
N TYR A 375 -41.42 9.46 11.76
CA TYR A 375 -41.80 9.52 10.35
C TYR A 375 -41.93 8.12 9.79
N PRO A 376 -43.07 7.74 9.19
CA PRO A 376 -44.26 8.58 9.04
C PRO A 376 -45.05 8.76 10.35
N THR A 377 -45.35 7.69 11.06
CA THR A 377 -45.95 7.73 12.39
C THR A 377 -44.92 7.36 13.46
N PRO A 378 -45.20 7.67 14.74
CA PRO A 378 -44.32 7.21 15.83
C PRO A 378 -44.29 5.70 16.00
N SER A 379 -44.81 4.96 15.03
CA SER A 379 -44.64 3.52 14.98
C SER A 379 -43.52 3.09 14.03
N ARG A 380 -42.82 4.05 13.41
CA ARG A 380 -41.77 3.72 12.44
C ARG A 380 -40.81 2.66 12.98
N TYR A 381 -40.22 2.90 14.16
CA TYR A 381 -39.26 1.97 14.73
C TYR A 381 -39.83 0.55 14.76
N TRP A 382 -41.08 0.43 15.22
CA TRP A 382 -41.69 -0.88 15.38
C TRP A 382 -42.15 -1.46 14.05
N ASP A 383 -42.67 -0.60 13.16
CA ASP A 383 -42.88 -1.02 11.78
C ASP A 383 -41.57 -1.56 11.19
N PHE A 384 -40.50 -0.79 11.35
CA PHE A 384 -39.17 -1.24 10.91
C PHE A 384 -38.81 -2.60 11.51
N VAL A 385 -38.98 -2.77 12.84
CA VAL A 385 -38.55 -3.99 13.51
C VAL A 385 -39.31 -5.21 13.01
N ASP A 386 -40.63 -5.08 12.83
CA ASP A 386 -41.36 -6.26 12.37
C ASP A 386 -41.15 -6.51 10.88
N LYS A 387 -40.90 -5.46 10.09
CA LYS A 387 -40.69 -5.65 8.66
C LYS A 387 -39.41 -6.44 8.37
N TRP A 388 -38.32 -6.16 9.09
CA TRP A 388 -37.04 -6.79 8.83
C TRP A 388 -36.71 -7.93 9.79
N LYS A 389 -37.53 -8.13 10.83
CA LYS A 389 -37.24 -9.08 11.91
C LYS A 389 -35.89 -8.77 12.58
N ALA A 390 -35.71 -7.52 13.01
CA ALA A 390 -34.49 -7.13 13.71
C ALA A 390 -34.28 -7.94 14.98
N THR A 391 -33.03 -8.32 15.21
CA THR A 391 -32.66 -9.11 16.39
C THR A 391 -32.17 -8.24 17.54
N GLN A 392 -31.62 -7.06 17.27
CA GLN A 392 -31.22 -6.11 18.30
C GLN A 392 -31.62 -4.71 17.85
N LEU A 393 -32.00 -3.85 18.81
CA LEU A 393 -32.25 -2.43 18.54
C LEU A 393 -31.40 -1.58 19.47
N TYR A 394 -30.87 -0.47 18.94
CA TYR A 394 -29.89 0.38 19.63
C TYR A 394 -30.27 1.82 19.35
N THR A 395 -30.69 2.57 20.36
CA THR A 395 -31.07 3.95 20.11
C THR A 395 -30.74 4.76 21.35
N ALA A 396 -31.16 6.03 21.35
CA ALA A 396 -30.81 6.97 22.40
C ALA A 396 -31.99 7.28 23.32
N PRO A 397 -31.72 7.65 24.57
CA PRO A 397 -32.80 8.05 25.47
C PRO A 397 -33.66 9.19 24.94
N THR A 398 -33.08 10.12 24.17
CA THR A 398 -33.89 11.20 23.58
C THR A 398 -34.97 10.63 22.70
N ALA A 399 -34.65 9.63 21.88
CA ALA A 399 -35.68 9.00 21.07
C ALA A 399 -36.66 8.24 21.95
N ILE A 400 -36.16 7.59 23.00
CA ILE A 400 -37.04 6.84 23.88
C ILE A 400 -38.06 7.79 24.52
N ARG A 401 -37.59 8.93 25.04
CA ARG A 401 -38.50 9.86 25.68
C ARG A 401 -39.36 10.63 24.69
N LEU A 402 -38.97 10.66 23.41
CA LEU A 402 -39.87 11.23 22.41
C LEU A 402 -41.03 10.28 22.12
N LEU A 403 -40.73 8.99 21.95
CA LEU A 403 -41.78 8.01 21.68
C LEU A 403 -42.70 7.84 22.89
N ARG A 404 -42.14 7.91 24.10
CA ARG A 404 -42.94 7.81 25.32
C ARG A 404 -44.06 8.84 25.31
N ARG A 405 -43.72 10.11 25.07
CA ARG A 405 -44.73 11.17 25.09
C ARG A 405 -45.78 11.02 23.98
N MET A 406 -45.50 10.19 22.97
CA MET A 406 -46.42 9.97 21.85
C MET A 406 -47.46 8.91 22.12
N GLY A 407 -47.34 8.13 23.19
CA GLY A 407 -48.38 7.18 23.50
C GLY A 407 -48.10 5.79 22.95
N GLU A 408 -48.75 4.80 23.58
CA GLU A 408 -48.36 3.39 23.48
C GLU A 408 -49.09 2.61 22.38
N ASP A 409 -50.07 3.22 21.68
CA ASP A 409 -50.74 2.49 20.61
C ASP A 409 -49.81 2.24 19.43
N HIS A 410 -48.76 3.05 19.30
CA HIS A 410 -47.82 2.91 18.19
C HIS A 410 -46.94 1.68 18.34
N VAL A 411 -46.86 1.12 19.55
CA VAL A 411 -46.02 -0.03 19.81
C VAL A 411 -46.86 -1.25 20.19
N LYS A 412 -48.03 -1.04 20.81
CA LYS A 412 -48.73 -2.12 21.52
C LYS A 412 -49.10 -3.27 20.57
N ASN A 413 -49.56 -2.96 19.37
CA ASN A 413 -50.03 -4.02 18.49
C ASN A 413 -49.01 -4.32 17.40
N HIS A 414 -47.76 -4.48 17.81
CA HIS A 414 -46.68 -4.95 16.95
C HIS A 414 -46.20 -6.28 17.50
N ASP A 415 -45.53 -7.07 16.65
CA ASP A 415 -44.97 -8.33 17.11
C ASP A 415 -43.74 -8.09 17.98
N LEU A 416 -42.64 -7.61 17.37
CA LEU A 416 -41.38 -7.26 17.99
C LEU A 416 -40.67 -8.45 18.64
N SER A 417 -41.10 -9.68 18.36
CA SER A 417 -40.56 -10.85 19.03
C SER A 417 -39.21 -11.30 18.47
N SER A 418 -38.80 -10.79 17.30
CA SER A 418 -37.47 -11.11 16.77
C SER A 418 -36.38 -10.55 17.67
N LEU A 419 -36.69 -9.48 18.42
CA LEU A 419 -35.74 -8.83 19.31
C LEU A 419 -35.34 -9.75 20.46
N ARG A 420 -34.04 -9.72 20.79
CA ARG A 420 -33.48 -10.28 22.01
C ARG A 420 -32.79 -9.25 22.89
N VAL A 421 -32.17 -8.23 22.30
CA VAL A 421 -31.42 -7.23 23.07
C VAL A 421 -31.87 -5.85 22.64
N LEU A 422 -32.12 -4.97 23.61
CA LEU A 422 -32.47 -3.58 23.37
C LEU A 422 -31.45 -2.70 24.07
N GLY A 423 -30.83 -1.77 23.33
CA GLY A 423 -29.81 -0.95 23.93
C GLY A 423 -30.08 0.54 23.93
N SER A 424 -29.37 1.27 24.80
CA SER A 424 -29.57 2.70 25.01
C SER A 424 -28.21 3.36 25.14
N VAL A 425 -28.01 4.49 24.47
CA VAL A 425 -26.69 5.11 24.42
C VAL A 425 -26.87 6.63 24.36
N GLY A 426 -25.97 7.35 25.03
CA GLY A 426 -25.85 8.78 24.80
C GLY A 426 -25.98 9.66 26.01
N GLU A 427 -26.82 9.24 26.96
CA GLU A 427 -27.07 10.01 28.17
C GLU A 427 -27.68 9.07 29.19
N PRO A 428 -27.76 9.49 30.46
CA PRO A 428 -28.44 8.65 31.45
C PRO A 428 -29.88 8.42 31.03
N ILE A 429 -30.32 7.17 31.13
CA ILE A 429 -31.69 6.81 30.80
C ILE A 429 -32.46 6.77 32.11
N ASN A 430 -33.41 7.69 32.28
CA ASN A 430 -34.22 7.71 33.49
C ASN A 430 -34.93 6.38 33.65
N PRO A 431 -35.14 5.92 34.89
CA PRO A 431 -35.85 4.65 35.05
C PRO A 431 -37.25 4.65 34.46
N GLU A 432 -37.89 5.82 34.37
CA GLU A 432 -39.19 5.91 33.74
C GLU A 432 -39.12 5.57 32.25
N ALA A 433 -38.15 6.16 31.54
CA ALA A 433 -37.90 5.76 30.16
C ALA A 433 -37.51 4.30 30.06
N TRP A 434 -36.70 3.81 31.02
CA TRP A 434 -36.17 2.44 30.96
C TRP A 434 -37.30 1.40 30.99
N HIS A 435 -38.32 1.61 31.85
CA HIS A 435 -39.41 0.65 31.96
C HIS A 435 -40.32 0.69 30.74
N TRP A 436 -40.64 1.88 30.26
CA TRP A 436 -41.36 2.02 28.99
C TRP A 436 -40.68 1.22 27.88
N TYR A 437 -39.34 1.32 27.79
CA TYR A 437 -38.57 0.55 26.80
C TYR A 437 -38.70 -0.95 27.06
N ASN A 438 -38.50 -1.35 28.32
CA ASN A 438 -38.54 -2.77 28.67
C ASN A 438 -39.94 -3.36 28.44
N ASP A 439 -40.98 -2.65 28.90
CA ASP A 439 -42.35 -3.16 28.80
C ASP A 439 -42.84 -3.18 27.36
N PHE A 440 -42.68 -2.08 26.63
CA PHE A 440 -43.33 -1.91 25.33
C PHE A 440 -42.44 -2.39 24.17
N ALA A 441 -41.23 -1.84 24.05
CA ALA A 441 -40.33 -2.31 22.99
C ALA A 441 -39.99 -3.78 23.18
N GLY A 442 -39.75 -4.20 24.43
CA GLY A 442 -39.29 -5.54 24.71
C GLY A 442 -40.36 -6.54 25.13
N LYS A 443 -41.57 -6.06 25.46
CA LYS A 443 -42.63 -6.92 26.02
C LYS A 443 -42.08 -7.79 27.14
N ASN A 444 -41.10 -7.24 27.87
CA ASN A 444 -40.50 -7.89 29.03
C ASN A 444 -39.84 -9.21 28.65
N GLN A 445 -39.34 -9.31 27.42
CA GLN A 445 -38.59 -10.48 27.01
C GLN A 445 -37.24 -10.15 26.39
N CYS A 446 -36.80 -8.90 26.48
CA CYS A 446 -35.50 -8.51 25.96
C CYS A 446 -34.59 -8.09 27.10
N ALA A 447 -33.31 -8.38 26.95
CA ALA A 447 -32.33 -7.76 27.84
C ALA A 447 -32.14 -6.31 27.41
N ILE A 448 -32.13 -5.40 28.38
CA ILE A 448 -31.85 -3.99 28.13
C ILE A 448 -30.38 -3.76 28.42
N VAL A 449 -29.62 -3.29 27.43
CA VAL A 449 -28.21 -2.99 27.64
C VAL A 449 -28.02 -1.48 27.58
N ASP A 450 -27.88 -0.88 28.75
CA ASP A 450 -27.51 0.52 28.89
C ASP A 450 -26.00 0.62 28.69
N THR A 451 -25.56 1.22 27.59
CA THR A 451 -24.17 1.20 27.17
C THR A 451 -23.55 2.57 27.44
N TYR A 452 -22.52 2.61 28.27
CA TYR A 452 -21.82 3.85 28.57
C TYR A 452 -20.47 3.85 27.86
N TRP A 453 -20.19 4.93 27.14
CA TRP A 453 -18.89 5.18 26.53
C TRP A 453 -18.88 6.62 26.01
N MET A 454 -17.83 6.95 25.27
CA MET A 454 -17.62 8.27 24.67
C MET A 454 -16.95 8.09 23.32
N THR A 455 -17.05 9.14 22.49
CA THR A 455 -16.26 9.24 21.27
C THR A 455 -14.82 8.83 21.55
N GLU A 456 -14.27 9.34 22.66
CA GLU A 456 -12.86 9.10 22.99
C GLU A 456 -12.59 7.68 23.45
N THR A 457 -13.61 6.89 23.85
CA THR A 457 -13.35 5.51 24.22
C THR A 457 -13.37 4.56 23.03
N GLY A 458 -13.86 5.01 21.87
CA GLY A 458 -13.89 4.19 20.67
C GLY A 458 -15.04 3.21 20.65
N SER A 459 -15.25 2.53 21.77
CA SER A 459 -16.23 1.47 21.85
C SER A 459 -16.77 1.41 23.27
N ILE A 460 -17.78 0.57 23.47
CA ILE A 460 -18.56 0.54 24.71
C ILE A 460 -17.68 0.17 25.89
N SER A 461 -17.80 0.93 26.98
CA SER A 461 -16.91 0.89 28.14
C SER A 461 -17.49 0.11 29.31
N ILE A 462 -18.76 0.34 29.61
CA ILE A 462 -19.49 -0.23 30.73
C ILE A 462 -20.90 -0.51 30.21
N ALA A 463 -21.35 -1.73 30.39
CA ALA A 463 -22.63 -2.17 29.85
C ALA A 463 -22.92 -3.55 30.42
N PRO A 464 -24.18 -3.94 30.54
CA PRO A 464 -24.47 -5.34 30.88
C PRO A 464 -24.16 -6.24 29.71
N LEU A 465 -23.64 -7.44 30.01
CA LEU A 465 -23.59 -8.50 29.01
C LEU A 465 -24.92 -9.25 29.07
N PRO A 466 -25.69 -9.27 27.97
CA PRO A 466 -27.13 -9.54 28.09
C PRO A 466 -27.46 -10.96 28.50
N GLY A 467 -26.60 -11.93 28.24
CA GLY A 467 -26.82 -13.28 28.70
C GLY A 467 -26.34 -13.59 30.10
N ALA A 468 -25.67 -12.63 30.76
CA ALA A 468 -25.07 -12.85 32.08
C ALA A 468 -25.58 -11.92 33.17
N ILE A 469 -25.90 -10.66 32.86
CA ILE A 469 -26.03 -9.64 33.90
C ILE A 469 -27.50 -9.33 34.17
N SER A 470 -27.86 -9.33 35.45
CA SER A 470 -29.16 -8.83 35.88
C SER A 470 -29.11 -7.32 35.98
N THR A 471 -30.08 -6.67 35.36
CA THR A 471 -30.02 -5.23 35.15
C THR A 471 -30.84 -4.49 36.21
N LYS A 472 -30.39 -3.28 36.51
CA LYS A 472 -31.12 -2.31 37.31
C LYS A 472 -31.44 -1.12 36.42
N PRO A 473 -32.68 -0.60 36.43
CA PRO A 473 -33.02 0.56 35.58
C PRO A 473 -32.12 1.77 35.83
N GLY A 474 -31.31 2.13 34.82
CA GLY A 474 -30.44 3.27 34.91
C GLY A 474 -29.00 2.99 35.23
N SER A 475 -28.62 1.72 35.40
CA SER A 475 -27.24 1.35 35.70
C SER A 475 -26.59 0.83 34.44
N ALA A 476 -25.38 1.30 34.14
CA ALA A 476 -24.58 0.69 33.08
C ALA A 476 -24.04 -0.68 33.49
N THR A 477 -23.99 -0.95 34.80
CA THR A 477 -23.57 -2.17 35.48
C THR A 477 -22.05 -2.33 35.44
N PHE A 478 -21.49 -3.20 34.59
CA PHE A 478 -20.09 -3.56 34.85
C PHE A 478 -19.18 -3.26 33.67
N PRO A 479 -17.89 -2.99 33.91
CA PRO A 479 -16.97 -2.63 32.82
C PRO A 479 -16.82 -3.72 31.77
N PHE A 480 -16.59 -3.29 30.52
CA PHE A 480 -16.32 -4.23 29.44
C PHE A 480 -14.90 -4.77 29.54
N PHE A 481 -14.67 -5.88 28.82
CA PHE A 481 -13.34 -6.48 28.64
C PHE A 481 -12.30 -5.39 28.37
N GLY A 482 -11.19 -5.45 29.12
CA GLY A 482 -10.15 -4.42 29.00
C GLY A 482 -10.39 -3.15 29.79
N MET A 483 -11.58 -2.94 30.34
CA MET A 483 -11.88 -1.71 31.05
C MET A 483 -11.73 -1.98 32.53
N ASP A 484 -10.85 -1.23 33.18
CA ASP A 484 -10.57 -1.35 34.60
C ASP A 484 -10.83 0.03 35.19
N VAL A 485 -12.01 0.22 35.79
CA VAL A 485 -12.44 1.55 36.17
C VAL A 485 -12.49 1.67 37.69
N ASP A 486 -12.39 2.91 38.15
CA ASP A 486 -12.43 3.21 39.56
C ASP A 486 -13.10 4.57 39.74
N ILE A 487 -13.43 4.89 40.99
CA ILE A 487 -14.07 6.13 41.39
C ILE A 487 -13.07 6.94 42.20
N ILE A 488 -12.90 8.22 41.84
CA ILE A 488 -12.05 9.13 42.58
C ILE A 488 -12.93 10.19 43.24
N ASP A 489 -12.56 10.58 44.44
CA ASP A 489 -13.19 11.70 45.11
C ASP A 489 -12.57 12.95 44.52
N PRO A 490 -13.34 13.76 43.77
CA PRO A 490 -12.75 14.97 43.17
C PRO A 490 -12.24 15.95 44.21
N GLN A 491 -12.68 15.87 45.46
CA GLN A 491 -12.22 16.78 46.49
C GLN A 491 -10.86 16.38 47.08
N THR A 492 -10.41 15.14 46.88
CA THR A 492 -9.12 14.70 47.39
C THR A 492 -8.17 14.21 46.30
N GLY A 493 -8.65 13.95 45.10
CA GLY A 493 -7.81 13.37 44.07
C GLY A 493 -7.51 11.91 44.26
N GLN A 494 -8.11 11.26 45.26
CA GLN A 494 -7.75 9.90 45.65
C GLN A 494 -8.87 8.94 45.28
N VAL A 495 -8.46 7.69 44.97
CA VAL A 495 -9.41 6.64 44.65
C VAL A 495 -10.21 6.26 45.89
N LEU A 496 -11.51 6.02 45.69
CA LEU A 496 -12.37 5.54 46.76
C LEU A 496 -12.42 4.02 46.71
N GLU A 497 -11.92 3.39 47.75
CA GLU A 497 -11.85 1.95 47.84
C GLU A 497 -13.23 1.37 48.12
N GLY A 498 -13.59 0.32 47.38
CA GLY A 498 -14.73 -0.49 47.77
C GLY A 498 -16.02 -0.14 47.05
N ASN A 499 -17.12 -0.52 47.67
CA ASN A 499 -18.45 -0.37 47.11
C ASN A 499 -19.21 0.72 47.85
N ASP A 500 -20.34 1.11 47.26
CA ASP A 500 -21.19 2.16 47.83
C ASP A 500 -20.46 3.49 47.91
N VAL A 501 -19.72 3.84 46.83
CA VAL A 501 -18.98 5.10 46.79
C VAL A 501 -19.39 5.89 45.55
N GLU A 502 -19.14 7.20 45.62
CA GLU A 502 -19.58 8.15 44.61
CA GLU A 502 -19.59 8.16 44.62
C GLU A 502 -18.47 9.17 44.39
N GLY A 503 -18.29 9.57 43.12
CA GLY A 503 -17.23 10.49 42.76
C GLY A 503 -17.12 10.71 41.26
N VAL A 504 -15.91 10.67 40.70
CA VAL A 504 -15.72 10.81 39.26
C VAL A 504 -15.10 9.54 38.71
N LEU A 505 -15.54 9.16 37.51
CA LEU A 505 -15.13 7.91 36.91
C LEU A 505 -13.77 8.09 36.22
N VAL A 506 -12.85 7.16 36.48
CA VAL A 506 -11.56 7.11 35.83
C VAL A 506 -11.33 5.67 35.36
N ALA A 507 -10.44 5.53 34.37
CA ALA A 507 -9.92 4.23 33.95
C ALA A 507 -8.44 4.13 34.35
N ARG A 508 -8.01 2.93 34.73
CA ARG A 508 -6.68 2.73 35.29
CA ARG A 508 -6.67 2.75 35.28
C ARG A 508 -5.61 2.41 34.24
N ARG A 509 -6.00 1.87 33.09
CA ARG A 509 -5.06 1.45 32.07
C ARG A 509 -5.66 1.72 30.70
N PRO A 510 -4.82 1.91 29.68
CA PRO A 510 -5.32 2.00 28.30
C PRO A 510 -6.05 0.74 27.88
N TRP A 511 -6.95 0.90 26.91
CA TRP A 511 -7.68 -0.20 26.31
C TRP A 511 -7.50 -0.08 24.80
N PRO A 512 -7.71 -1.16 24.04
CA PRO A 512 -7.28 -1.13 22.63
C PRO A 512 -7.89 0.00 21.79
N SER A 513 -9.14 0.40 22.02
CA SER A 513 -9.80 1.34 21.13
C SER A 513 -9.80 2.78 21.64
N ILE A 514 -8.94 3.11 22.60
CA ILE A 514 -8.93 4.47 23.09
C ILE A 514 -8.47 5.41 21.99
N ALA A 515 -9.03 6.62 21.97
CA ALA A 515 -8.54 7.61 21.03
C ALA A 515 -7.06 7.88 21.28
N ARG A 516 -6.28 8.01 20.18
CA ARG A 516 -4.84 8.18 20.29
C ARG A 516 -4.40 9.63 20.47
N THR A 517 -5.17 10.60 19.99
CA THR A 517 -4.80 12.01 20.11
C THR A 517 -6.02 12.85 19.78
N VAL A 518 -5.85 14.17 19.90
CA VAL A 518 -6.73 15.14 19.28
C VAL A 518 -5.95 15.75 18.12
N TYR A 519 -6.60 15.82 16.95
CA TYR A 519 -5.85 16.01 15.71
C TYR A 519 -5.06 17.32 15.74
N ARG A 520 -3.74 17.19 15.60
CA ARG A 520 -2.78 18.30 15.66
C ARG A 520 -2.99 19.18 16.90
N ASP A 521 -3.46 18.57 17.98
CA ASP A 521 -3.57 19.29 19.24
C ASP A 521 -3.42 18.32 20.40
N HIS A 522 -2.31 17.56 20.38
CA HIS A 522 -2.01 16.56 21.40
C HIS A 522 -1.99 17.13 22.82
N LYS A 523 -1.61 18.40 22.96
CA LYS A 523 -1.59 19.00 24.29
C LYS A 523 -3.00 19.06 24.87
N ARG A 524 -4.00 19.38 24.04
CA ARG A 524 -5.39 19.39 24.50
C ARG A 524 -5.86 17.99 24.89
N TYR A 525 -5.41 16.97 24.15
CA TYR A 525 -5.68 15.59 24.50
C TYR A 525 -5.11 15.25 25.88
N LEU A 526 -3.83 15.54 26.13
CA LEU A 526 -3.23 15.26 27.44
C LEU A 526 -3.90 16.06 28.55
N GLU A 527 -4.07 17.38 28.34
CA GLU A 527 -4.64 18.22 29.38
C GLU A 527 -6.08 17.82 29.72
N THR A 528 -6.84 17.37 28.74
CA THR A 528 -8.25 17.06 28.98
C THR A 528 -8.46 15.69 29.61
N TYR A 529 -7.72 14.66 29.19
CA TYR A 529 -7.99 13.31 29.65
C TYR A 529 -6.97 12.78 30.65
N MET A 530 -5.73 13.25 30.57
CA MET A 530 -4.61 12.57 31.23
C MET A 530 -4.07 13.34 32.41
N LYS A 531 -4.27 14.64 32.44
CA LYS A 531 -3.72 15.50 33.48
C LYS A 531 -4.63 15.72 34.69
N PRO A 532 -5.96 15.69 34.56
CA PRO A 532 -6.80 15.91 35.77
C PRO A 532 -6.51 14.95 36.92
N TYR A 533 -6.36 13.67 36.65
CA TYR A 533 -6.02 12.68 37.67
C TYR A 533 -4.84 11.88 37.14
N PRO A 534 -3.60 12.34 37.38
CA PRO A 534 -2.43 11.70 36.77
C PRO A 534 -2.31 10.23 37.15
N GLY A 535 -1.99 9.40 36.17
CA GLY A 535 -2.05 7.96 36.29
C GLY A 535 -3.32 7.34 35.71
N TYR A 536 -4.37 8.14 35.54
CA TYR A 536 -5.68 7.65 35.11
C TYR A 536 -6.13 8.37 33.85
N PHE A 537 -7.17 7.78 33.25
CA PHE A 537 -7.94 8.42 32.19
C PHE A 537 -9.21 8.99 32.82
N PHE A 538 -9.51 10.25 32.52
CA PHE A 538 -10.61 10.99 33.13
C PHE A 538 -11.71 11.14 32.09
N PHE A 539 -12.87 10.52 32.36
CA PHE A 539 -13.99 10.57 31.42
C PHE A 539 -14.72 11.90 31.45
N GLY A 540 -14.68 12.61 32.58
CA GLY A 540 -15.48 13.80 32.72
C GLY A 540 -16.90 13.58 33.22
N ASP A 541 -17.24 12.38 33.68
CA ASP A 541 -18.58 12.06 34.18
C ASP A 541 -18.54 11.76 35.67
N GLY A 542 -19.61 12.15 36.36
CA GLY A 542 -19.81 11.70 37.71
C GLY A 542 -20.31 10.28 37.73
N ALA A 543 -19.94 9.53 38.76
CA ALA A 543 -20.37 8.14 38.77
C ALA A 543 -20.38 7.60 40.19
N ALA A 544 -21.09 6.50 40.37
CA ALA A 544 -21.17 5.86 41.66
C ALA A 544 -21.13 4.36 41.47
N ARG A 545 -20.48 3.66 42.40
CA ARG A 545 -20.46 2.21 42.42
C ARG A 545 -21.27 1.81 43.63
N ASP A 546 -22.35 1.07 43.42
CA ASP A 546 -23.28 0.86 44.53
C ASP A 546 -22.85 -0.36 45.34
N TYR A 547 -23.66 -0.69 46.34
CA TYR A 547 -23.31 -1.75 47.28
C TYR A 547 -23.17 -3.10 46.61
N ASP A 548 -23.82 -3.30 45.47
CA ASP A 548 -23.67 -4.52 44.67
C ASP A 548 -22.53 -4.43 43.67
N GLY A 549 -21.79 -3.33 43.62
CA GLY A 549 -20.72 -3.17 42.65
C GLY A 549 -21.17 -2.66 41.30
N TYR A 550 -22.45 -2.32 41.15
CA TYR A 550 -23.00 -1.81 39.90
C TYR A 550 -22.59 -0.36 39.72
N MET A 551 -22.15 -0.01 38.52
CA MET A 551 -21.78 1.35 38.20
C MET A 551 -22.99 2.16 37.74
N TRP A 552 -23.09 3.38 38.22
CA TRP A 552 -24.14 4.30 37.84
C TRP A 552 -23.48 5.58 37.34
N ILE A 553 -23.77 5.97 36.09
CA ILE A 553 -23.27 7.23 35.55
C ILE A 553 -24.30 8.30 35.86
N LYS A 554 -23.85 9.39 36.47
CA LYS A 554 -24.77 10.35 37.08
C LYS A 554 -24.94 11.63 36.25
N GLY A 555 -24.18 11.81 35.18
CA GLY A 555 -24.11 13.07 34.47
C GLY A 555 -22.68 13.57 34.36
N ARG A 556 -22.52 14.66 33.62
CA ARG A 556 -21.22 15.30 33.46
C ARG A 556 -20.79 15.97 34.76
N VAL A 557 -19.47 15.97 34.99
CA VAL A 557 -18.90 16.66 36.14
C VAL A 557 -19.27 18.15 36.12
N ASP A 558 -19.21 18.78 34.95
CA ASP A 558 -19.53 20.19 34.79
C ASP A 558 -20.99 20.52 35.07
N ASP A 559 -21.87 19.52 35.10
CA ASP A 559 -23.29 19.75 35.29
C ASP A 559 -23.72 19.52 36.73
N VAL A 560 -22.78 19.18 37.60
CA VAL A 560 -23.07 18.95 39.01
C VAL A 560 -23.38 20.29 39.69
N ILE A 561 -24.32 20.27 40.63
CA ILE A 561 -24.79 21.46 41.32
C ILE A 561 -24.54 21.25 42.81
N ASN A 562 -23.73 22.12 43.40
CA ASN A 562 -23.34 21.99 44.80
C ASN A 562 -24.21 22.93 45.64
N VAL A 563 -25.26 22.37 46.24
CA VAL A 563 -26.21 23.13 47.04
C VAL A 563 -25.80 22.97 48.51
N SER A 564 -25.19 24.02 49.07
CA SER A 564 -24.76 24.02 50.48
C SER A 564 -23.99 22.75 50.84
N GLY A 565 -23.14 22.28 49.92
CA GLY A 565 -22.35 21.10 50.13
C GLY A 565 -22.95 19.83 49.55
N HIS A 566 -24.26 19.75 49.39
CA HIS A 566 -24.89 18.59 48.79
C HIS A 566 -24.65 18.64 47.28
N ARG A 567 -23.80 17.74 46.78
CA ARG A 567 -23.48 17.68 45.37
C ARG A 567 -24.58 16.90 44.65
N LEU A 568 -25.35 17.58 43.79
CA LEU A 568 -26.47 16.99 43.07
C LEU A 568 -26.12 16.81 41.61
N SER A 569 -26.39 15.62 41.08
CA SER A 569 -26.17 15.33 39.67
C SER A 569 -27.47 15.54 38.87
N THR A 570 -27.28 15.91 37.60
CA THR A 570 -28.42 16.19 36.74
C THR A 570 -29.35 14.98 36.62
N ALA A 571 -28.77 13.78 36.50
CA ALA A 571 -29.57 12.58 36.23
C ALA A 571 -30.55 12.28 37.35
N GLU A 572 -30.09 12.36 38.61
CA GLU A 572 -30.96 11.98 39.72
C GLU A 572 -32.09 12.98 39.91
N VAL A 573 -31.86 14.26 39.66
CA VAL A 573 -32.93 15.25 39.84
C VAL A 573 -33.91 15.18 38.69
N GLU A 574 -33.40 15.04 37.47
CA GLU A 574 -34.24 14.84 36.30
C GLU A 574 -35.03 13.54 36.40
N SER A 575 -34.42 12.48 36.96
CA SER A 575 -35.14 11.22 37.12
C SER A 575 -36.26 11.34 38.14
N ALA A 576 -36.08 12.19 39.16
CA ALA A 576 -37.15 12.52 40.09
C ALA A 576 -38.27 13.30 39.41
N LEU A 577 -37.92 14.30 38.61
CA LEU A 577 -38.94 15.16 38.03
C LEU A 577 -39.83 14.40 37.06
N ILE A 578 -39.26 13.46 36.30
CA ILE A 578 -40.04 12.74 35.30
C ILE A 578 -41.04 11.76 35.92
N LEU A 579 -40.88 11.41 37.21
CA LEU A 579 -41.87 10.55 37.87
C LEU A 579 -43.23 11.23 37.97
N HIS A 580 -43.31 12.52 37.70
CA HIS A 580 -44.57 13.25 37.73
C HIS A 580 -45.38 13.03 36.46
N LYS A 581 -46.69 12.91 36.62
CA LYS A 581 -47.59 12.64 35.49
C LYS A 581 -47.55 13.77 34.48
N GLY A 582 -47.47 13.42 33.20
CA GLY A 582 -47.50 14.42 32.15
C GLY A 582 -46.23 15.21 31.96
N VAL A 583 -45.19 14.93 32.74
CA VAL A 583 -43.86 15.47 32.44
C VAL A 583 -43.23 14.60 31.35
N ALA A 584 -42.75 15.24 30.29
CA ALA A 584 -42.12 14.56 29.17
C ALA A 584 -40.59 14.51 29.29
N GLU A 585 -39.96 15.64 29.61
CA GLU A 585 -38.50 15.73 29.62
C GLU A 585 -38.11 16.98 30.41
N THR A 586 -36.98 16.92 31.12
CA THR A 586 -36.52 18.05 31.92
C THR A 586 -35.01 18.17 31.89
N ALA A 587 -34.53 19.39 32.15
CA ALA A 587 -33.12 19.69 32.36
C ALA A 587 -32.98 20.56 33.60
N VAL A 588 -32.04 20.22 34.47
CA VAL A 588 -31.74 21.04 35.64
C VAL A 588 -30.32 21.56 35.51
N VAL A 589 -30.13 22.83 35.86
CA VAL A 589 -28.83 23.48 35.85
C VAL A 589 -28.65 24.26 37.14
N GLY A 590 -27.41 24.55 37.48
CA GLY A 590 -27.08 25.31 38.66
C GLY A 590 -26.72 26.74 38.33
N CYS A 591 -27.11 27.66 39.23
CA CYS A 591 -26.66 29.04 39.18
C CYS A 591 -26.43 29.52 40.60
N ALA A 592 -25.49 30.46 40.76
CA ALA A 592 -25.05 30.87 42.08
C ALA A 592 -26.15 31.63 42.82
N ASP A 593 -26.47 31.17 44.03
CA ASP A 593 -27.34 31.88 44.95
C ASP A 593 -26.54 32.21 46.21
N ASP A 594 -26.70 33.42 46.71
CA ASP A 594 -25.85 33.90 47.79
C ASP A 594 -25.96 33.02 49.04
N LEU A 595 -27.14 32.45 49.30
CA LEU A 595 -27.35 31.72 50.55
C LEU A 595 -26.86 30.29 50.48
N THR A 596 -27.14 29.57 49.38
CA THR A 596 -26.77 28.16 49.27
C THR A 596 -25.56 27.93 48.38
N GLY A 597 -24.86 28.99 47.96
CA GLY A 597 -23.75 28.86 47.04
C GLY A 597 -24.23 28.64 45.62
N GLN A 598 -24.99 27.57 45.43
CA GLN A 598 -25.68 27.29 44.18
C GLN A 598 -27.10 26.84 44.50
N ALA A 599 -28.01 27.15 43.58
CA ALA A 599 -29.38 26.67 43.66
C ALA A 599 -29.74 25.98 42.36
N VAL A 600 -30.65 25.01 42.44
CA VAL A 600 -31.06 24.22 41.30
C VAL A 600 -32.16 24.95 40.54
N TYR A 601 -32.01 25.06 39.23
CA TYR A 601 -33.01 25.65 38.36
C TYR A 601 -33.43 24.61 37.32
N ALA A 602 -34.74 24.42 37.18
CA ALA A 602 -35.30 23.31 36.41
C ALA A 602 -36.11 23.85 35.24
N PHE A 603 -35.88 23.29 34.06
CA PHE A 603 -36.66 23.57 32.87
C PHE A 603 -37.46 22.32 32.53
N VAL A 604 -38.79 22.45 32.49
CA VAL A 604 -39.68 21.30 32.45
C VAL A 604 -40.51 21.33 31.17
N THR A 605 -40.69 20.16 30.56
CA THR A 605 -41.45 19.98 29.33
C THR A 605 -42.60 19.03 29.60
N MET A 606 -43.82 19.49 29.33
CA MET A 606 -45.01 18.69 29.57
C MET A 606 -45.46 18.05 28.26
N LYS A 607 -45.99 16.84 28.37
CA LYS A 607 -46.63 16.20 27.23
C LYS A 607 -47.64 17.17 26.62
N PRO A 608 -47.80 17.17 25.29
CA PRO A 608 -48.63 18.19 24.64
C PRO A 608 -50.11 18.13 25.00
N GLU A 609 -50.60 17.02 25.56
CA GLU A 609 -52.00 16.97 25.94
C GLU A 609 -52.27 17.64 27.28
N PHE A 610 -51.23 17.87 28.10
CA PHE A 610 -51.41 18.36 29.45
C PHE A 610 -52.14 19.70 29.46
N ASP A 611 -53.11 19.83 30.38
CA ASP A 611 -53.90 21.05 30.48
C ASP A 611 -53.17 22.04 31.39
N LEU A 612 -52.52 23.03 30.79
CA LEU A 612 -51.77 24.03 31.54
C LEU A 612 -52.66 25.08 32.19
N LYS A 613 -53.92 25.18 31.78
CA LYS A 613 -54.86 26.12 32.40
C LYS A 613 -55.58 25.48 33.59
N ALA A 614 -55.93 24.20 33.49
CA ALA A 614 -56.53 23.49 34.62
C ALA A 614 -55.61 23.49 35.83
N THR A 615 -54.37 23.06 35.64
CA THR A 615 -53.36 23.11 36.68
C THR A 615 -52.65 24.45 36.61
N LYS A 616 -52.85 25.29 37.62
CA LYS A 616 -52.02 26.47 37.76
C LYS A 616 -50.57 26.04 37.90
N GLU A 617 -49.68 26.65 37.11
CA GLU A 617 -48.27 26.25 37.14
C GLU A 617 -47.70 26.28 38.54
N ALA A 618 -48.29 27.11 39.42
CA ALA A 618 -47.85 27.19 40.81
C ALA A 618 -48.02 25.85 41.53
N ASP A 619 -49.19 25.22 41.36
CA ASP A 619 -49.41 23.92 41.99
C ASP A 619 -48.58 22.83 41.33
N LEU A 620 -48.34 22.95 40.02
CA LEU A 620 -47.40 22.04 39.37
C LEU A 620 -46.03 22.13 40.03
N SER A 621 -45.50 23.36 40.17
CA SER A 621 -44.23 23.56 40.84
C SER A 621 -44.21 22.91 42.22
N LYS A 622 -45.27 23.14 43.01
CA LYS A 622 -45.31 22.61 44.37
C LYS A 622 -45.22 21.09 44.38
N GLU A 623 -46.04 20.41 43.57
CA GLU A 623 -45.98 18.95 43.53
C GLU A 623 -44.63 18.46 43.00
N LEU A 624 -44.02 19.20 42.09
CA LEU A 624 -42.72 18.79 41.55
C LEU A 624 -41.63 18.92 42.61
N ALA A 625 -41.55 20.09 43.25
CA ALA A 625 -40.58 20.32 44.32
C ALA A 625 -40.84 19.40 45.51
N ILE A 626 -42.10 19.02 45.75
CA ILE A 626 -42.39 18.05 46.79
C ILE A 626 -41.91 16.66 46.37
N GLN A 627 -42.18 16.26 45.12
CA GLN A 627 -41.74 14.95 44.64
C GLN A 627 -40.22 14.82 44.68
N VAL A 628 -39.50 15.92 44.48
CA VAL A 628 -38.04 15.84 44.53
C VAL A 628 -37.57 15.62 45.96
N ARG A 629 -38.22 16.30 46.93
CA ARG A 629 -37.79 16.17 48.32
C ARG A 629 -37.98 14.77 48.86
N LYS A 630 -38.94 14.01 48.32
CA LYS A 630 -39.20 12.68 48.84
C LYS A 630 -38.20 11.63 48.32
N VAL A 631 -37.61 11.81 47.13
CA VAL A 631 -36.72 10.77 46.63
C VAL A 631 -35.26 11.16 46.79
N ILE A 632 -34.95 12.45 46.76
CA ILE A 632 -33.56 12.87 46.87
C ILE A 632 -33.30 13.47 48.25
N GLY A 633 -34.03 14.52 48.60
CA GLY A 633 -33.89 15.19 49.87
C GLY A 633 -34.31 16.66 49.78
N PRO A 634 -34.53 17.28 50.94
CA PRO A 634 -35.05 18.66 50.95
C PRO A 634 -34.14 19.67 50.26
N PHE A 635 -32.83 19.45 50.32
CA PHE A 635 -31.86 20.34 49.69
C PHE A 635 -31.99 20.36 48.18
N ALA A 636 -32.66 19.36 47.59
CA ALA A 636 -32.62 19.16 46.15
C ALA A 636 -33.74 19.87 45.40
N ALA A 637 -34.71 20.46 46.10
CA ALA A 637 -35.83 21.10 45.44
C ALA A 637 -35.33 22.26 44.57
N PRO A 638 -35.90 22.46 43.38
CA PRO A 638 -35.52 23.60 42.56
C PRO A 638 -35.99 24.91 43.17
N LYS A 639 -35.16 25.96 43.01
CA LYS A 639 -35.51 27.30 43.45
C LYS A 639 -36.47 27.98 42.49
N LYS A 640 -36.36 27.70 41.19
CA LYS A 640 -37.30 28.18 40.19
C LYS A 640 -37.50 27.10 39.14
N ILE A 641 -38.73 26.96 38.66
CA ILE A 641 -39.11 26.01 37.61
C ILE A 641 -39.65 26.78 36.42
N TYR A 642 -39.08 26.53 35.24
CA TYR A 642 -39.53 27.14 34.00
C TYR A 642 -40.24 26.10 33.15
N LEU A 643 -41.46 26.43 32.72
CA LEU A 643 -42.18 25.61 31.75
C LEU A 643 -41.82 26.06 30.35
N VAL A 644 -41.29 25.13 29.55
CA VAL A 644 -40.88 25.41 28.18
C VAL A 644 -41.44 24.30 27.29
N SER A 645 -41.47 24.58 25.98
CA SER A 645 -42.02 23.63 25.01
C SER A 645 -40.96 22.63 24.53
N ASP A 646 -39.72 23.05 24.41
CA ASP A 646 -38.62 22.13 24.08
C ASP A 646 -37.33 22.67 24.71
N LEU A 647 -36.44 21.78 24.97
CA LEU A 647 -35.18 22.17 25.58
C LEU A 647 -34.09 22.31 24.51
N PRO A 648 -33.13 23.21 24.72
CA PRO A 648 -32.03 23.37 23.76
C PRO A 648 -31.17 22.13 23.66
N LYS A 649 -31.17 21.51 22.49
CA LYS A 649 -30.43 20.28 22.26
C LYS A 649 -29.57 20.42 21.00
N THR A 650 -28.42 19.74 21.01
CA THR A 650 -27.58 19.66 19.83
C THR A 650 -28.29 18.86 18.73
N ARG A 651 -27.58 18.66 17.62
CA ARG A 651 -28.12 17.80 16.57
C ARG A 651 -28.03 16.33 16.95
N SER A 652 -27.11 15.97 17.83
CA SER A 652 -27.03 14.59 18.33
C SER A 652 -28.19 14.28 19.26
N GLY A 653 -28.75 15.29 19.92
CA GLY A 653 -29.84 15.11 20.85
C GLY A 653 -29.50 15.37 22.29
N LYS A 654 -28.24 15.66 22.60
CA LYS A 654 -27.86 15.97 23.98
C LYS A 654 -28.47 17.31 24.39
N ILE A 655 -28.93 17.39 25.64
CA ILE A 655 -29.49 18.64 26.16
C ILE A 655 -28.35 19.61 26.45
N MET A 656 -28.46 20.84 25.92
CA MET A 656 -27.39 21.82 26.00
C MET A 656 -27.48 22.62 27.30
N ARG A 657 -27.15 21.94 28.41
CA ARG A 657 -27.30 22.53 29.73
C ARG A 657 -26.34 23.69 29.98
N ARG A 658 -25.25 23.80 29.20
CA ARG A 658 -24.41 24.99 29.30
C ARG A 658 -25.16 26.24 28.84
N VAL A 659 -26.05 26.09 27.86
CA VAL A 659 -26.85 27.21 27.39
C VAL A 659 -27.82 27.67 28.49
N LEU A 660 -28.52 26.72 29.12
CA LEU A 660 -29.48 27.05 30.16
C LEU A 660 -28.78 27.68 31.37
N ARG A 661 -27.58 27.21 31.70
CA ARG A 661 -26.86 27.71 32.87
C ARG A 661 -26.45 29.18 32.70
N LYS A 662 -25.93 29.54 31.52
CA LYS A 662 -25.52 30.92 31.28
C LYS A 662 -26.73 31.83 31.05
N ILE A 663 -27.78 31.32 30.39
CA ILE A 663 -28.99 32.11 30.21
C ILE A 663 -29.62 32.43 31.57
N VAL A 664 -29.65 31.44 32.46
CA VAL A 664 -30.14 31.66 33.82
C VAL A 664 -29.23 32.62 34.56
N ALA A 665 -27.92 32.50 34.35
CA ALA A 665 -26.97 33.44 34.91
C ALA A 665 -27.11 34.84 34.34
N GLY A 666 -28.12 35.11 33.49
CA GLY A 666 -28.34 36.42 32.90
C GLY A 666 -27.62 36.63 31.58
N GLU A 667 -26.41 36.09 31.43
CA GLU A 667 -25.58 36.31 30.25
C GLU A 667 -26.24 35.75 29.00
N GLY A 668 -26.80 36.63 28.17
CA GLY A 668 -27.45 36.24 26.94
C GLY A 668 -26.48 35.94 25.79
N GLN A 681 -33.92 28.27 17.57
CA GLN A 681 -34.94 29.28 17.86
C GLN A 681 -35.54 29.06 19.25
N ILE A 682 -35.31 27.86 19.80
CA ILE A 682 -35.81 27.55 21.14
C ILE A 682 -35.10 28.35 22.23
N VAL A 683 -33.98 28.98 21.90
CA VAL A 683 -33.23 29.75 22.89
C VAL A 683 -33.90 31.09 23.16
N GLU A 684 -34.40 31.75 22.11
CA GLU A 684 -35.11 33.01 22.31
C GLU A 684 -36.35 32.80 23.16
N GLU A 685 -37.03 31.67 23.00
CA GLU A 685 -38.19 31.37 23.83
C GLU A 685 -37.79 31.15 25.29
N VAL A 686 -36.64 30.52 25.52
CA VAL A 686 -36.21 30.23 26.89
C VAL A 686 -35.71 31.51 27.58
N LYS A 687 -34.93 32.32 26.86
CA LYS A 687 -34.42 33.55 27.45
C LYS A 687 -35.54 34.52 27.79
N GLN A 688 -36.56 34.62 26.92
CA GLN A 688 -37.70 35.47 27.21
C GLN A 688 -38.47 34.96 28.42
N LYS A 689 -38.69 33.63 28.51
CA LYS A 689 -39.38 33.06 29.66
C LYS A 689 -38.56 33.18 30.95
N VAL A 690 -37.24 33.30 30.83
CA VAL A 690 -36.40 33.51 32.00
C VAL A 690 -36.25 35.00 32.27
N VAL B 24 -20.78 -36.20 -43.67
CA VAL B 24 -21.97 -35.40 -43.41
C VAL B 24 -21.67 -34.27 -42.44
N HIS B 25 -20.39 -33.92 -42.29
CA HIS B 25 -19.94 -32.94 -41.31
C HIS B 25 -20.27 -31.52 -41.77
N HIS B 26 -21.06 -30.81 -40.96
CA HIS B 26 -21.45 -29.45 -41.32
C HIS B 26 -20.31 -28.46 -41.16
N VAL B 27 -19.42 -28.70 -40.20
CA VAL B 27 -18.25 -27.86 -40.00
C VAL B 27 -17.11 -28.41 -40.86
N HIS B 28 -16.62 -27.58 -41.78
CA HIS B 28 -15.56 -27.98 -42.67
C HIS B 28 -14.23 -27.33 -42.27
N PRO B 29 -13.11 -28.05 -42.38
CA PRO B 29 -11.81 -27.42 -42.11
C PRO B 29 -11.58 -26.28 -43.10
N LEU B 30 -10.61 -25.43 -42.78
CA LEU B 30 -10.21 -24.42 -43.75
C LEU B 30 -9.72 -25.09 -45.03
N PRO B 31 -10.08 -24.56 -46.20
CA PRO B 31 -9.70 -25.20 -47.46
C PRO B 31 -8.21 -25.55 -47.52
N ASP B 32 -7.95 -26.79 -47.91
CA ASP B 32 -6.60 -27.30 -48.03
C ASP B 32 -6.57 -28.18 -49.26
N SER B 33 -5.39 -28.33 -49.84
CA SER B 33 -5.22 -29.22 -50.97
C SER B 33 -4.87 -30.63 -50.54
N VAL B 34 -4.53 -30.83 -49.27
CA VAL B 34 -4.24 -32.15 -48.73
C VAL B 34 -5.54 -32.82 -48.30
N PRO B 35 -5.76 -34.08 -48.65
CA PRO B 35 -6.96 -34.79 -48.17
C PRO B 35 -7.04 -34.80 -46.65
N GLU B 36 -8.26 -34.69 -46.14
CA GLU B 36 -8.50 -34.64 -44.70
C GLU B 36 -7.92 -35.84 -43.98
N SER B 37 -7.91 -37.01 -44.60
CA SER B 37 -7.41 -38.23 -43.98
C SER B 37 -5.90 -38.28 -43.87
N GLU B 38 -5.19 -37.41 -44.59
CA GLU B 38 -3.73 -37.35 -44.53
C GLU B 38 -3.25 -35.99 -44.05
N ASP B 39 -4.13 -35.22 -43.39
CA ASP B 39 -3.85 -33.85 -42.99
C ASP B 39 -3.78 -33.70 -41.47
N LEU B 40 -3.45 -34.78 -40.75
CA LEU B 40 -3.38 -34.79 -39.30
C LEU B 40 -1.94 -35.04 -38.88
N PHE B 41 -1.44 -34.25 -37.93
CA PHE B 41 0.00 -34.20 -37.68
C PHE B 41 0.32 -34.46 -36.21
N ALA B 42 0.82 -35.65 -35.92
CA ALA B 42 1.19 -36.04 -34.57
C ALA B 42 2.50 -35.37 -34.17
N PRO B 43 2.73 -35.17 -32.87
CA PRO B 43 4.00 -34.60 -32.42
C PRO B 43 5.20 -35.33 -33.02
N PRO B 44 6.09 -34.60 -33.70
CA PRO B 44 7.20 -35.22 -34.42
C PRO B 44 8.33 -35.57 -33.47
N PRO B 45 9.33 -36.36 -33.95
CA PRO B 45 10.38 -36.84 -33.03
C PRO B 45 11.01 -35.78 -32.14
N ARG B 46 11.27 -34.57 -32.67
CA ARG B 46 11.84 -33.53 -31.83
C ARG B 46 10.95 -33.18 -30.64
N MET B 47 9.65 -33.50 -30.70
CA MET B 47 8.72 -33.24 -29.61
C MET B 47 8.28 -34.52 -28.91
N GLN B 48 9.09 -35.58 -29.04
CA GLN B 48 8.85 -36.85 -28.36
C GLN B 48 10.02 -37.21 -27.44
N GLY B 49 10.86 -36.23 -27.11
CA GLY B 49 12.05 -36.51 -26.33
C GLY B 49 13.14 -37.26 -27.05
N LYS B 50 13.08 -37.34 -28.39
CA LYS B 50 14.12 -37.97 -29.19
C LYS B 50 15.06 -36.92 -29.75
N GLU B 51 16.15 -37.39 -30.36
CA GLU B 51 17.19 -36.53 -30.93
C GLU B 51 17.86 -35.65 -29.87
N GLY B 52 17.87 -36.10 -28.62
CA GLY B 52 18.48 -35.34 -27.54
C GLY B 52 17.72 -34.12 -27.09
N ARG B 53 16.49 -33.96 -27.53
CA ARG B 53 15.67 -32.81 -27.20
C ARG B 53 14.95 -33.05 -25.86
N PRO B 54 14.62 -31.97 -25.15
CA PRO B 54 13.93 -32.14 -23.85
C PRO B 54 12.61 -32.87 -24.02
N LYS B 55 12.26 -33.69 -23.02
CA LYS B 55 10.99 -34.39 -23.08
C LYS B 55 9.84 -33.42 -22.79
N PRO B 56 8.71 -33.55 -23.48
CA PRO B 56 7.62 -32.56 -23.31
C PRO B 56 7.03 -32.58 -21.91
N HIS B 57 6.71 -31.38 -21.41
CA HIS B 57 6.03 -31.25 -20.11
C HIS B 57 4.68 -31.96 -20.12
N ILE B 58 4.00 -31.94 -21.25
CA ILE B 58 2.71 -32.62 -21.40
C ILE B 58 2.82 -33.45 -22.66
N GLY B 59 2.70 -34.77 -22.50
CA GLY B 59 2.75 -35.70 -23.59
C GLY B 59 2.19 -37.03 -23.13
N PRO B 60 2.04 -37.98 -24.06
CA PRO B 60 2.42 -37.80 -25.47
C PRO B 60 1.23 -37.77 -26.45
N ASN B 61 0.01 -37.59 -25.92
CA ASN B 61 -1.20 -37.71 -26.72
C ASN B 61 -2.27 -36.78 -26.17
N TYR B 62 -3.44 -36.83 -26.79
CA TYR B 62 -4.53 -35.92 -26.43
C TYR B 62 -4.99 -36.12 -25.00
N GLU B 63 -5.11 -37.37 -24.55
CA GLU B 63 -5.68 -37.62 -23.22
C GLU B 63 -4.80 -37.07 -22.12
N SER B 64 -3.48 -37.00 -22.34
CA SER B 64 -2.62 -36.34 -21.36
C SER B 64 -2.92 -34.85 -21.28
N TYR B 65 -3.29 -34.22 -22.41
CA TYR B 65 -3.72 -32.82 -22.35
C TYR B 65 -5.00 -32.68 -21.53
N VAL B 66 -6.03 -33.47 -21.86
CA VAL B 66 -7.28 -33.42 -21.13
C VAL B 66 -7.06 -33.67 -19.65
N LYS B 67 -6.16 -34.60 -19.33
CA LYS B 67 -5.94 -34.98 -17.95
C LYS B 67 -5.51 -33.77 -17.12
N GLU B 68 -4.52 -33.03 -17.60
CA GLU B 68 -4.04 -31.85 -16.87
C GLU B 68 -5.04 -30.71 -16.99
N TRP B 69 -5.61 -30.51 -18.20
CA TRP B 69 -6.54 -29.41 -18.42
C TRP B 69 -7.73 -29.47 -17.46
N ALA B 70 -8.25 -30.68 -17.20
CA ALA B 70 -9.44 -30.84 -16.38
C ALA B 70 -9.24 -30.35 -14.95
N LYS B 71 -7.99 -30.34 -14.47
CA LYS B 71 -7.64 -29.80 -13.17
C LYS B 71 -7.68 -28.28 -13.12
N THR B 72 -7.78 -27.61 -14.27
CA THR B 72 -7.63 -26.17 -14.36
C THR B 72 -8.93 -25.43 -14.59
N VAL B 73 -10.04 -26.14 -14.81
CA VAL B 73 -11.35 -25.54 -14.96
C VAL B 73 -12.30 -26.28 -14.03
N GLY B 74 -13.40 -25.61 -13.68
CA GLY B 74 -14.46 -26.24 -12.93
C GLY B 74 -14.34 -26.03 -11.44
N PRO B 75 -15.27 -26.62 -10.68
CA PRO B 75 -15.44 -26.23 -9.28
C PRO B 75 -14.27 -26.58 -8.38
N ASN B 76 -13.37 -27.47 -8.80
CA ASN B 76 -12.24 -27.90 -7.98
C ASN B 76 -10.91 -27.61 -8.64
N SER B 77 -10.85 -26.48 -9.36
CA SER B 77 -9.61 -26.05 -10.01
C SER B 77 -8.76 -25.12 -9.14
N ASP B 78 -9.29 -24.59 -8.03
CA ASP B 78 -8.49 -23.72 -7.17
C ASP B 78 -7.17 -24.38 -6.78
N GLU B 79 -7.20 -25.68 -6.50
CA GLU B 79 -6.02 -26.35 -5.96
C GLU B 79 -4.87 -26.31 -6.97
N TRP B 80 -5.17 -26.58 -8.23
CA TRP B 80 -4.16 -26.51 -9.27
C TRP B 80 -3.65 -25.08 -9.45
N TRP B 81 -4.54 -24.09 -9.35
CA TRP B 81 -4.14 -22.72 -9.60
C TRP B 81 -3.37 -22.12 -8.43
N ALA B 82 -3.80 -22.43 -7.19
CA ALA B 82 -3.03 -22.01 -6.03
C ALA B 82 -1.61 -22.54 -6.10
N ALA B 83 -1.46 -23.84 -6.43
CA ALA B 83 -0.15 -24.45 -6.51
C ALA B 83 0.68 -23.88 -7.65
N LYS B 84 0.07 -23.74 -8.83
CA LYS B 84 0.81 -23.17 -9.96
C LYS B 84 1.29 -21.76 -9.64
N ALA B 85 0.46 -20.96 -8.97
CA ALA B 85 0.86 -19.60 -8.66
C ALA B 85 2.07 -19.57 -7.74
N ARG B 86 2.14 -20.48 -6.78
CA ARG B 86 3.23 -20.46 -5.80
C ARG B 86 4.50 -21.09 -6.34
N GLU B 87 4.39 -22.03 -7.30
CA GLU B 87 5.57 -22.60 -7.93
C GLU B 87 6.14 -21.69 -9.00
N THR B 88 5.30 -20.91 -9.67
CA THR B 88 5.75 -20.21 -10.87
C THR B 88 6.37 -18.86 -10.54
N LEU B 89 5.84 -18.18 -9.53
CA LEU B 89 6.22 -16.81 -9.21
C LEU B 89 6.76 -16.74 -7.80
N ASP B 90 7.68 -15.81 -7.58
CA ASP B 90 8.21 -15.52 -6.24
C ASP B 90 7.36 -14.40 -5.66
N TRP B 91 6.74 -14.66 -4.51
CA TRP B 91 5.85 -13.73 -3.85
C TRP B 91 6.53 -13.09 -2.66
N TYR B 92 6.25 -11.82 -2.41
CA TYR B 92 6.69 -11.23 -1.15
C TYR B 92 5.79 -11.66 0.00
N ASP B 93 4.48 -11.54 -0.20
CA ASP B 93 3.47 -12.02 0.75
C ASP B 93 2.59 -13.03 0.02
N ASP B 94 2.21 -14.08 0.73
CA ASP B 94 1.36 -15.10 0.14
C ASP B 94 -0.07 -14.57 -0.02
N PHE B 95 -0.83 -15.23 -0.89
CA PHE B 95 -2.26 -14.98 -1.04
C PHE B 95 -3.05 -15.97 -0.20
N LYS B 96 -4.28 -15.60 0.10
CA LYS B 96 -5.23 -16.47 0.78
C LYS B 96 -6.32 -16.97 -0.17
N THR B 97 -6.93 -16.05 -0.88
CA THR B 97 -8.02 -16.35 -1.79
C THR B 97 -7.45 -16.63 -3.18
N VAL B 98 -7.96 -17.66 -3.85
CA VAL B 98 -7.45 -17.96 -5.18
C VAL B 98 -8.12 -17.08 -6.21
N ARG B 99 -9.46 -16.97 -6.14
CA ARG B 99 -10.20 -16.24 -7.14
C ARG B 99 -11.49 -15.72 -6.55
N ALA B 100 -11.98 -14.62 -7.14
CA ALA B 100 -13.22 -13.99 -6.75
C ALA B 100 -13.60 -13.02 -7.85
N GLY B 101 -14.78 -12.44 -7.74
CA GLY B 101 -15.24 -11.52 -8.75
C GLY B 101 -15.81 -12.24 -9.95
N GLY B 102 -16.12 -11.48 -10.98
CA GLY B 102 -16.73 -12.09 -12.16
C GLY B 102 -16.91 -11.08 -13.29
N PHE B 103 -17.43 -11.63 -14.40
CA PHE B 103 -17.71 -10.85 -15.61
C PHE B 103 -18.72 -9.73 -15.36
N GLU B 104 -19.78 -10.01 -14.59
CA GLU B 104 -20.97 -9.16 -14.63
C GLU B 104 -20.64 -7.73 -14.25
N HIS B 105 -19.91 -7.53 -13.15
CA HIS B 105 -19.54 -6.19 -12.73
C HIS B 105 -18.08 -5.86 -13.04
N GLY B 106 -17.34 -6.80 -13.62
CA GLY B 106 -15.95 -6.57 -13.90
C GLY B 106 -15.17 -6.30 -12.63
N ASP B 107 -15.18 -7.28 -11.73
CA ASP B 107 -14.46 -7.20 -10.46
C ASP B 107 -13.60 -8.44 -10.29
N VAL B 108 -13.11 -8.97 -11.41
CA VAL B 108 -12.32 -10.19 -11.40
C VAL B 108 -11.11 -10.01 -10.48
N GLN B 109 -10.87 -11.01 -9.64
CA GLN B 109 -9.76 -10.99 -8.71
C GLN B 109 -9.04 -12.32 -8.76
N TRP B 110 -7.72 -12.28 -8.68
CA TRP B 110 -6.94 -13.49 -8.55
C TRP B 110 -5.85 -13.27 -7.52
N PHE B 111 -5.69 -14.24 -6.62
CA PHE B 111 -4.67 -14.18 -5.56
C PHE B 111 -4.65 -12.82 -4.86
N PRO B 112 -5.79 -12.25 -4.50
CA PRO B 112 -5.80 -10.81 -4.19
C PRO B 112 -4.93 -10.40 -3.02
N GLU B 113 -4.81 -11.22 -1.97
CA GLU B 113 -4.02 -10.78 -0.83
C GLU B 113 -2.51 -10.86 -1.07
N GLY B 114 -2.09 -11.50 -2.16
CA GLY B 114 -0.67 -11.68 -2.39
C GLY B 114 -0.01 -10.40 -2.89
N THR B 115 1.30 -10.29 -2.63
CA THR B 115 2.12 -9.21 -3.16
C THR B 115 3.35 -9.78 -3.84
N LEU B 116 3.77 -9.09 -4.90
CA LEU B 116 4.90 -9.53 -5.70
C LEU B 116 5.38 -8.32 -6.50
N ASN B 117 6.45 -8.52 -7.27
CA ASN B 117 6.88 -7.52 -8.24
C ASN B 117 7.25 -8.21 -9.55
N ALA B 118 6.80 -7.65 -10.67
CA ALA B 118 7.02 -8.32 -11.95
C ALA B 118 8.47 -8.23 -12.36
N ALA B 119 9.14 -7.11 -12.06
CA ALA B 119 10.56 -7.00 -12.37
C ALA B 119 11.39 -7.96 -11.52
N TYR B 120 11.01 -8.16 -10.25
CA TYR B 120 11.69 -9.18 -9.46
C TYR B 120 11.58 -10.55 -10.11
N ASN B 121 10.39 -10.89 -10.61
CA ASN B 121 10.19 -12.21 -11.17
C ASN B 121 10.82 -12.37 -12.55
N CYS B 122 11.01 -11.27 -13.28
CA CYS B 122 11.57 -11.34 -14.63
C CYS B 122 13.07 -11.11 -14.68
N LEU B 123 13.68 -10.62 -13.60
CA LEU B 123 15.08 -10.24 -13.58
C LEU B 123 15.78 -10.76 -12.32
N ASP B 124 15.53 -10.09 -11.18
CA ASP B 124 16.26 -10.34 -9.95
C ASP B 124 16.46 -11.83 -9.65
N ARG B 125 15.38 -12.60 -9.59
CA ARG B 125 15.50 -13.99 -9.14
C ARG B 125 16.31 -14.83 -10.11
N HIS B 126 16.37 -14.46 -11.39
CA HIS B 126 17.24 -15.12 -12.35
C HIS B 126 18.64 -14.54 -12.31
N TYR B 127 18.78 -13.25 -12.03
CA TYR B 127 20.11 -12.70 -11.86
C TYR B 127 20.82 -13.36 -10.69
N TYR B 128 20.12 -13.60 -9.59
CA TYR B 128 20.75 -14.19 -8.41
C TYR B 128 21.19 -15.62 -8.68
N LYS B 129 20.51 -16.34 -9.57
CA LYS B 129 20.86 -17.73 -9.82
C LYS B 129 21.97 -17.84 -10.86
N ASN B 130 21.78 -17.21 -12.01
CA ASN B 130 22.73 -17.28 -13.12
C ASN B 130 22.87 -15.90 -13.73
N PRO B 131 23.73 -15.05 -13.17
CA PRO B 131 23.80 -13.66 -13.64
C PRO B 131 24.25 -13.50 -15.08
N LYS B 132 25.09 -14.41 -15.60
CA LYS B 132 25.63 -14.24 -16.93
C LYS B 132 24.80 -14.92 -18.00
N LYS B 133 23.80 -15.73 -17.62
CA LYS B 133 22.89 -16.29 -18.60
C LYS B 133 22.29 -15.18 -19.47
N THR B 134 22.08 -15.48 -20.75
CA THR B 134 21.57 -14.50 -21.70
C THR B 134 20.08 -14.28 -21.46
N ALA B 135 19.69 -13.05 -21.14
CA ALA B 135 18.27 -12.71 -21.09
C ALA B 135 17.72 -12.35 -22.47
N ILE B 136 18.45 -11.53 -23.22
CA ILE B 136 17.97 -11.01 -24.48
C ILE B 136 19.02 -11.25 -25.55
N ILE B 137 18.62 -11.93 -26.63
CA ILE B 137 19.35 -11.89 -27.89
C ILE B 137 18.87 -10.65 -28.63
N TYR B 138 19.70 -9.60 -28.62
CA TYR B 138 19.37 -8.37 -29.35
C TYR B 138 19.88 -8.53 -30.79
N GLU B 139 18.98 -8.83 -31.71
CA GLU B 139 19.27 -8.89 -33.14
C GLU B 139 18.97 -7.53 -33.74
N ALA B 140 20.02 -6.75 -33.98
CA ALA B 140 19.87 -5.41 -34.51
C ALA B 140 19.44 -5.45 -35.98
N ASP B 141 19.03 -4.28 -36.48
CA ASP B 141 18.72 -4.17 -37.91
C ASP B 141 19.89 -4.65 -38.75
N GLU B 142 21.08 -4.10 -38.49
CA GLU B 142 22.31 -4.59 -39.12
C GLU B 142 22.80 -5.83 -38.39
N PRO B 143 22.91 -6.97 -39.08
CA PRO B 143 23.18 -8.24 -38.37
C PRO B 143 24.49 -8.26 -37.61
N SER B 144 25.48 -7.44 -38.03
CA SER B 144 26.76 -7.44 -37.34
C SER B 144 26.63 -6.89 -35.92
N GLU B 145 25.69 -5.97 -35.69
CA GLU B 145 25.56 -5.30 -34.40
C GLU B 145 24.75 -6.11 -33.39
N SER B 146 24.42 -7.35 -33.70
CA SER B 146 23.71 -8.19 -32.75
C SER B 146 24.63 -8.57 -31.59
N ARG B 147 24.02 -8.88 -30.45
CA ARG B 147 24.79 -9.29 -29.27
C ARG B 147 23.85 -9.79 -28.19
N GLU B 148 24.38 -10.64 -27.32
CA GLU B 148 23.62 -11.22 -26.22
C GLU B 148 23.68 -10.31 -25.00
N VAL B 149 22.51 -10.10 -24.39
CA VAL B 149 22.38 -9.30 -23.18
C VAL B 149 22.10 -10.25 -22.02
N SER B 150 23.00 -10.24 -21.04
CA SER B 150 22.87 -11.09 -19.88
C SER B 150 21.78 -10.60 -18.93
N TYR B 151 21.33 -11.51 -18.07
CA TYR B 151 20.41 -11.13 -17.01
C TYR B 151 21.00 -10.05 -16.11
N GLU B 152 22.31 -10.14 -15.82
CA GLU B 152 22.99 -9.09 -15.05
C GLU B 152 22.85 -7.72 -15.72
N GLU B 153 23.21 -7.65 -17.01
CA GLU B 153 23.21 -6.38 -17.73
C GLU B 153 21.81 -5.80 -17.88
N LEU B 154 20.81 -6.64 -18.16
CA LEU B 154 19.45 -6.15 -18.30
C LEU B 154 18.90 -5.67 -16.96
N MET B 155 19.23 -6.36 -15.88
CA MET B 155 18.75 -5.94 -14.56
C MET B 155 19.32 -4.57 -14.19
N GLN B 156 20.62 -4.39 -14.42
CA GLN B 156 21.29 -3.13 -14.07
C GLN B 156 20.71 -1.97 -14.85
N GLU B 157 20.50 -2.14 -16.15
CA GLU B 157 19.86 -1.09 -16.95
C GLU B 157 18.42 -0.88 -16.50
N THR B 158 17.71 -1.96 -16.12
CA THR B 158 16.37 -1.77 -15.57
C THR B 158 16.41 -0.94 -14.29
N CYS B 159 17.38 -1.20 -13.42
CA CYS B 159 17.39 -0.49 -12.14
C CYS B 159 17.77 0.98 -12.31
N ARG B 160 18.67 1.28 -13.24
CA ARG B 160 19.05 2.67 -13.50
C ARG B 160 17.89 3.48 -14.04
N VAL B 161 17.16 2.93 -15.02
CA VAL B 161 15.97 3.59 -15.52
C VAL B 161 14.94 3.74 -14.41
N ALA B 162 14.71 2.68 -13.62
CA ALA B 162 13.79 2.81 -12.48
C ALA B 162 14.22 3.95 -11.57
N ASN B 163 15.53 4.06 -11.33
CA ASN B 163 16.04 5.14 -10.48
C ASN B 163 15.85 6.49 -11.14
N VAL B 164 15.99 6.57 -12.47
CA VAL B 164 15.72 7.82 -13.18
C VAL B 164 14.25 8.20 -13.03
N LEU B 165 13.35 7.23 -13.24
CA LEU B 165 11.92 7.51 -13.09
C LEU B 165 11.59 8.02 -11.70
N LYS B 166 12.19 7.45 -10.66
CA LYS B 166 11.86 7.90 -9.31
C LYS B 166 12.33 9.33 -9.10
N SER B 167 13.49 9.70 -9.69
CA SER B 167 13.97 11.07 -9.59
C SER B 167 13.04 12.06 -10.28
N TYR B 168 12.23 11.60 -11.22
CA TYR B 168 11.23 12.47 -11.84
C TYR B 168 9.94 12.55 -11.02
N GLY B 169 9.88 11.91 -9.85
CA GLY B 169 8.67 11.88 -9.06
C GLY B 169 7.61 10.93 -9.54
N VAL B 170 7.98 9.94 -10.36
CA VAL B 170 7.03 8.89 -10.74
C VAL B 170 6.74 8.04 -9.51
N LYS B 171 5.45 7.88 -9.18
CA LYS B 171 5.03 7.11 -8.01
C LYS B 171 4.31 5.84 -8.45
N LYS B 172 4.13 4.94 -7.48
CA LYS B 172 3.30 3.76 -7.66
C LYS B 172 1.93 4.17 -8.22
N GLY B 173 1.49 3.48 -9.26
CA GLY B 173 0.22 3.77 -9.91
C GLY B 173 0.20 4.89 -10.93
N ASP B 174 1.31 5.59 -11.15
CA ASP B 174 1.39 6.59 -12.21
C ASP B 174 1.56 5.91 -13.56
N ALA B 175 1.00 6.53 -14.59
CA ALA B 175 1.16 6.07 -15.96
C ALA B 175 2.45 6.63 -16.56
N VAL B 176 3.18 5.79 -17.28
CA VAL B 176 4.38 6.20 -18.03
C VAL B 176 4.20 5.71 -19.47
N SER B 177 4.24 6.63 -20.44
CA SER B 177 4.14 6.24 -21.84
C SER B 177 5.50 5.82 -22.36
N ILE B 178 5.51 4.79 -23.18
CA ILE B 178 6.72 4.27 -23.81
C ILE B 178 6.50 4.23 -25.31
N TYR B 179 7.40 4.88 -26.06
CA TYR B 179 7.33 4.95 -27.53
C TYR B 179 8.71 4.55 -28.06
N LEU B 180 9.02 3.26 -28.00
CA LEU B 180 10.34 2.75 -28.33
C LEU B 180 10.23 1.69 -29.40
N PRO B 181 11.18 1.67 -30.36
CA PRO B 181 11.24 0.54 -31.31
C PRO B 181 11.90 -0.67 -30.68
N MET B 182 12.18 -1.69 -31.50
CA MET B 182 12.61 -3.00 -31.03
C MET B 182 14.11 -3.06 -30.80
N THR B 183 14.60 -2.21 -29.91
CA THR B 183 15.90 -2.42 -29.31
C THR B 183 15.72 -3.11 -27.96
N TRP B 184 16.83 -3.58 -27.38
CA TRP B 184 16.70 -4.38 -26.17
C TRP B 184 16.36 -3.51 -24.97
N GLN B 185 16.77 -2.24 -24.98
CA GLN B 185 16.43 -1.35 -23.88
C GLN B 185 14.93 -1.22 -23.67
N ALA B 186 14.11 -1.59 -24.67
CA ALA B 186 12.66 -1.52 -24.50
C ALA B 186 12.19 -2.43 -23.39
N ALA B 187 12.81 -3.60 -23.25
CA ALA B 187 12.52 -4.48 -22.13
C ALA B 187 12.88 -3.81 -20.81
N ALA B 188 14.03 -3.12 -20.78
CA ALA B 188 14.43 -2.39 -19.59
C ALA B 188 13.45 -1.28 -19.26
N ALA B 189 12.85 -0.66 -20.28
CA ALA B 189 11.84 0.36 -20.03
C ALA B 189 10.58 -0.25 -19.43
N PHE B 190 10.07 -1.33 -20.01
CA PHE B 190 8.89 -1.99 -19.43
C PHE B 190 9.17 -2.40 -17.99
N LEU B 191 10.31 -3.05 -17.76
CA LEU B 191 10.55 -3.63 -16.44
C LEU B 191 10.89 -2.56 -15.40
N ALA B 192 11.42 -1.40 -15.84
CA ALA B 192 11.70 -0.34 -14.88
C ALA B 192 10.41 0.24 -14.33
N CYS B 193 9.40 0.34 -15.19
CA CYS B 193 8.09 0.79 -14.74
C CYS B 193 7.49 -0.22 -13.75
N ALA B 194 7.51 -1.51 -14.11
CA ALA B 194 6.97 -2.51 -13.20
C ALA B 194 7.75 -2.57 -11.91
N ARG B 195 9.07 -2.30 -11.96
CA ARG B 195 9.89 -2.39 -10.76
C ARG B 195 9.39 -1.43 -9.70
N ILE B 196 8.88 -0.26 -10.11
CA ILE B 196 8.46 0.77 -9.16
C ILE B 196 6.95 0.87 -9.05
N GLY B 197 6.21 0.02 -9.75
CA GLY B 197 4.78 0.07 -9.67
C GLY B 197 4.13 1.07 -10.58
N ALA B 198 4.89 1.68 -11.49
CA ALA B 198 4.28 2.54 -12.48
C ALA B 198 3.57 1.68 -13.53
N ILE B 199 2.60 2.29 -14.20
CA ILE B 199 1.79 1.61 -15.19
C ILE B 199 2.34 2.02 -16.55
N HIS B 200 2.99 1.10 -17.24
CA HIS B 200 3.49 1.52 -18.54
C HIS B 200 2.40 1.42 -19.58
N SER B 201 2.46 2.33 -20.55
CA SER B 201 1.58 2.38 -21.71
C SER B 201 2.47 2.43 -22.96
N ALA B 202 2.78 1.26 -23.52
CA ALA B 202 3.63 1.20 -24.69
C ALA B 202 2.84 1.54 -25.96
N VAL B 203 3.43 2.36 -26.81
CA VAL B 203 2.83 2.80 -28.07
C VAL B 203 3.75 2.33 -29.20
N PHE B 204 3.19 1.54 -30.12
CA PHE B 204 3.96 1.01 -31.23
C PHE B 204 4.72 2.13 -31.95
N ALA B 205 6.03 1.97 -32.08
CA ALA B 205 6.88 3.01 -32.64
C ALA B 205 6.54 3.39 -34.08
N GLY B 206 5.68 2.64 -34.76
CA GLY B 206 5.26 3.04 -36.08
C GLY B 206 4.07 3.98 -36.13
N PHE B 207 3.54 4.36 -34.98
CA PHE B 207 2.32 5.17 -34.93
C PHE B 207 2.59 6.63 -35.27
N SER B 208 1.61 7.25 -35.94
CA SER B 208 1.68 8.66 -36.30
C SER B 208 1.66 9.54 -35.05
N ALA B 209 2.04 10.82 -35.25
CA ALA B 209 2.02 11.77 -34.14
C ALA B 209 0.63 11.88 -33.52
N GLU B 210 -0.41 11.80 -34.36
CA GLU B 210 -1.78 11.90 -33.87
C GLU B 210 -2.15 10.68 -33.01
N SER B 211 -1.79 9.47 -33.45
CA SER B 211 -2.07 8.29 -32.65
C SER B 211 -1.28 8.30 -31.34
N LEU B 212 0.00 8.71 -31.40
CA LEU B 212 0.79 8.86 -30.17
C LEU B 212 0.12 9.81 -29.19
N ARG B 213 -0.20 11.01 -29.66
CA ARG B 213 -0.85 12.02 -28.83
C ARG B 213 -2.09 11.47 -28.13
N ASP B 214 -2.99 10.83 -28.89
CA ASP B 214 -4.23 10.29 -28.33
C ASP B 214 -3.96 9.33 -27.18
N ARG B 215 -2.95 8.48 -27.33
CA ARG B 215 -2.65 7.52 -26.28
C ARG B 215 -1.99 8.18 -25.07
N VAL B 216 -1.09 9.13 -25.32
CA VAL B 216 -0.40 9.84 -24.24
C VAL B 216 -1.39 10.67 -23.42
N ASN B 217 -2.38 11.28 -24.10
CA ASN B 217 -3.37 12.07 -23.37
C ASN B 217 -4.32 11.18 -22.59
N ASP B 218 -4.77 10.06 -23.17
CA ASP B 218 -5.79 9.26 -22.51
C ASP B 218 -5.28 8.67 -21.20
N CYS B 219 -4.03 8.21 -21.19
CA CYS B 219 -3.46 7.64 -19.98
C CYS B 219 -2.93 8.70 -19.04
N GLU B 220 -2.85 9.97 -19.46
CA GLU B 220 -2.49 11.09 -18.59
C GLU B 220 -1.09 10.97 -17.97
N CYS B 221 -0.19 10.21 -18.59
CA CYS B 221 1.19 10.14 -18.11
C CYS B 221 1.86 11.51 -18.09
N LYS B 222 2.81 11.65 -17.19
CA LYS B 222 3.66 12.83 -17.09
C LYS B 222 5.06 12.58 -17.62
N VAL B 223 5.42 11.32 -17.88
CA VAL B 223 6.72 10.92 -18.38
C VAL B 223 6.53 10.07 -19.62
N LEU B 224 7.40 10.28 -20.62
CA LEU B 224 7.44 9.53 -21.86
C LEU B 224 8.87 9.05 -22.10
N ILE B 225 9.02 7.81 -22.52
CA ILE B 225 10.32 7.21 -22.82
C ILE B 225 10.33 6.92 -24.32
N THR B 226 11.41 7.33 -25.00
CA THR B 226 11.46 7.21 -26.46
C THR B 226 12.93 7.20 -26.92
N THR B 227 13.14 7.09 -28.25
CA THR B 227 14.45 7.12 -28.88
C THR B 227 14.65 8.39 -29.69
N ASP B 228 15.92 8.68 -30.01
CA ASP B 228 16.19 9.69 -31.01
C ASP B 228 15.61 9.28 -32.35
N GLU B 229 15.91 8.05 -32.79
CA GLU B 229 15.43 7.47 -34.02
C GLU B 229 15.34 5.96 -33.82
N GLY B 230 14.64 5.30 -34.72
CA GLY B 230 14.68 3.85 -34.79
C GLY B 230 15.25 3.41 -36.12
N ARG B 231 15.70 2.16 -36.21
CA ARG B 231 16.14 1.59 -37.47
C ARG B 231 15.40 0.27 -37.68
N ARG B 232 14.74 0.15 -38.83
CA ARG B 232 14.06 -1.08 -39.16
C ARG B 232 14.15 -1.27 -40.67
N GLY B 233 14.57 -2.45 -41.09
CA GLY B 233 14.63 -2.76 -42.50
C GLY B 233 15.49 -1.80 -43.27
N GLY B 234 16.45 -1.18 -42.58
CA GLY B 234 17.39 -0.29 -43.22
C GLY B 234 16.90 1.13 -43.40
N LYS B 235 15.78 1.50 -42.82
CA LYS B 235 15.25 2.85 -42.92
C LYS B 235 15.25 3.50 -41.53
N THR B 236 15.33 4.82 -41.49
CA THR B 236 15.40 5.56 -40.25
C THR B 236 14.00 6.07 -39.89
N ILE B 237 13.56 5.75 -38.66
CA ILE B 237 12.28 6.18 -38.13
C ILE B 237 12.52 7.39 -37.24
N ALA B 238 11.94 8.52 -37.59
CA ALA B 238 12.25 9.77 -36.91
C ALA B 238 11.37 9.94 -35.66
N THR B 239 11.56 9.00 -34.71
CA THR B 239 10.68 8.94 -33.55
C THR B 239 10.69 10.23 -32.77
N LYS B 240 11.88 10.83 -32.58
CA LYS B 240 11.95 12.05 -31.77
C LYS B 240 11.22 13.19 -32.46
N GLN B 241 11.30 13.27 -33.79
CA GLN B 241 10.54 14.27 -34.52
C GLN B 241 9.04 14.05 -34.36
N ILE B 242 8.61 12.80 -34.44
CA ILE B 242 7.19 12.50 -34.25
C ILE B 242 6.77 12.85 -32.83
N VAL B 243 7.63 12.53 -31.85
CA VAL B 243 7.30 12.83 -30.45
C VAL B 243 7.05 14.33 -30.29
N ASP B 244 7.93 15.14 -30.87
CA ASP B 244 7.83 16.58 -30.69
C ASP B 244 6.53 17.13 -31.27
N ALA B 245 6.14 16.65 -32.45
CA ALA B 245 4.85 17.03 -33.00
C ALA B 245 3.68 16.60 -32.08
N ALA B 246 3.75 15.39 -31.52
CA ALA B 246 2.68 14.96 -30.61
C ALA B 246 2.66 15.78 -29.32
N LEU B 247 3.84 16.06 -28.74
CA LEU B 247 3.88 16.69 -27.42
C LEU B 247 3.35 18.09 -27.41
N GLN B 248 3.34 18.76 -28.57
CA GLN B 248 2.69 20.06 -28.67
C GLN B 248 1.19 19.98 -28.39
N GLN B 249 0.63 18.80 -28.25
CA GLN B 249 -0.77 18.65 -27.90
C GLN B 249 -0.96 17.72 -26.71
N CYS B 250 0.09 17.49 -25.93
CA CYS B 250 0.05 16.67 -24.72
C CYS B 250 0.49 17.56 -23.55
N PRO B 251 -0.45 18.31 -22.96
CA PRO B 251 -0.06 19.29 -21.93
C PRO B 251 0.50 18.67 -20.65
N LEU B 252 0.23 17.40 -20.34
CA LEU B 252 0.64 16.88 -19.05
C LEU B 252 2.06 16.32 -19.03
N VAL B 253 2.70 16.12 -20.17
CA VAL B 253 4.02 15.51 -20.19
C VAL B 253 5.06 16.54 -19.79
N GLU B 254 5.82 16.24 -18.74
CA GLU B 254 6.87 17.11 -18.23
C GLU B 254 8.27 16.59 -18.53
N ASN B 255 8.44 15.28 -18.55
CA ASN B 255 9.76 14.71 -18.75
C ASN B 255 9.72 13.75 -19.93
N VAL B 256 10.75 13.80 -20.76
CA VAL B 256 10.97 12.84 -21.82
C VAL B 256 12.38 12.29 -21.68
N LEU B 257 12.50 10.96 -21.66
CA LEU B 257 13.78 10.27 -21.55
C LEU B 257 14.14 9.70 -22.91
N VAL B 258 15.21 10.19 -23.52
CA VAL B 258 15.53 9.89 -24.91
C VAL B 258 16.71 8.93 -24.97
N LEU B 259 16.47 7.70 -25.46
CA LEU B 259 17.53 6.74 -25.73
C LEU B 259 18.29 7.14 -26.97
N ARG B 260 19.63 7.13 -26.88
CA ARG B 260 20.48 7.51 -27.99
C ARG B 260 20.75 6.27 -28.85
N ARG B 261 19.75 5.89 -29.65
CA ARG B 261 19.84 4.66 -30.43
C ARG B 261 20.75 4.82 -31.67
N THR B 262 20.59 5.91 -32.42
CA THR B 262 21.40 6.11 -33.63
C THR B 262 22.48 7.16 -33.48
N GLY B 263 22.26 8.19 -32.67
CA GLY B 263 23.24 9.25 -32.54
C GLY B 263 23.09 10.40 -33.51
N ASN B 264 22.17 10.32 -34.47
CA ASN B 264 21.93 11.44 -35.36
C ASN B 264 21.36 12.63 -34.61
N LYS B 265 21.71 13.83 -35.06
CA LYS B 265 21.18 15.04 -34.44
C LYS B 265 19.65 15.01 -34.44
N VAL B 266 19.05 15.14 -33.26
CA VAL B 266 17.60 15.31 -33.12
C VAL B 266 17.35 16.49 -32.19
N PRO B 267 16.18 17.12 -32.31
CA PRO B 267 15.85 18.20 -31.38
C PRO B 267 15.69 17.69 -29.95
N MET B 268 16.10 18.53 -29.00
CA MET B 268 15.98 18.23 -27.57
C MET B 268 15.52 19.52 -26.88
N THR B 269 14.30 19.51 -26.36
CA THR B 269 13.77 20.69 -25.69
C THR B 269 14.42 20.81 -24.31
N GLU B 270 14.94 22.00 -24.01
CA GLU B 270 15.66 22.19 -22.76
C GLU B 270 14.74 21.96 -21.56
N GLY B 271 15.23 21.22 -20.58
CA GLY B 271 14.45 20.93 -19.39
C GLY B 271 13.59 19.70 -19.52
N ARG B 272 12.69 19.69 -20.51
CA ARG B 272 11.78 18.57 -20.72
C ARG B 272 12.54 17.29 -21.07
N ASP B 273 13.50 17.39 -21.99
CA ASP B 273 14.11 16.23 -22.64
C ASP B 273 15.47 15.94 -22.05
N LYS B 274 15.71 14.68 -21.67
CA LYS B 274 17.02 14.27 -21.20
C LYS B 274 17.46 13.00 -21.92
N TRP B 275 18.79 12.84 -22.05
CA TRP B 275 19.38 11.65 -22.66
C TRP B 275 19.42 10.49 -21.68
N TRP B 276 18.95 9.33 -22.14
CA TRP B 276 18.87 8.13 -21.32
C TRP B 276 20.23 7.77 -20.70
N ASP B 277 21.29 7.75 -21.52
CA ASP B 277 22.59 7.31 -21.04
C ASP B 277 23.17 8.29 -20.02
N GLU B 278 22.86 9.58 -20.17
CA GLU B 278 23.34 10.61 -19.25
C GLU B 278 22.59 10.53 -17.91
N GLU B 279 21.28 10.35 -17.95
CA GLU B 279 20.52 10.18 -16.73
C GLU B 279 20.92 8.92 -15.99
N CYS B 280 21.04 7.81 -16.71
CA CYS B 280 21.32 6.53 -16.08
C CYS B 280 22.70 6.51 -15.45
N ALA B 281 23.67 7.21 -16.06
CA ALA B 281 25.01 7.28 -15.50
C ALA B 281 25.02 7.94 -14.12
N LYS B 282 24.03 8.77 -13.82
CA LYS B 282 23.98 9.39 -12.50
C LYS B 282 23.45 8.45 -11.40
N MET B 283 22.84 7.33 -11.77
CA MET B 283 22.03 6.52 -10.87
C MET B 283 22.71 5.20 -10.50
N PRO B 284 22.38 4.64 -9.34
CA PRO B 284 22.96 3.36 -8.94
C PRO B 284 22.41 2.23 -9.80
N ALA B 285 23.18 1.16 -9.89
CA ALA B 285 22.84 0.06 -10.78
C ALA B 285 21.94 -0.97 -10.12
N TYR B 286 21.55 -0.76 -8.86
CA TYR B 286 20.44 -1.46 -8.24
C TYR B 286 19.42 -0.45 -7.74
N CYS B 287 18.20 -0.95 -7.52
CA CYS B 287 17.01 -0.21 -7.10
C CYS B 287 16.08 -1.24 -6.44
N PRO B 288 15.49 -0.93 -5.30
CA PRO B 288 14.54 -1.88 -4.68
C PRO B 288 13.26 -2.03 -5.50
N CYS B 289 12.57 -3.15 -5.29
CA CYS B 289 11.29 -3.42 -5.96
C CYS B 289 10.13 -2.92 -5.12
N GLU B 290 9.20 -2.23 -5.77
CA GLU B 290 7.96 -1.89 -5.10
C GLU B 290 7.14 -3.16 -4.91
N ARG B 291 6.60 -3.34 -3.71
CA ARG B 291 5.83 -4.53 -3.39
C ARG B 291 4.40 -4.30 -3.83
N MET B 292 4.01 -4.99 -4.89
CA MET B 292 2.75 -4.71 -5.56
C MET B 292 1.70 -5.73 -5.17
N ALA B 293 0.50 -5.26 -4.91
CA ALA B 293 -0.61 -6.17 -4.74
C ALA B 293 -0.84 -6.92 -6.05
N SER B 294 -1.40 -8.12 -5.93
CA SER B 294 -1.71 -8.93 -7.10
CA SER B 294 -1.71 -8.93 -7.10
C SER B 294 -2.52 -8.15 -8.14
N GLU B 295 -3.52 -7.40 -7.70
CA GLU B 295 -4.44 -6.69 -8.59
C GLU B 295 -4.00 -5.26 -8.89
N ASP B 296 -2.80 -4.85 -8.51
CA ASP B 296 -2.33 -3.56 -8.96
C ASP B 296 -2.16 -3.57 -10.47
N PRO B 297 -2.54 -2.49 -11.16
CA PRO B 297 -2.37 -2.48 -12.62
C PRO B 297 -0.90 -2.60 -12.99
N LEU B 298 -0.62 -3.51 -13.91
CA LEU B 298 0.72 -3.65 -14.46
C LEU B 298 0.89 -2.76 -15.69
N PHE B 299 -0.07 -2.73 -16.61
CA PHE B 299 0.10 -1.85 -17.77
C PHE B 299 -1.23 -1.55 -18.43
N ILE B 300 -1.21 -0.51 -19.25
CA ILE B 300 -2.28 -0.18 -20.17
C ILE B 300 -1.75 -0.42 -21.58
N LEU B 301 -2.54 -1.11 -22.40
CA LEU B 301 -2.19 -1.30 -23.82
C LEU B 301 -3.37 -0.90 -24.68
N TYR B 302 -3.23 0.19 -25.42
CA TYR B 302 -4.26 0.63 -26.36
C TYR B 302 -4.35 -0.31 -27.54
N THR B 303 -5.59 -0.59 -27.95
CA THR B 303 -5.87 -1.31 -29.19
C THR B 303 -6.11 -0.30 -30.31
N SER B 304 -6.91 -0.69 -31.30
CA SER B 304 -7.26 0.19 -32.42
C SER B 304 -8.76 0.45 -32.45
N LYS B 309 -12.60 5.35 -30.64
CA LYS B 309 -11.51 5.88 -29.83
C LYS B 309 -10.59 4.75 -29.33
N PRO B 310 -9.30 5.04 -29.16
CA PRO B 310 -8.37 4.03 -28.66
C PRO B 310 -8.75 3.50 -27.28
N LYS B 311 -8.82 2.18 -27.18
CA LYS B 311 -9.26 1.47 -25.99
C LYS B 311 -8.07 0.98 -25.17
N GLY B 312 -7.93 1.51 -23.95
CA GLY B 312 -6.82 1.18 -23.07
C GLY B 312 -7.04 -0.05 -22.23
N VAL B 313 -6.60 -1.21 -22.73
CA VAL B 313 -6.80 -2.48 -22.06
C VAL B 313 -5.86 -2.58 -20.85
N VAL B 314 -6.42 -2.70 -19.64
CA VAL B 314 -5.64 -2.76 -18.41
C VAL B 314 -5.47 -4.20 -17.97
N HIS B 315 -4.21 -4.62 -17.78
CA HIS B 315 -3.92 -5.88 -17.11
C HIS B 315 -3.39 -5.62 -15.71
N SER B 316 -3.71 -6.52 -14.78
CA SER B 316 -3.14 -6.38 -13.44
C SER B 316 -1.86 -7.22 -13.42
N THR B 317 -1.38 -7.61 -12.23
CA THR B 317 -0.01 -8.09 -12.09
C THR B 317 0.10 -9.61 -11.95
N ALA B 318 -0.45 -10.20 -10.88
CA ALA B 318 -0.14 -11.61 -10.63
C ALA B 318 -0.78 -12.52 -11.65
N GLY B 319 -2.07 -12.32 -11.92
CA GLY B 319 -2.78 -13.19 -12.87
C GLY B 319 -2.22 -13.09 -14.28
N TYR B 320 -1.88 -11.88 -14.72
CA TYR B 320 -1.30 -11.71 -16.05
C TYR B 320 0.06 -12.40 -16.14
N LEU B 321 0.93 -12.12 -15.18
CA LEU B 321 2.26 -12.71 -15.18
C LEU B 321 2.20 -14.23 -15.12
N LEU B 322 1.32 -14.77 -14.27
CA LEU B 322 1.15 -16.22 -14.20
C LEU B 322 0.67 -16.75 -15.53
N GLY B 323 -0.27 -16.02 -16.17
CA GLY B 323 -0.79 -16.46 -17.45
C GLY B 323 0.29 -16.55 -18.51
N THR B 324 1.10 -15.49 -18.65
CA THR B 324 2.15 -15.51 -19.64
C THR B 324 3.20 -16.58 -19.34
N ALA B 325 3.54 -16.79 -18.07
CA ALA B 325 4.58 -17.76 -17.76
C ALA B 325 4.11 -19.18 -18.05
N LEU B 326 2.86 -19.50 -17.71
CA LEU B 326 2.33 -20.84 -17.94
C LEU B 326 2.15 -21.13 -19.43
N THR B 327 1.61 -20.17 -20.20
CA THR B 327 1.45 -20.39 -21.64
C THR B 327 2.80 -20.51 -22.34
N LEU B 328 3.74 -19.62 -22.01
CA LEU B 328 5.08 -19.77 -22.56
C LEU B 328 5.61 -21.18 -22.28
N LYS B 329 5.48 -21.63 -21.03
CA LYS B 329 6.05 -22.92 -20.65
C LYS B 329 5.40 -24.07 -21.39
N TYR B 330 4.07 -24.07 -21.48
CA TYR B 330 3.35 -25.25 -21.98
C TYR B 330 3.03 -25.18 -23.47
N VAL B 331 2.59 -24.02 -23.98
CA VAL B 331 2.29 -23.93 -25.40
C VAL B 331 3.56 -24.10 -26.24
N PHE B 332 4.70 -23.65 -25.73
CA PHE B 332 5.95 -23.68 -26.50
C PHE B 332 6.93 -24.71 -25.96
N ASP B 333 6.50 -25.51 -24.97
CA ASP B 333 7.34 -26.47 -24.26
C ASP B 333 8.73 -25.87 -23.97
N ALA B 334 8.72 -24.81 -23.19
CA ALA B 334 9.96 -24.15 -22.84
C ALA B 334 10.68 -24.91 -21.74
N HIS B 335 12.00 -24.99 -21.86
CA HIS B 335 12.90 -25.61 -20.90
C HIS B 335 14.03 -24.62 -20.65
N PRO B 336 14.78 -24.79 -19.54
CA PRO B 336 15.57 -23.66 -19.03
C PRO B 336 16.63 -23.12 -19.98
N ASP B 337 17.11 -23.89 -20.95
CA ASP B 337 18.15 -23.42 -21.86
C ASP B 337 17.59 -22.96 -23.19
N ASP B 338 16.27 -22.85 -23.32
CA ASP B 338 15.71 -22.52 -24.62
C ASP B 338 16.01 -21.07 -24.98
N ARG B 339 16.13 -20.83 -26.28
CA ARG B 339 16.31 -19.50 -26.85
CA ARG B 339 16.31 -19.50 -26.86
C ARG B 339 15.05 -19.20 -27.67
N PHE B 340 14.12 -18.47 -27.08
CA PHE B 340 12.79 -18.26 -27.64
C PHE B 340 12.81 -17.06 -28.58
N ALA B 341 12.37 -17.28 -29.84
CA ALA B 341 12.46 -16.28 -30.89
C ALA B 341 11.07 -15.81 -31.31
N CYS B 342 10.52 -14.84 -30.58
CA CYS B 342 9.27 -14.21 -30.95
C CYS B 342 9.57 -12.95 -31.74
N MET B 343 9.20 -12.95 -33.02
CA MET B 343 9.60 -11.92 -33.96
C MET B 343 8.60 -10.77 -34.03
N ALA B 344 7.69 -10.68 -33.08
CA ALA B 344 6.71 -9.61 -33.05
C ALA B 344 7.36 -8.34 -32.49
N ASP B 345 6.54 -7.33 -32.18
CA ASP B 345 6.98 -6.04 -31.67
C ASP B 345 6.40 -5.85 -30.27
N ILE B 346 7.22 -5.33 -29.33
CA ILE B 346 6.74 -5.04 -27.98
C ILE B 346 5.62 -4.02 -27.96
N GLY B 347 5.37 -3.33 -29.08
CA GLY B 347 4.23 -2.42 -29.12
C GLY B 347 2.86 -3.09 -29.11
N TRP B 348 2.80 -4.40 -29.32
CA TRP B 348 1.56 -5.15 -29.31
C TRP B 348 1.61 -6.20 -28.20
N ILE B 349 0.45 -6.79 -27.91
CA ILE B 349 0.37 -7.72 -26.78
C ILE B 349 1.25 -8.94 -27.00
N THR B 350 1.47 -9.30 -28.26
CA THR B 350 2.34 -10.45 -28.55
C THR B 350 3.72 -10.25 -27.96
N GLY B 351 4.24 -9.03 -28.02
CA GLY B 351 5.54 -8.75 -27.44
C GLY B 351 5.51 -8.51 -25.94
N HIS B 352 4.42 -7.92 -25.41
CA HIS B 352 4.29 -7.85 -23.96
C HIS B 352 4.40 -9.24 -23.37
N SER B 353 3.57 -10.16 -23.87
CA SER B 353 3.42 -11.47 -23.26
C SER B 353 4.47 -12.48 -23.68
N TYR B 354 4.94 -12.46 -24.94
CA TYR B 354 5.80 -13.54 -25.42
C TYR B 354 7.18 -13.09 -25.91
N ILE B 355 7.53 -11.82 -25.74
CA ILE B 355 8.91 -11.39 -25.78
C ILE B 355 9.40 -11.05 -24.38
N ILE B 356 8.66 -10.22 -23.67
CA ILE B 356 9.15 -9.74 -22.38
C ILE B 356 8.70 -10.64 -21.23
N TYR B 357 7.40 -10.64 -20.90
CA TYR B 357 7.00 -11.11 -19.57
C TYR B 357 7.01 -12.62 -19.45
N GLY B 358 6.45 -13.34 -20.40
CA GLY B 358 6.46 -14.79 -20.37
C GLY B 358 7.86 -15.39 -20.38
N PRO B 359 8.66 -15.02 -21.39
CA PRO B 359 10.01 -15.62 -21.47
C PRO B 359 10.93 -15.22 -20.32
N LEU B 360 10.89 -13.95 -19.92
CA LEU B 360 11.75 -13.53 -18.83
C LEU B 360 11.27 -14.07 -17.49
N ALA B 361 9.94 -14.19 -17.29
CA ALA B 361 9.48 -14.77 -16.04
C ALA B 361 9.92 -16.22 -15.87
N ASN B 362 10.03 -16.96 -16.98
CA ASN B 362 10.49 -18.33 -16.96
C ASN B 362 12.00 -18.45 -16.87
N GLY B 363 12.74 -17.34 -16.90
CA GLY B 363 14.18 -17.36 -16.76
C GLY B 363 14.94 -17.85 -17.98
N ILE B 364 14.30 -17.93 -19.14
CA ILE B 364 14.94 -18.41 -20.35
C ILE B 364 15.47 -17.22 -21.16
N THR B 365 15.87 -17.49 -22.40
CA THR B 365 16.48 -16.49 -23.28
C THR B 365 15.45 -16.05 -24.31
N THR B 366 15.31 -14.75 -24.51
CA THR B 366 14.30 -14.20 -25.41
C THR B 366 14.95 -13.27 -26.43
N ALA B 367 14.37 -13.23 -27.62
CA ALA B 367 14.89 -12.44 -28.73
C ALA B 367 14.13 -11.14 -28.89
N VAL B 368 14.86 -10.06 -29.09
CA VAL B 368 14.31 -8.79 -29.53
C VAL B 368 14.84 -8.56 -30.94
N PHE B 369 13.97 -8.68 -31.94
CA PHE B 369 14.35 -8.67 -33.34
C PHE B 369 14.05 -7.28 -33.91
N GLU B 370 15.11 -6.52 -34.19
CA GLU B 370 14.93 -5.13 -34.57
C GLU B 370 14.58 -4.94 -36.05
N SER B 371 14.74 -5.96 -36.88
CA SER B 371 14.68 -5.79 -38.32
C SER B 371 13.31 -6.24 -38.86
N THR B 372 13.22 -6.41 -40.17
CA THR B 372 12.08 -6.98 -40.89
C THR B 372 12.44 -8.37 -41.37
N PRO B 373 11.46 -9.20 -41.73
CA PRO B 373 11.78 -10.57 -42.16
C PRO B 373 12.54 -10.64 -43.48
N VAL B 374 12.59 -9.54 -44.25
CA VAL B 374 13.24 -9.57 -45.56
C VAL B 374 14.33 -8.51 -45.65
N TYR B 375 14.99 -8.21 -44.52
CA TYR B 375 16.14 -7.33 -44.57
C TYR B 375 17.31 -7.98 -43.83
N PRO B 376 18.50 -8.05 -44.43
CA PRO B 376 18.79 -7.48 -45.76
C PRO B 376 18.14 -8.25 -46.90
N THR B 377 17.97 -9.55 -46.73
CA THR B 377 17.29 -10.42 -47.67
C THR B 377 16.25 -11.23 -46.94
N PRO B 378 15.32 -11.88 -47.67
CA PRO B 378 14.31 -12.73 -47.02
C PRO B 378 14.89 -13.96 -46.33
N SER B 379 16.20 -14.08 -46.31
CA SER B 379 16.85 -15.14 -45.53
C SER B 379 17.03 -14.78 -44.06
N ARG B 380 16.51 -13.64 -43.60
CA ARG B 380 16.90 -13.11 -42.29
C ARG B 380 16.45 -14.03 -41.15
N TYR B 381 15.17 -14.39 -41.10
CA TYR B 381 14.71 -15.28 -40.03
C TYR B 381 15.61 -16.49 -39.91
N TRP B 382 15.95 -17.10 -41.05
CA TRP B 382 16.70 -18.36 -41.03
C TRP B 382 18.18 -18.14 -40.71
N ASP B 383 18.78 -17.05 -41.20
CA ASP B 383 20.08 -16.63 -40.70
C ASP B 383 20.04 -16.49 -39.19
N PHE B 384 19.04 -15.76 -38.68
CA PHE B 384 18.88 -15.59 -37.24
C PHE B 384 18.79 -16.93 -36.53
N VAL B 385 17.97 -17.85 -37.05
CA VAL B 385 17.73 -19.10 -36.33
C VAL B 385 19.02 -19.88 -36.15
N ASP B 386 19.82 -20.02 -37.22
CA ASP B 386 21.03 -20.83 -37.15
C ASP B 386 22.17 -20.11 -36.44
N LYS B 387 22.25 -18.78 -36.53
CA LYS B 387 23.28 -18.05 -35.82
C LYS B 387 23.14 -18.22 -34.31
N TRP B 388 21.91 -18.22 -33.80
CA TRP B 388 21.66 -18.26 -32.38
C TRP B 388 21.14 -19.60 -31.89
N LYS B 389 20.94 -20.55 -32.79
CA LYS B 389 20.36 -21.85 -32.45
C LYS B 389 19.03 -21.70 -31.73
N ALA B 390 18.18 -20.82 -32.27
CA ALA B 390 16.85 -20.60 -31.71
C ALA B 390 16.11 -21.92 -31.60
N THR B 391 15.45 -22.13 -30.46
CA THR B 391 14.73 -23.37 -30.21
C THR B 391 13.24 -23.31 -30.52
N GLN B 392 12.63 -22.12 -30.46
CA GLN B 392 11.25 -21.94 -30.88
C GLN B 392 11.15 -20.65 -31.67
N LEU B 393 10.16 -20.61 -32.56
CA LEU B 393 9.91 -19.47 -33.42
C LEU B 393 8.43 -19.13 -33.39
N TYR B 394 8.12 -17.85 -33.25
CA TYR B 394 6.75 -17.42 -33.04
C TYR B 394 6.54 -16.16 -33.88
N THR B 395 5.75 -16.27 -34.94
CA THR B 395 5.54 -15.12 -35.81
C THR B 395 4.10 -15.15 -36.29
N ALA B 396 3.80 -14.32 -37.29
CA ALA B 396 2.44 -14.10 -37.72
C ALA B 396 2.24 -14.57 -39.16
N PRO B 397 1.01 -14.96 -39.52
CA PRO B 397 0.75 -15.39 -40.91
C PRO B 397 1.13 -14.36 -41.98
N THR B 398 1.12 -13.05 -41.71
CA THR B 398 1.52 -12.11 -42.76
C THR B 398 3.01 -12.27 -43.07
N ALA B 399 3.82 -12.49 -42.04
CA ALA B 399 5.23 -12.77 -42.25
C ALA B 399 5.42 -14.11 -42.96
N ILE B 400 4.68 -15.13 -42.54
CA ILE B 400 4.81 -16.43 -43.21
C ILE B 400 4.46 -16.30 -44.69
N ARG B 401 3.34 -15.63 -45.00
CA ARG B 401 2.98 -15.44 -46.40
C ARG B 401 3.96 -14.53 -47.13
N LEU B 402 4.54 -13.56 -46.42
CA LEU B 402 5.51 -12.66 -47.06
C LEU B 402 6.76 -13.43 -47.50
N LEU B 403 7.31 -14.29 -46.63
CA LEU B 403 8.46 -15.09 -47.05
C LEU B 403 8.05 -16.16 -48.06
N ARG B 404 6.86 -16.73 -47.91
CA ARG B 404 6.40 -17.70 -48.90
C ARG B 404 6.39 -17.07 -50.29
N ARG B 405 6.03 -15.79 -50.37
CA ARG B 405 5.99 -15.09 -51.65
C ARG B 405 7.37 -15.02 -52.31
N MET B 406 8.43 -14.84 -51.50
CA MET B 406 9.76 -14.58 -52.03
C MET B 406 10.52 -15.85 -52.37
N GLY B 407 9.92 -17.02 -52.19
CA GLY B 407 10.47 -18.25 -52.72
C GLY B 407 11.32 -18.99 -51.71
N GLU B 408 11.75 -20.18 -52.12
CA GLU B 408 12.38 -21.13 -51.22
C GLU B 408 13.89 -21.02 -51.19
N ASP B 409 14.50 -20.32 -52.16
CA ASP B 409 15.95 -20.20 -52.17
C ASP B 409 16.47 -19.64 -50.87
N HIS B 410 15.70 -18.75 -50.24
CA HIS B 410 16.14 -18.07 -49.04
C HIS B 410 16.06 -18.92 -47.77
N VAL B 411 15.51 -20.14 -47.84
CA VAL B 411 15.20 -20.88 -46.62
C VAL B 411 15.61 -22.34 -46.75
N LYS B 412 15.58 -22.87 -47.98
CA LYS B 412 15.78 -24.30 -48.17
C LYS B 412 17.20 -24.75 -47.80
N ASN B 413 18.17 -23.84 -47.77
CA ASN B 413 19.57 -24.20 -47.57
C ASN B 413 20.08 -23.76 -46.22
N HIS B 414 19.22 -23.78 -45.21
CA HIS B 414 19.60 -23.59 -43.81
C HIS B 414 19.46 -24.92 -43.09
N ASP B 415 20.11 -25.03 -41.93
CA ASP B 415 19.88 -26.19 -41.08
C ASP B 415 18.54 -26.08 -40.35
N LEU B 416 18.43 -25.09 -39.45
CA LEU B 416 17.21 -24.81 -38.69
C LEU B 416 16.81 -25.94 -37.76
N SER B 417 17.70 -26.93 -37.55
CA SER B 417 17.32 -28.07 -36.73
C SER B 417 17.34 -27.75 -35.24
N SER B 418 17.78 -26.56 -34.84
CA SER B 418 17.61 -26.16 -33.44
C SER B 418 16.17 -25.89 -33.08
N LEU B 419 15.29 -25.75 -34.07
CA LEU B 419 13.89 -25.46 -33.82
C LEU B 419 13.11 -26.73 -33.47
N ARG B 420 12.24 -26.63 -32.48
CA ARG B 420 11.30 -27.70 -32.16
C ARG B 420 9.84 -27.28 -32.27
N VAL B 421 9.53 -26.00 -32.11
CA VAL B 421 8.15 -25.50 -32.14
C VAL B 421 8.11 -24.24 -32.97
N LEU B 422 7.12 -24.16 -33.84
CA LEU B 422 6.89 -22.99 -34.69
C LEU B 422 5.51 -22.46 -34.39
N GLY B 423 5.43 -21.18 -34.05
CA GLY B 423 4.20 -20.56 -33.61
C GLY B 423 3.64 -19.59 -34.63
N SER B 424 2.32 -19.47 -34.64
CA SER B 424 1.61 -18.55 -35.52
C SER B 424 0.55 -17.83 -34.71
N VAL B 425 0.46 -16.51 -34.86
CA VAL B 425 -0.46 -15.71 -34.06
C VAL B 425 -0.98 -14.54 -34.91
N GLY B 426 -2.25 -14.18 -34.68
CA GLY B 426 -2.75 -12.90 -35.12
C GLY B 426 -3.98 -12.95 -36.00
N GLU B 427 -4.09 -14.02 -36.77
CA GLU B 427 -5.21 -14.22 -37.69
C GLU B 427 -5.21 -15.70 -38.06
N PRO B 428 -6.27 -16.18 -38.73
CA PRO B 428 -6.24 -17.56 -39.20
C PRO B 428 -5.07 -17.75 -40.15
N ILE B 429 -4.38 -18.87 -40.03
CA ILE B 429 -3.31 -19.20 -40.96
C ILE B 429 -3.88 -20.10 -42.05
N ASN B 430 -3.85 -19.63 -43.29
CA ASN B 430 -4.28 -20.46 -44.41
C ASN B 430 -3.56 -21.79 -44.38
N PRO B 431 -4.25 -22.91 -44.58
CA PRO B 431 -3.57 -24.20 -44.63
C PRO B 431 -2.38 -24.22 -45.57
N GLU B 432 -2.50 -23.56 -46.73
CA GLU B 432 -1.39 -23.47 -47.66
C GLU B 432 -0.16 -22.87 -46.99
N ALA B 433 -0.34 -21.78 -46.24
CA ALA B 433 0.76 -21.18 -45.50
C ALA B 433 1.24 -22.08 -44.37
N TRP B 434 0.31 -22.69 -43.65
CA TRP B 434 0.65 -23.68 -42.62
C TRP B 434 1.59 -24.74 -43.18
N HIS B 435 1.29 -25.27 -44.37
CA HIS B 435 2.15 -26.31 -44.92
C HIS B 435 3.52 -25.77 -45.33
N TRP B 436 3.58 -24.50 -45.78
CA TRP B 436 4.88 -23.93 -46.11
C TRP B 436 5.74 -23.71 -44.86
N TYR B 437 5.12 -23.20 -43.79
CA TYR B 437 5.77 -23.10 -42.49
C TYR B 437 6.26 -24.47 -42.03
N ASN B 438 5.41 -25.48 -42.17
CA ASN B 438 5.73 -26.81 -41.66
C ASN B 438 6.80 -27.49 -42.51
N ASP B 439 6.78 -27.25 -43.83
CA ASP B 439 7.73 -27.91 -44.72
C ASP B 439 9.10 -27.24 -44.72
N PHE B 440 9.15 -25.91 -44.70
CA PHE B 440 10.40 -25.20 -44.92
C PHE B 440 10.99 -24.59 -43.67
N ALA B 441 10.18 -23.98 -42.80
CA ALA B 441 10.74 -23.53 -41.53
C ALA B 441 11.12 -24.70 -40.66
N GLY B 442 10.23 -25.69 -40.54
CA GLY B 442 10.43 -26.82 -39.66
C GLY B 442 10.98 -28.07 -40.29
N LYS B 443 11.17 -28.08 -41.62
CA LYS B 443 11.58 -29.29 -42.35
C LYS B 443 10.77 -30.51 -41.92
N ASN B 444 9.47 -30.30 -41.70
CA ASN B 444 8.54 -31.35 -41.26
C ASN B 444 8.94 -31.99 -39.93
N GLN B 445 9.84 -31.35 -39.18
CA GLN B 445 10.33 -31.91 -37.93
C GLN B 445 10.00 -31.06 -36.71
N CYS B 446 9.12 -30.06 -36.85
CA CYS B 446 8.67 -29.22 -35.74
C CYS B 446 7.17 -29.33 -35.57
N ALA B 447 6.70 -29.11 -34.34
CA ALA B 447 5.28 -28.93 -34.11
C ALA B 447 4.88 -27.49 -34.43
N ILE B 448 3.68 -27.34 -34.98
CA ILE B 448 3.14 -26.02 -35.30
C ILE B 448 2.10 -25.69 -34.25
N VAL B 449 2.27 -24.56 -33.55
CA VAL B 449 1.27 -24.10 -32.60
C VAL B 449 0.59 -22.85 -33.18
N ASP B 450 -0.66 -23.04 -33.58
CA ASP B 450 -1.56 -21.96 -34.00
C ASP B 450 -2.23 -21.45 -32.73
N THR B 451 -1.83 -20.26 -32.28
CA THR B 451 -2.24 -19.74 -30.97
C THR B 451 -3.29 -18.66 -31.15
N TYR B 452 -4.49 -18.90 -30.65
CA TYR B 452 -5.56 -17.91 -30.67
C TYR B 452 -5.66 -17.22 -29.33
N TRP B 453 -5.76 -15.89 -29.35
CA TRP B 453 -5.99 -15.10 -28.15
C TRP B 453 -6.19 -13.66 -28.59
N MET B 454 -6.33 -12.77 -27.62
CA MET B 454 -6.53 -11.36 -27.90
C MET B 454 -5.79 -10.56 -26.84
N THR B 455 -5.57 -9.27 -27.13
CA THR B 455 -5.04 -8.34 -26.13
C THR B 455 -5.78 -8.45 -24.81
N GLU B 456 -7.11 -8.61 -24.87
CA GLU B 456 -7.95 -8.65 -23.68
C GLU B 456 -7.84 -9.96 -22.90
N THR B 457 -7.31 -11.03 -23.51
CA THR B 457 -7.13 -12.29 -22.79
C THR B 457 -5.78 -12.40 -22.11
N GLY B 458 -4.84 -11.51 -22.42
CA GLY B 458 -3.55 -11.49 -21.74
C GLY B 458 -2.58 -12.56 -22.19
N SER B 459 -3.08 -13.76 -22.39
CA SER B 459 -2.23 -14.88 -22.76
C SER B 459 -3.02 -15.81 -23.67
N ILE B 460 -2.30 -16.80 -24.22
CA ILE B 460 -2.85 -17.69 -25.25
C ILE B 460 -4.07 -18.42 -24.73
N SER B 461 -5.18 -18.34 -25.47
CA SER B 461 -6.46 -18.89 -25.03
C SER B 461 -6.71 -20.30 -25.56
N ILE B 462 -6.38 -20.56 -26.84
CA ILE B 462 -6.57 -21.85 -27.49
C ILE B 462 -5.33 -22.13 -28.34
N ALA B 463 -4.70 -23.29 -28.15
CA ALA B 463 -3.54 -23.67 -28.94
C ALA B 463 -3.30 -25.15 -28.73
N PRO B 464 -2.52 -25.79 -29.61
CA PRO B 464 -2.04 -27.15 -29.31
C PRO B 464 -0.90 -27.14 -28.29
N LEU B 465 -0.91 -28.11 -27.40
CA LEU B 465 0.27 -28.41 -26.63
C LEU B 465 1.17 -29.31 -27.47
N PRO B 466 2.37 -28.83 -27.85
CA PRO B 466 3.05 -29.41 -29.02
C PRO B 466 3.60 -30.80 -28.79
N GLY B 467 3.71 -31.25 -27.55
CA GLY B 467 4.08 -32.61 -27.26
C GLY B 467 2.91 -33.54 -27.09
N ALA B 468 1.68 -33.01 -27.21
CA ALA B 468 0.50 -33.82 -26.96
C ALA B 468 -0.51 -33.83 -28.11
N ILE B 469 -0.70 -32.72 -28.81
CA ILE B 469 -1.87 -32.54 -29.67
C ILE B 469 -1.49 -32.81 -31.12
N SER B 470 -2.32 -33.59 -31.81
CA SER B 470 -2.13 -33.81 -33.24
C SER B 470 -2.82 -32.67 -34.00
N THR B 471 -2.05 -32.00 -34.87
CA THR B 471 -2.50 -30.72 -35.42
C THR B 471 -3.18 -30.89 -36.77
N LYS B 472 -4.21 -30.06 -36.99
CA LYS B 472 -4.90 -29.85 -38.26
C LYS B 472 -4.52 -28.48 -38.80
N PRO B 473 -4.17 -28.33 -40.08
CA PRO B 473 -3.75 -27.02 -40.57
C PRO B 473 -4.90 -26.03 -40.47
N GLY B 474 -4.65 -24.90 -39.79
CA GLY B 474 -5.63 -23.86 -39.63
C GLY B 474 -6.47 -23.92 -38.36
N SER B 475 -6.24 -24.90 -37.50
CA SER B 475 -7.02 -25.08 -36.28
C SER B 475 -6.19 -24.71 -35.07
N ALA B 476 -6.76 -23.91 -34.17
CA ALA B 476 -6.13 -23.68 -32.87
C ALA B 476 -6.24 -24.89 -31.94
N THR B 477 -7.08 -25.87 -32.30
CA THR B 477 -7.34 -27.12 -31.58
C THR B 477 -8.08 -26.89 -30.26
N PHE B 478 -7.37 -26.84 -29.13
CA PHE B 478 -8.00 -27.04 -27.84
C PHE B 478 -7.63 -25.95 -26.84
N PRO B 479 -8.54 -25.61 -25.92
CA PRO B 479 -8.32 -24.48 -25.02
C PRO B 479 -7.16 -24.72 -24.06
N PHE B 480 -6.53 -23.63 -23.67
CA PHE B 480 -5.45 -23.70 -22.69
C PHE B 480 -6.03 -23.88 -21.29
N PHE B 481 -5.15 -24.26 -20.36
CA PHE B 481 -5.46 -24.33 -18.94
C PHE B 481 -6.23 -23.10 -18.46
N GLY B 482 -7.35 -23.33 -17.78
CA GLY B 482 -8.16 -22.24 -17.27
C GLY B 482 -9.20 -21.69 -18.22
N MET B 483 -9.15 -22.05 -19.50
CA MET B 483 -10.11 -21.57 -20.48
C MET B 483 -11.16 -22.66 -20.69
N ASP B 484 -12.40 -22.36 -20.30
CA ASP B 484 -13.56 -23.21 -20.61
C ASP B 484 -14.41 -22.44 -21.60
N VAL B 485 -14.34 -22.82 -22.87
CA VAL B 485 -14.96 -22.07 -23.94
C VAL B 485 -16.12 -22.87 -24.50
N ASP B 486 -17.15 -22.15 -24.93
CA ASP B 486 -18.29 -22.76 -25.62
C ASP B 486 -18.60 -21.96 -26.87
N ILE B 487 -19.55 -22.47 -27.64
CA ILE B 487 -20.04 -21.82 -28.85
C ILE B 487 -21.52 -21.53 -28.67
N ILE B 488 -21.92 -20.29 -28.94
CA ILE B 488 -23.29 -19.85 -28.77
C ILE B 488 -23.86 -19.51 -30.14
N ASP B 489 -25.08 -19.96 -30.40
CA ASP B 489 -25.86 -19.55 -31.56
C ASP B 489 -26.26 -18.11 -31.34
N PRO B 490 -25.77 -17.16 -32.13
CA PRO B 490 -26.06 -15.75 -31.85
C PRO B 490 -27.53 -15.39 -31.96
N GLN B 491 -28.28 -16.02 -32.88
CA GLN B 491 -29.72 -15.78 -32.93
C GLN B 491 -30.42 -16.37 -31.71
N THR B 492 -29.97 -17.53 -31.26
CA THR B 492 -30.57 -18.27 -30.15
C THR B 492 -30.08 -17.80 -28.79
N GLY B 493 -28.85 -17.31 -28.71
CA GLY B 493 -28.26 -16.94 -27.43
C GLY B 493 -27.91 -18.11 -26.54
N GLN B 494 -28.13 -19.34 -26.98
CA GLN B 494 -27.91 -20.51 -26.15
C GLN B 494 -26.66 -21.25 -26.59
N VAL B 495 -26.02 -21.92 -25.61
CA VAL B 495 -24.83 -22.72 -25.92
C VAL B 495 -25.22 -23.88 -26.82
N LEU B 496 -24.44 -24.10 -27.87
CA LEU B 496 -24.61 -25.23 -28.76
C LEU B 496 -23.76 -26.39 -28.24
N GLU B 497 -24.39 -27.39 -27.65
CA GLU B 497 -23.65 -28.47 -27.02
C GLU B 497 -23.22 -29.49 -28.07
N GLY B 498 -22.02 -30.03 -27.90
CA GLY B 498 -21.56 -31.11 -28.74
C GLY B 498 -20.46 -30.73 -29.71
N ASN B 499 -20.37 -31.47 -30.81
CA ASN B 499 -19.36 -31.24 -31.82
C ASN B 499 -20.03 -30.91 -33.14
N ASP B 500 -19.21 -30.50 -34.11
CA ASP B 500 -19.68 -30.10 -35.44
C ASP B 500 -20.72 -28.98 -35.34
N VAL B 501 -20.40 -27.94 -34.56
CA VAL B 501 -21.27 -26.80 -34.36
C VAL B 501 -20.49 -25.50 -34.62
N GLU B 502 -21.25 -24.43 -34.84
CA GLU B 502 -20.70 -23.18 -35.33
C GLU B 502 -21.51 -22.03 -34.75
N GLY B 503 -20.84 -20.95 -34.36
CA GLY B 503 -21.51 -19.80 -33.77
C GLY B 503 -20.50 -18.78 -33.31
N VAL B 504 -20.68 -18.18 -32.15
CA VAL B 504 -19.74 -17.19 -31.61
C VAL B 504 -19.06 -17.80 -30.38
N LEU B 505 -17.75 -17.58 -30.29
CA LEU B 505 -16.96 -18.11 -29.19
C LEU B 505 -17.21 -17.31 -27.93
N VAL B 506 -17.37 -18.02 -26.80
CA VAL B 506 -17.52 -17.41 -25.48
C VAL B 506 -16.71 -18.21 -24.47
N ALA B 507 -16.37 -17.55 -23.36
CA ALA B 507 -15.70 -18.19 -22.25
C ALA B 507 -16.62 -18.22 -21.04
N ARG B 508 -16.59 -19.34 -20.31
CA ARG B 508 -17.57 -19.59 -19.25
C ARG B 508 -17.21 -18.89 -17.93
N ARG B 509 -15.94 -18.89 -17.54
CA ARG B 509 -15.50 -18.36 -16.27
C ARG B 509 -14.28 -17.48 -16.47
N PRO B 510 -14.02 -16.56 -15.55
CA PRO B 510 -12.77 -15.78 -15.62
C PRO B 510 -11.54 -16.68 -15.55
N TRP B 511 -10.45 -16.21 -16.15
CA TRP B 511 -9.14 -16.85 -16.10
C TRP B 511 -8.16 -15.82 -15.55
N PRO B 512 -7.00 -16.24 -15.04
CA PRO B 512 -6.15 -15.28 -14.28
C PRO B 512 -5.66 -14.10 -15.10
N SER B 513 -5.39 -14.24 -16.40
CA SER B 513 -4.75 -13.14 -17.12
C SER B 513 -5.73 -12.25 -17.87
N ILE B 514 -7.05 -12.42 -17.67
CA ILE B 514 -8.01 -11.59 -18.39
C ILE B 514 -7.83 -10.11 -18.04
N ALA B 515 -8.09 -9.25 -19.01
CA ALA B 515 -8.08 -7.81 -18.77
C ALA B 515 -9.06 -7.45 -17.67
N ARG B 516 -8.65 -6.55 -16.77
CA ARG B 516 -9.49 -6.19 -15.63
C ARG B 516 -10.41 -5.02 -15.93
N THR B 517 -10.02 -4.09 -16.83
CA THR B 517 -10.87 -2.96 -17.18
C THR B 517 -10.39 -2.35 -18.49
N VAL B 518 -11.12 -1.34 -18.95
CA VAL B 518 -10.64 -0.41 -19.96
C VAL B 518 -10.36 0.89 -19.23
N TYR B 519 -9.19 1.46 -19.50
CA TYR B 519 -8.67 2.51 -18.65
C TYR B 519 -9.64 3.69 -18.57
N ARG B 520 -10.11 3.97 -17.35
CA ARG B 520 -11.09 5.01 -17.04
C ARG B 520 -12.35 4.91 -17.90
N ASP B 521 -12.69 3.71 -18.37
CA ASP B 521 -13.90 3.53 -19.14
C ASP B 521 -14.45 2.13 -18.86
N HIS B 522 -14.70 1.84 -17.59
CA HIS B 522 -15.19 0.53 -17.20
C HIS B 522 -16.52 0.22 -17.89
N LYS B 523 -17.34 1.24 -18.16
CA LYS B 523 -18.60 1.01 -18.85
C LYS B 523 -18.35 0.38 -20.23
N ARG B 524 -17.34 0.86 -20.95
CA ARG B 524 -17.04 0.27 -22.24
C ARG B 524 -16.58 -1.17 -22.11
N TYR B 525 -15.81 -1.47 -21.06
CA TYR B 525 -15.35 -2.83 -20.83
C TYR B 525 -16.54 -3.78 -20.62
N LEU B 526 -17.49 -3.41 -19.75
CA LEU B 526 -18.64 -4.29 -19.52
C LEU B 526 -19.52 -4.37 -20.77
N GLU B 527 -19.75 -3.24 -21.43
CA GLU B 527 -20.63 -3.23 -22.60
C GLU B 527 -20.07 -4.05 -23.75
N THR B 528 -18.74 -4.07 -23.91
CA THR B 528 -18.13 -4.76 -25.05
C THR B 528 -18.04 -6.26 -24.82
N TYR B 529 -17.53 -6.70 -23.67
CA TYR B 529 -17.25 -8.13 -23.49
C TYR B 529 -18.27 -8.86 -22.61
N MET B 530 -18.96 -8.16 -21.70
CA MET B 530 -19.74 -8.82 -20.65
C MET B 530 -21.24 -8.73 -20.82
N LYS B 531 -21.73 -7.72 -21.52
CA LYS B 531 -23.17 -7.56 -21.73
C LYS B 531 -23.70 -8.42 -22.88
N PRO B 532 -22.99 -8.57 -24.02
CA PRO B 532 -23.62 -9.31 -25.15
C PRO B 532 -24.16 -10.69 -24.77
N TYR B 533 -23.46 -11.46 -23.92
CA TYR B 533 -23.94 -12.75 -23.46
C TYR B 533 -23.67 -12.84 -21.97
N PRO B 534 -24.63 -12.46 -21.13
CA PRO B 534 -24.37 -12.40 -19.69
C PRO B 534 -23.95 -13.75 -19.13
N GLY B 535 -23.03 -13.72 -18.19
CA GLY B 535 -22.45 -14.93 -17.65
C GLY B 535 -21.25 -15.43 -18.43
N TYR B 536 -20.93 -14.79 -19.55
CA TYR B 536 -19.88 -15.22 -20.45
C TYR B 536 -19.00 -14.02 -20.77
N PHE B 537 -17.80 -14.32 -21.24
CA PHE B 537 -16.94 -13.35 -21.91
C PHE B 537 -17.11 -13.57 -23.40
N PHE B 538 -17.36 -12.49 -24.13
CA PHE B 538 -17.55 -12.51 -25.57
C PHE B 538 -16.27 -12.05 -26.29
N PHE B 539 -15.65 -12.96 -27.04
CA PHE B 539 -14.41 -12.62 -27.75
C PHE B 539 -14.65 -11.72 -28.95
N GLY B 540 -15.82 -11.82 -29.59
CA GLY B 540 -16.07 -11.09 -30.82
C GLY B 540 -15.67 -11.84 -32.07
N ASP B 541 -15.33 -13.13 -31.94
CA ASP B 541 -14.94 -13.97 -33.06
C ASP B 541 -15.99 -15.05 -33.32
N GLY B 542 -16.18 -15.38 -34.58
CA GLY B 542 -16.90 -16.58 -34.92
C GLY B 542 -16.02 -17.81 -34.78
N ALA B 543 -16.64 -18.92 -34.41
CA ALA B 543 -15.88 -20.11 -34.10
C ALA B 543 -16.69 -21.33 -34.46
N ALA B 544 -16.00 -22.41 -34.77
CA ALA B 544 -16.61 -23.71 -35.01
C ALA B 544 -15.82 -24.77 -34.28
N ARG B 545 -16.51 -25.75 -33.72
CA ARG B 545 -15.90 -26.94 -33.16
C ARG B 545 -16.31 -28.12 -34.04
N ASP B 546 -15.33 -28.82 -34.59
CA ASP B 546 -15.60 -29.82 -35.62
C ASP B 546 -15.96 -31.16 -34.98
N TYR B 547 -16.02 -32.21 -35.80
CA TYR B 547 -16.50 -33.51 -35.33
C TYR B 547 -15.55 -34.14 -34.33
N ASP B 548 -14.23 -33.89 -34.46
CA ASP B 548 -13.24 -34.41 -33.53
C ASP B 548 -13.06 -33.51 -32.30
N GLY B 549 -13.86 -32.47 -32.16
CA GLY B 549 -13.70 -31.54 -31.06
C GLY B 549 -12.69 -30.43 -31.28
N TYR B 550 -12.05 -30.39 -32.45
CA TYR B 550 -11.08 -29.35 -32.73
C TYR B 550 -11.77 -28.02 -32.97
N MET B 551 -11.22 -26.95 -32.41
CA MET B 551 -11.79 -25.62 -32.56
C MET B 551 -11.16 -24.88 -33.74
N TRP B 552 -12.01 -24.24 -34.53
CA TRP B 552 -11.59 -23.44 -35.67
C TRP B 552 -12.03 -22.00 -35.44
N ILE B 553 -11.06 -21.10 -35.37
CA ILE B 553 -11.37 -19.67 -35.32
C ILE B 553 -11.52 -19.18 -36.75
N LYS B 554 -12.70 -18.68 -37.11
CA LYS B 554 -12.92 -18.34 -38.51
C LYS B 554 -12.81 -16.84 -38.83
N GLY B 555 -13.12 -15.95 -37.89
CA GLY B 555 -12.98 -14.53 -38.13
C GLY B 555 -13.76 -13.72 -37.12
N ARG B 556 -13.58 -12.40 -37.21
CA ARG B 556 -14.38 -11.50 -36.39
C ARG B 556 -15.85 -11.59 -36.77
N VAL B 557 -16.72 -11.47 -35.76
CA VAL B 557 -18.16 -11.52 -35.97
C VAL B 557 -18.59 -10.44 -36.96
N ASP B 558 -18.02 -9.24 -36.83
CA ASP B 558 -18.35 -8.09 -37.65
C ASP B 558 -17.92 -8.21 -39.10
N ASP B 559 -17.11 -9.20 -39.45
CA ASP B 559 -16.49 -9.25 -40.78
C ASP B 559 -17.09 -10.33 -41.68
N VAL B 560 -18.26 -10.86 -41.33
CA VAL B 560 -18.88 -11.94 -42.08
C VAL B 560 -19.50 -11.42 -43.38
N ILE B 561 -19.39 -12.21 -44.44
CA ILE B 561 -20.00 -11.92 -45.73
C ILE B 561 -21.15 -12.89 -45.90
N ASN B 562 -22.35 -12.34 -46.14
CA ASN B 562 -23.56 -13.14 -46.32
CA ASN B 562 -23.57 -13.14 -46.33
C ASN B 562 -23.96 -13.07 -47.80
N VAL B 563 -23.85 -14.18 -48.51
CA VAL B 563 -24.18 -14.27 -49.93
C VAL B 563 -25.33 -15.26 -50.10
N SER B 564 -26.51 -14.77 -50.47
CA SER B 564 -27.67 -15.60 -50.70
C SER B 564 -27.98 -16.50 -49.49
N GLY B 565 -27.79 -15.96 -48.28
CA GLY B 565 -28.05 -16.70 -47.04
C GLY B 565 -26.88 -17.51 -46.53
N HIS B 566 -25.77 -17.61 -47.27
CA HIS B 566 -24.59 -18.33 -46.81
C HIS B 566 -23.63 -17.34 -46.16
N ARG B 567 -23.36 -17.52 -44.87
CA ARG B 567 -22.42 -16.69 -44.16
C ARG B 567 -21.00 -17.17 -44.40
N LEU B 568 -20.11 -16.25 -44.74
CA LEU B 568 -18.74 -16.58 -45.11
C LEU B 568 -17.76 -15.84 -44.21
N SER B 569 -16.71 -16.53 -43.80
CA SER B 569 -15.53 -15.86 -43.27
C SER B 569 -14.61 -15.49 -44.43
N THR B 570 -13.89 -14.39 -44.25
CA THR B 570 -12.86 -14.03 -45.23
C THR B 570 -11.75 -15.07 -45.28
N ALA B 571 -11.38 -15.62 -44.12
CA ALA B 571 -10.28 -16.59 -44.07
C ALA B 571 -10.57 -17.82 -44.91
N GLU B 572 -11.83 -18.27 -44.92
CA GLU B 572 -12.09 -19.49 -45.67
C GLU B 572 -12.03 -19.24 -47.17
N VAL B 573 -12.50 -18.07 -47.63
CA VAL B 573 -12.40 -17.81 -49.06
C VAL B 573 -10.94 -17.53 -49.43
N GLU B 574 -10.21 -16.83 -48.56
CA GLU B 574 -8.81 -16.56 -48.81
C GLU B 574 -7.97 -17.83 -48.78
N SER B 575 -8.32 -18.78 -47.92
CA SER B 575 -7.63 -20.07 -47.93
C SER B 575 -7.89 -20.82 -49.22
N ALA B 576 -9.10 -20.71 -49.75
CA ALA B 576 -9.39 -21.36 -51.03
C ALA B 576 -8.58 -20.73 -52.17
N LEU B 577 -8.50 -19.39 -52.20
CA LEU B 577 -7.80 -18.74 -53.30
C LEU B 577 -6.32 -19.08 -53.32
N ILE B 578 -5.69 -19.21 -52.16
CA ILE B 578 -4.25 -19.43 -52.10
C ILE B 578 -3.86 -20.87 -52.42
N LEU B 579 -4.83 -21.77 -52.60
CA LEU B 579 -4.52 -23.10 -53.12
C LEU B 579 -4.10 -23.07 -54.57
N HIS B 580 -4.42 -21.99 -55.29
CA HIS B 580 -4.01 -21.87 -56.69
C HIS B 580 -2.52 -21.55 -56.78
N LYS B 581 -1.84 -22.25 -57.69
CA LYS B 581 -0.41 -22.07 -57.90
C LYS B 581 -0.10 -20.61 -58.25
N GLY B 582 0.94 -20.06 -57.63
CA GLY B 582 1.34 -18.69 -57.89
C GLY B 582 0.73 -17.65 -56.97
N VAL B 583 -0.32 -17.96 -56.24
CA VAL B 583 -0.96 -16.96 -55.38
C VAL B 583 -0.12 -16.76 -54.13
N ALA B 584 0.17 -15.50 -53.82
CA ALA B 584 0.90 -15.14 -52.61
C ALA B 584 -0.01 -14.78 -51.44
N GLU B 585 -1.07 -14.03 -51.69
CA GLU B 585 -1.88 -13.49 -50.61
C GLU B 585 -3.13 -12.86 -51.22
N THR B 586 -4.24 -12.95 -50.49
CA THR B 586 -5.50 -12.39 -50.95
C THR B 586 -6.22 -11.72 -49.78
N ALA B 587 -7.15 -10.83 -50.12
CA ALA B 587 -8.03 -10.21 -49.16
C ALA B 587 -9.40 -10.12 -49.82
N VAL B 588 -10.40 -10.78 -49.27
CA VAL B 588 -11.72 -10.70 -49.85
C VAL B 588 -12.57 -9.75 -49.02
N VAL B 589 -13.47 -9.06 -49.70
CA VAL B 589 -14.40 -8.13 -49.08
C VAL B 589 -15.80 -8.46 -49.59
N GLY B 590 -16.79 -8.11 -48.81
CA GLY B 590 -18.15 -8.20 -49.28
C GLY B 590 -18.60 -6.84 -49.80
N CYS B 591 -19.50 -6.88 -50.78
CA CYS B 591 -20.11 -5.66 -51.28
C CYS B 591 -21.59 -5.93 -51.44
N ALA B 592 -22.41 -4.90 -51.25
CA ALA B 592 -23.85 -5.08 -51.37
C ALA B 592 -24.21 -5.56 -52.78
N ASP B 593 -25.23 -6.42 -52.85
CA ASP B 593 -25.73 -6.90 -54.13
C ASP B 593 -27.25 -7.01 -54.04
N ASP B 594 -27.92 -6.56 -55.10
CA ASP B 594 -29.38 -6.48 -55.08
C ASP B 594 -30.03 -7.85 -55.09
N LEU B 595 -29.38 -8.86 -55.66
CA LEU B 595 -30.01 -10.17 -55.79
C LEU B 595 -29.49 -11.18 -54.78
N THR B 596 -28.28 -11.00 -54.25
CA THR B 596 -27.71 -11.93 -53.30
C THR B 596 -27.44 -11.31 -51.95
N GLY B 597 -27.81 -10.05 -51.73
CA GLY B 597 -27.55 -9.36 -50.48
C GLY B 597 -26.15 -8.80 -50.44
N GLN B 598 -25.16 -9.69 -50.48
CA GLN B 598 -23.77 -9.31 -50.70
C GLN B 598 -23.15 -10.20 -51.76
N ALA B 599 -22.01 -9.75 -52.27
CA ALA B 599 -21.18 -10.57 -53.14
C ALA B 599 -19.74 -10.45 -52.67
N VAL B 600 -18.96 -11.50 -52.93
CA VAL B 600 -17.55 -11.53 -52.58
C VAL B 600 -16.76 -10.83 -53.67
N TYR B 601 -15.84 -9.94 -53.26
CA TYR B 601 -14.82 -9.39 -54.14
C TYR B 601 -13.44 -9.74 -53.57
N ALA B 602 -12.48 -10.03 -54.45
CA ALA B 602 -11.17 -10.47 -54.01
C ALA B 602 -10.06 -9.63 -54.62
N PHE B 603 -9.11 -9.24 -53.79
CA PHE B 603 -7.84 -8.68 -54.24
C PHE B 603 -6.77 -9.76 -54.09
N VAL B 604 -6.00 -9.99 -55.14
CA VAL B 604 -5.09 -11.13 -55.20
C VAL B 604 -3.69 -10.65 -55.54
N THR B 605 -2.71 -11.25 -54.86
CA THR B 605 -1.30 -10.98 -55.02
C THR B 605 -0.60 -12.24 -55.49
N MET B 606 0.33 -12.10 -56.43
CA MET B 606 1.02 -13.26 -57.02
C MET B 606 2.49 -13.24 -56.67
N LYS B 607 3.07 -14.44 -56.60
CA LYS B 607 4.50 -14.56 -56.46
C LYS B 607 5.19 -13.85 -57.63
N PRO B 608 6.34 -13.20 -57.39
CA PRO B 608 7.07 -12.55 -58.50
C PRO B 608 7.38 -13.47 -59.67
N GLU B 609 7.59 -14.76 -59.42
CA GLU B 609 8.01 -15.68 -60.47
C GLU B 609 6.89 -16.05 -61.43
N PHE B 610 5.63 -15.89 -61.01
CA PHE B 610 4.51 -16.29 -61.85
C PHE B 610 4.48 -15.49 -63.16
N ASP B 611 4.14 -16.17 -64.25
CA ASP B 611 4.12 -15.55 -65.58
C ASP B 611 2.71 -15.08 -65.91
N LEU B 612 2.57 -13.78 -66.16
CA LEU B 612 1.28 -13.17 -66.46
C LEU B 612 1.08 -12.88 -67.95
N LYS B 616 -3.13 -15.48 -69.00
CA LYS B 616 -3.28 -14.04 -68.88
C LYS B 616 -4.17 -13.70 -67.68
N GLU B 617 -4.32 -12.40 -67.40
CA GLU B 617 -4.98 -11.95 -66.17
C GLU B 617 -6.43 -12.43 -66.10
N ALA B 618 -7.16 -12.35 -67.21
CA ALA B 618 -8.56 -12.73 -67.20
C ALA B 618 -8.72 -14.24 -67.01
N ASP B 619 -7.82 -15.05 -67.59
CA ASP B 619 -7.91 -16.49 -67.45
C ASP B 619 -7.53 -16.95 -66.04
N LEU B 620 -6.52 -16.30 -65.44
CA LEU B 620 -6.18 -16.65 -64.06
C LEU B 620 -7.32 -16.32 -63.11
N SER B 621 -7.97 -15.16 -63.30
CA SER B 621 -9.06 -14.77 -62.42
C SER B 621 -10.22 -15.75 -62.49
N LYS B 622 -10.55 -16.23 -63.69
CA LYS B 622 -11.59 -17.24 -63.83
C LYS B 622 -11.18 -18.55 -63.15
N GLU B 623 -9.91 -18.94 -63.31
CA GLU B 623 -9.42 -20.14 -62.62
C GLU B 623 -9.57 -20.00 -61.11
N LEU B 624 -9.28 -18.80 -60.58
CA LEU B 624 -9.42 -18.55 -59.15
C LEU B 624 -10.87 -18.68 -58.71
N ALA B 625 -11.80 -18.11 -59.48
CA ALA B 625 -13.20 -18.16 -59.08
C ALA B 625 -13.75 -19.58 -59.17
N ILE B 626 -13.29 -20.36 -60.16
CA ILE B 626 -13.72 -21.75 -60.30
C ILE B 626 -13.25 -22.57 -59.11
N GLN B 627 -12.02 -22.35 -58.67
CA GLN B 627 -11.49 -23.11 -57.55
C GLN B 627 -12.22 -22.78 -56.26
N VAL B 628 -12.61 -21.52 -56.06
CA VAL B 628 -13.41 -21.18 -54.88
C VAL B 628 -14.77 -21.86 -54.94
N ARG B 629 -15.41 -21.87 -56.11
CA ARG B 629 -16.72 -22.49 -56.24
CA ARG B 629 -16.72 -22.50 -56.21
C ARG B 629 -16.65 -24.00 -55.99
N LYS B 630 -15.53 -24.64 -56.40
CA LYS B 630 -15.39 -26.08 -56.20
C LYS B 630 -15.11 -26.42 -54.74
N VAL B 631 -14.32 -25.61 -54.05
CA VAL B 631 -13.93 -25.94 -52.69
C VAL B 631 -14.91 -25.41 -51.65
N ILE B 632 -15.68 -24.37 -51.97
CA ILE B 632 -16.65 -23.84 -51.01
C ILE B 632 -18.06 -23.82 -51.61
N GLY B 633 -18.22 -23.17 -52.76
CA GLY B 633 -19.50 -23.09 -53.40
C GLY B 633 -19.59 -21.85 -54.27
N PRO B 634 -20.56 -21.83 -55.19
CA PRO B 634 -20.63 -20.69 -56.12
C PRO B 634 -20.95 -19.40 -55.41
N PHE B 635 -21.63 -19.47 -54.27
CA PHE B 635 -21.92 -18.29 -53.48
C PHE B 635 -20.67 -17.65 -52.88
N ALA B 636 -19.58 -18.41 -52.75
CA ALA B 636 -18.31 -17.87 -52.27
C ALA B 636 -17.44 -17.36 -53.40
N ALA B 637 -17.73 -17.72 -54.64
CA ALA B 637 -16.87 -17.35 -55.75
C ALA B 637 -16.86 -15.83 -55.92
N PRO B 638 -15.68 -15.19 -55.94
CA PRO B 638 -15.65 -13.74 -56.14
C PRO B 638 -16.40 -13.34 -57.39
N LYS B 639 -17.25 -12.34 -57.24
CA LYS B 639 -17.94 -11.78 -58.40
C LYS B 639 -16.95 -11.07 -59.32
N LYS B 640 -15.88 -10.53 -58.74
CA LYS B 640 -14.83 -9.86 -59.48
C LYS B 640 -13.54 -10.04 -58.70
N ILE B 641 -12.42 -10.12 -59.43
CA ILE B 641 -11.11 -10.29 -58.84
C ILE B 641 -10.19 -9.20 -59.36
N TYR B 642 -9.48 -8.54 -58.46
CA TYR B 642 -8.54 -7.48 -58.82
C TYR B 642 -7.14 -8.00 -58.55
N LEU B 643 -6.37 -8.25 -59.62
CA LEU B 643 -4.98 -8.69 -59.48
C LEU B 643 -4.11 -7.46 -59.26
N VAL B 644 -3.57 -7.31 -58.05
CA VAL B 644 -2.75 -6.15 -57.74
C VAL B 644 -1.35 -6.63 -57.37
N SER B 645 -0.40 -5.71 -57.47
CA SER B 645 0.98 -6.04 -57.16
C SER B 645 1.23 -6.08 -55.66
N ASP B 646 0.46 -5.32 -54.88
CA ASP B 646 0.55 -5.36 -53.43
C ASP B 646 -0.79 -4.99 -52.83
N LEU B 647 -1.07 -5.58 -51.63
CA LEU B 647 -2.20 -5.21 -50.79
C LEU B 647 -1.83 -3.98 -49.97
N PRO B 648 -2.79 -3.08 -49.72
CA PRO B 648 -2.55 -1.96 -48.81
C PRO B 648 -2.34 -2.48 -47.40
N LYS B 649 -1.20 -2.15 -46.79
CA LYS B 649 -0.83 -2.66 -45.48
C LYS B 649 -0.42 -1.54 -44.54
N THR B 650 -0.78 -1.69 -43.26
CA THR B 650 -0.29 -0.80 -42.22
C THR B 650 1.20 -1.07 -41.96
N ARG B 651 1.84 -0.17 -41.22
CA ARG B 651 3.24 -0.36 -40.85
C ARG B 651 3.43 -1.61 -39.99
N SER B 652 2.43 -1.96 -39.17
CA SER B 652 2.49 -3.18 -38.37
C SER B 652 2.23 -4.44 -39.19
N GLY B 653 1.93 -4.33 -40.48
CA GLY B 653 1.88 -5.45 -41.38
C GLY B 653 0.50 -5.98 -41.74
N LYS B 654 -0.57 -5.46 -41.15
CA LYS B 654 -1.90 -5.98 -41.43
C LYS B 654 -2.42 -5.45 -42.76
N ILE B 655 -3.18 -6.29 -43.46
CA ILE B 655 -3.92 -5.86 -44.64
C ILE B 655 -4.98 -4.85 -44.22
N MET B 656 -5.09 -3.75 -44.97
CA MET B 656 -6.04 -2.68 -44.66
C MET B 656 -7.39 -3.00 -45.32
N ARG B 657 -8.17 -3.85 -44.66
CA ARG B 657 -9.37 -4.41 -45.29
C ARG B 657 -10.46 -3.36 -45.48
N ARG B 658 -10.61 -2.44 -44.53
CA ARG B 658 -11.62 -1.39 -44.68
C ARG B 658 -11.34 -0.55 -45.92
N VAL B 659 -10.07 -0.21 -46.17
CA VAL B 659 -9.72 0.52 -47.37
C VAL B 659 -10.18 -0.22 -48.62
N LEU B 660 -9.88 -1.52 -48.68
CA LEU B 660 -10.30 -2.33 -49.83
C LEU B 660 -11.82 -2.37 -49.93
N ARG B 661 -12.51 -2.61 -48.82
CA ARG B 661 -13.98 -2.60 -48.83
C ARG B 661 -14.51 -1.27 -49.35
N LYS B 662 -14.04 -0.15 -48.77
CA LYS B 662 -14.57 1.15 -49.17
C LYS B 662 -14.23 1.47 -50.62
N ILE B 663 -13.10 1.00 -51.14
CA ILE B 663 -12.77 1.21 -52.55
C ILE B 663 -13.74 0.44 -53.45
N VAL B 664 -14.04 -0.82 -53.12
CA VAL B 664 -14.99 -1.56 -53.92
C VAL B 664 -16.37 -0.94 -53.84
N ALA B 665 -16.71 -0.35 -52.69
CA ALA B 665 -18.04 0.20 -52.46
C ALA B 665 -18.25 1.58 -53.09
N GLY B 666 -17.28 2.11 -53.83
CA GLY B 666 -17.42 3.45 -54.41
C GLY B 666 -17.12 4.59 -53.46
N GLU B 667 -16.64 4.31 -52.26
CA GLU B 667 -16.29 5.33 -51.27
C GLU B 667 -14.80 5.65 -51.28
N GLY B 668 -14.20 5.68 -52.48
CA GLY B 668 -12.76 5.85 -52.60
C GLY B 668 -12.21 7.07 -51.89
N ASP B 669 -13.02 8.12 -51.78
CA ASP B 669 -12.61 9.33 -51.05
C ASP B 669 -13.25 9.31 -49.65
N GLN B 670 -12.73 8.41 -48.82
CA GLN B 670 -13.02 8.39 -47.38
C GLN B 670 -12.08 7.41 -46.69
N SER B 675 -2.63 8.36 -40.50
CA SER B 675 -2.09 7.77 -41.71
C SER B 675 -1.31 6.49 -41.40
N SER B 676 -2.03 5.38 -41.25
CA SER B 676 -1.41 4.11 -40.89
C SER B 676 -0.78 3.38 -42.07
N ILE B 677 -1.07 3.82 -43.30
CA ILE B 677 -0.64 3.08 -44.49
C ILE B 677 0.87 3.12 -44.60
N ALA B 678 1.49 1.94 -44.79
CA ALA B 678 2.94 1.86 -44.94
C ALA B 678 3.40 2.42 -46.28
N ASP B 679 2.64 2.18 -47.34
CA ASP B 679 2.92 2.74 -48.66
C ASP B 679 1.63 3.26 -49.28
N PRO B 680 1.41 4.58 -49.25
CA PRO B 680 0.15 5.12 -49.78
C PRO B 680 0.05 5.06 -51.29
N GLN B 681 1.17 4.91 -52.02
CA GLN B 681 1.09 4.75 -53.47
C GLN B 681 0.28 3.53 -53.85
N ILE B 682 0.21 2.52 -52.97
CA ILE B 682 -0.57 1.32 -53.27
C ILE B 682 -2.06 1.63 -53.36
N VAL B 683 -2.53 2.60 -52.55
CA VAL B 683 -3.95 2.94 -52.56
C VAL B 683 -4.37 3.46 -53.93
N GLU B 684 -3.54 4.30 -54.55
CA GLU B 684 -3.86 4.79 -55.89
C GLU B 684 -3.79 3.66 -56.91
N GLU B 685 -2.80 2.77 -56.78
CA GLU B 685 -2.73 1.62 -57.66
C GLU B 685 -3.97 0.75 -57.54
N VAL B 686 -4.53 0.61 -56.32
CA VAL B 686 -5.74 -0.18 -56.13
C VAL B 686 -6.95 0.57 -56.68
N LYS B 687 -7.04 1.87 -56.44
CA LYS B 687 -8.14 2.65 -56.99
C LYS B 687 -8.13 2.59 -58.50
N GLN B 688 -6.94 2.64 -59.11
CA GLN B 688 -6.84 2.56 -60.57
C GLN B 688 -7.37 1.22 -61.08
N LYS B 689 -6.93 0.10 -60.47
CA LYS B 689 -7.32 -1.21 -60.98
C LYS B 689 -8.80 -1.50 -60.77
N VAL B 690 -9.41 -0.89 -59.75
CA VAL B 690 -10.84 -1.10 -59.49
C VAL B 690 -11.69 -0.16 -60.32
N THR B 691 -11.36 1.14 -60.30
CA THR B 691 -12.14 2.18 -60.94
C THR B 691 -11.74 2.43 -62.39
N GLY B 692 -10.54 2.01 -62.80
CA GLY B 692 -10.13 2.17 -64.18
C GLY B 692 -10.58 1.02 -65.07
N LEU C 40 54.70 -4.91 21.79
CA LEU C 40 53.54 -5.79 21.83
C LEU C 40 52.79 -5.63 23.15
N PHE C 41 51.53 -6.06 23.20
CA PHE C 41 50.71 -5.93 24.41
C PHE C 41 49.49 -6.85 24.28
N ALA C 42 49.55 -8.00 24.96
CA ALA C 42 48.49 -9.00 24.89
C ALA C 42 47.25 -8.50 25.65
N PRO C 43 46.07 -9.10 25.40
CA PRO C 43 44.84 -8.64 26.07
C PRO C 43 44.98 -8.60 27.58
N PRO C 44 44.81 -7.42 28.17
CA PRO C 44 45.10 -7.22 29.61
C PRO C 44 44.05 -7.86 30.50
N PRO C 45 44.24 -7.83 31.84
CA PRO C 45 43.29 -8.51 32.75
C PRO C 45 41.82 -8.20 32.52
N ARG C 46 41.47 -6.96 32.20
CA ARG C 46 40.06 -6.60 32.05
C ARG C 46 39.41 -7.22 30.80
N MET C 47 40.20 -7.88 29.95
CA MET C 47 39.71 -8.45 28.70
C MET C 47 39.97 -9.96 28.64
N GLN C 48 39.89 -10.63 29.80
CA GLN C 48 39.97 -12.08 29.86
C GLN C 48 39.01 -12.65 30.91
N GLY C 49 37.95 -11.91 31.24
CA GLY C 49 37.00 -12.35 32.23
C GLY C 49 37.45 -12.21 33.66
N LYS C 50 38.70 -11.83 33.90
CA LYS C 50 39.19 -11.62 35.25
C LYS C 50 38.54 -10.39 35.87
N GLU C 51 38.59 -10.32 37.20
CA GLU C 51 38.04 -9.20 37.96
C GLU C 51 36.55 -9.02 37.69
N GLY C 52 35.83 -10.12 37.49
CA GLY C 52 34.39 -10.09 37.35
C GLY C 52 33.87 -9.37 36.11
N ARG C 53 34.72 -9.13 35.12
CA ARG C 53 34.30 -8.49 33.88
C ARG C 53 33.63 -9.52 32.97
N PRO C 54 32.80 -9.08 32.02
CA PRO C 54 32.26 -10.01 31.04
C PRO C 54 33.37 -10.61 30.20
N LYS C 55 33.24 -11.90 29.91
CA LYS C 55 34.20 -12.55 29.04
C LYS C 55 34.04 -12.01 27.62
N PRO C 56 35.14 -11.80 26.89
CA PRO C 56 35.04 -11.27 25.53
C PRO C 56 34.28 -12.21 24.60
N HIS C 57 33.73 -11.63 23.54
CA HIS C 57 33.01 -12.44 22.56
C HIS C 57 33.96 -13.26 21.70
N ILE C 58 35.13 -12.70 21.38
CA ILE C 58 36.18 -13.41 20.64
C ILE C 58 37.42 -13.44 21.51
N GLY C 59 37.89 -14.64 21.84
CA GLY C 59 39.10 -14.81 22.61
C GLY C 59 39.52 -16.26 22.73
N PRO C 60 40.69 -16.52 23.34
CA PRO C 60 41.59 -15.51 23.90
C PRO C 60 42.78 -15.13 22.99
N ASN C 61 43.02 -15.89 21.92
CA ASN C 61 44.21 -15.72 21.10
C ASN C 61 43.84 -15.38 19.66
N TYR C 62 44.86 -15.25 18.80
CA TYR C 62 44.58 -14.94 17.40
C TYR C 62 43.93 -16.11 16.69
N GLU C 63 44.22 -17.34 17.12
CA GLU C 63 43.60 -18.52 16.49
C GLU C 63 42.08 -18.50 16.67
N SER C 64 41.60 -17.97 17.79
CA SER C 64 40.16 -17.90 18.00
C SER C 64 39.51 -16.84 17.13
N TYR C 65 40.24 -15.75 16.83
CA TYR C 65 39.71 -14.73 15.93
C TYR C 65 39.68 -15.24 14.48
N VAL C 66 40.76 -15.89 14.05
CA VAL C 66 40.85 -16.39 12.68
C VAL C 66 39.81 -17.47 12.43
N LYS C 67 39.52 -18.26 13.46
CA LYS C 67 38.51 -19.31 13.32
C LYS C 67 37.15 -18.72 12.95
N GLU C 68 36.79 -17.57 13.54
CA GLU C 68 35.49 -16.95 13.27
C GLU C 68 35.52 -16.10 12.01
N TRP C 69 36.59 -15.33 11.80
CA TRP C 69 36.68 -14.46 10.63
C TRP C 69 36.63 -15.27 9.34
N ALA C 70 37.27 -16.45 9.34
CA ALA C 70 37.22 -17.35 8.20
C ALA C 70 35.80 -17.74 7.84
N LYS C 71 34.86 -17.65 8.78
CA LYS C 71 33.46 -17.91 8.47
C LYS C 71 32.80 -16.73 7.75
N THR C 72 33.47 -15.58 7.70
CA THR C 72 32.87 -14.34 7.21
C THR C 72 33.43 -13.88 5.88
N VAL C 73 34.37 -14.63 5.30
CA VAL C 73 34.89 -14.34 3.96
C VAL C 73 34.95 -15.64 3.18
N GLY C 74 35.06 -15.50 1.87
CA GLY C 74 35.17 -16.65 1.00
C GLY C 74 33.81 -17.10 0.50
N PRO C 75 33.79 -18.24 -0.20
CA PRO C 75 32.55 -18.67 -0.88
C PRO C 75 31.52 -19.31 0.03
N ASN C 76 31.84 -19.55 1.30
CA ASN C 76 30.89 -20.17 2.22
C ASN C 76 30.49 -19.22 3.35
N SER C 77 30.70 -17.91 3.18
CA SER C 77 30.43 -16.95 4.25
C SER C 77 28.98 -16.48 4.30
N ASP C 78 28.15 -16.84 3.31
CA ASP C 78 26.73 -16.45 3.36
C ASP C 78 26.04 -16.97 4.61
N GLU C 79 26.38 -18.19 5.04
CA GLU C 79 25.71 -18.81 6.17
C GLU C 79 25.86 -17.95 7.42
N TRP C 80 27.10 -17.62 7.78
CA TRP C 80 27.38 -16.74 8.90
C TRP C 80 26.63 -15.42 8.77
N TRP C 81 26.71 -14.78 7.61
CA TRP C 81 26.08 -13.48 7.43
C TRP C 81 24.56 -13.58 7.55
N ALA C 82 23.97 -14.67 7.06
CA ALA C 82 22.53 -14.82 7.13
C ALA C 82 22.06 -14.97 8.57
N ALA C 83 22.77 -15.78 9.37
CA ALA C 83 22.41 -15.92 10.78
C ALA C 83 22.67 -14.63 11.55
N LYS C 84 23.84 -14.03 11.37
CA LYS C 84 24.13 -12.74 11.98
C LYS C 84 23.07 -11.71 11.64
N ALA C 85 22.65 -11.65 10.36
CA ALA C 85 21.58 -10.74 9.99
C ALA C 85 20.31 -11.01 10.79
N ARG C 86 19.93 -12.29 10.91
CA ARG C 86 18.66 -12.60 11.56
C ARG C 86 18.74 -12.52 13.07
N GLU C 87 19.93 -12.73 13.64
CA GLU C 87 20.08 -12.64 15.08
C GLU C 87 20.22 -11.20 15.57
N THR C 88 20.84 -10.33 14.77
CA THR C 88 21.20 -8.99 15.21
C THR C 88 20.08 -7.99 15.02
N LEU C 89 19.26 -8.16 13.98
CA LEU C 89 18.26 -7.17 13.65
C LEU C 89 16.87 -7.79 13.70
N ASP C 90 15.89 -6.97 14.03
CA ASP C 90 14.49 -7.33 13.93
C ASP C 90 13.99 -6.96 12.55
N TRP C 91 13.39 -7.93 11.86
CA TRP C 91 12.91 -7.75 10.49
C TRP C 91 11.39 -7.78 10.45
N TYR C 92 10.81 -6.95 9.58
CA TYR C 92 9.38 -7.08 9.26
C TYR C 92 9.15 -8.24 8.30
N ASP C 93 9.91 -8.29 7.21
CA ASP C 93 9.91 -9.42 6.27
C ASP C 93 11.33 -9.97 6.17
N ASP C 94 11.43 -11.29 6.14
CA ASP C 94 12.73 -11.92 6.07
C ASP C 94 13.29 -11.73 4.65
N PHE C 95 14.60 -11.87 4.53
CA PHE C 95 15.23 -11.85 3.22
C PHE C 95 15.40 -13.28 2.71
N LYS C 96 15.69 -13.38 1.42
CA LYS C 96 15.96 -14.67 0.79
C LYS C 96 17.38 -14.75 0.26
N THR C 97 17.83 -13.73 -0.46
CA THR C 97 19.21 -13.65 -0.96
C THR C 97 20.08 -12.92 0.04
N VAL C 98 21.27 -13.47 0.29
CA VAL C 98 22.18 -12.82 1.22
C VAL C 98 22.88 -11.65 0.56
N ARG C 99 23.46 -11.87 -0.61
CA ARG C 99 24.24 -10.82 -1.25
C ARG C 99 24.16 -10.98 -2.75
N ALA C 100 24.40 -9.89 -3.46
CA ALA C 100 24.57 -9.91 -4.91
C ALA C 100 25.25 -8.62 -5.33
N GLY C 101 25.62 -8.55 -6.60
CA GLY C 101 26.27 -7.37 -7.12
C GLY C 101 27.75 -7.33 -6.79
N GLY C 102 28.38 -6.24 -7.18
CA GLY C 102 29.81 -6.11 -7.03
C GLY C 102 30.29 -4.70 -7.30
N PHE C 103 31.62 -4.55 -7.28
CA PHE C 103 32.23 -3.25 -7.47
C PHE C 103 32.08 -2.73 -8.90
N GLU C 104 32.21 -3.63 -9.90
CA GLU C 104 32.30 -3.21 -11.30
C GLU C 104 31.22 -2.19 -11.68
N HIS C 105 29.95 -2.50 -11.43
CA HIS C 105 28.87 -1.61 -11.81
C HIS C 105 28.25 -0.86 -10.63
N GLY C 106 28.72 -1.10 -9.41
CA GLY C 106 28.15 -0.48 -8.24
C GLY C 106 26.69 -0.85 -8.06
N ASP C 107 26.40 -2.14 -7.98
CA ASP C 107 25.07 -2.66 -7.73
C ASP C 107 25.08 -3.59 -6.53
N VAL C 108 25.88 -3.25 -5.51
CA VAL C 108 25.98 -4.07 -4.32
C VAL C 108 24.62 -4.22 -3.66
N GLN C 109 24.25 -5.45 -3.31
CA GLN C 109 23.00 -5.76 -2.62
C GLN C 109 23.28 -6.67 -1.43
N TRP C 110 22.55 -6.43 -0.34
CA TRP C 110 22.63 -7.27 0.85
C TRP C 110 21.23 -7.46 1.41
N PHE C 111 20.85 -8.71 1.63
CA PHE C 111 19.54 -9.07 2.14
C PHE C 111 18.41 -8.34 1.38
N PRO C 112 18.44 -8.30 0.06
CA PRO C 112 17.61 -7.32 -0.67
C PRO C 112 16.11 -7.46 -0.44
N GLU C 113 15.59 -8.67 -0.28
CA GLU C 113 14.13 -8.83 -0.11
C GLU C 113 13.68 -8.57 1.32
N GLY C 114 14.59 -8.36 2.27
CA GLY C 114 14.19 -8.07 3.63
C GLY C 114 13.67 -6.65 3.78
N THR C 115 12.80 -6.46 4.75
CA THR C 115 12.31 -5.13 5.11
C THR C 115 12.44 -4.95 6.60
N LEU C 116 12.72 -3.72 7.00
CA LEU C 116 13.02 -3.42 8.37
C LEU C 116 12.92 -1.91 8.54
N ASN C 117 13.24 -1.46 9.73
CA ASN C 117 13.29 -0.04 9.97
C ASN C 117 14.39 0.23 10.99
N ALA C 118 15.26 1.21 10.71
CA ALA C 118 16.39 1.46 11.61
C ALA C 118 15.91 2.02 12.96
N ALA C 119 14.89 2.88 12.94
CA ALA C 119 14.34 3.39 14.21
C ALA C 119 13.76 2.28 15.06
N TYR C 120 13.00 1.35 14.46
CA TYR C 120 12.47 0.22 15.23
C TYR C 120 13.60 -0.55 15.90
N ASN C 121 14.69 -0.79 15.18
CA ASN C 121 15.82 -1.55 15.71
C ASN C 121 16.64 -0.76 16.72
N CYS C 122 16.68 0.57 16.62
CA CYS C 122 17.46 1.36 17.55
C CYS C 122 16.66 1.89 18.72
N LEU C 123 15.32 1.85 18.65
CA LEU C 123 14.47 2.44 19.69
C LEU C 123 13.37 1.47 20.13
N ASP C 124 12.37 1.27 19.26
CA ASP C 124 11.14 0.56 19.66
C ASP C 124 11.45 -0.76 20.37
N ARG C 125 12.31 -1.60 19.75
CA ARG C 125 12.50 -2.96 20.28
C ARG C 125 13.15 -2.96 21.66
N HIS C 126 14.00 -1.98 21.95
CA HIS C 126 14.56 -1.86 23.29
C HIS C 126 13.58 -1.19 24.23
N TYR C 127 12.84 -0.20 23.74
CA TYR C 127 11.77 0.40 24.53
C TYR C 127 10.80 -0.65 25.03
N TYR C 128 10.43 -1.61 24.18
CA TYR C 128 9.47 -2.64 24.60
C TYR C 128 10.04 -3.57 25.66
N LYS C 129 11.36 -3.70 25.74
CA LYS C 129 11.97 -4.61 26.69
C LYS C 129 12.39 -3.92 28.00
N ASN C 130 12.92 -2.70 27.94
CA ASN C 130 13.29 -1.96 29.15
C ASN C 130 13.17 -0.46 28.88
N PRO C 131 11.96 0.10 29.01
CA PRO C 131 11.75 1.50 28.61
C PRO C 131 12.59 2.49 29.39
N LYS C 132 12.94 2.19 30.65
CA LYS C 132 13.64 3.16 31.48
C LYS C 132 15.16 3.03 31.43
N LYS C 133 15.68 2.00 30.75
CA LYS C 133 17.12 1.95 30.50
C LYS C 133 17.58 3.21 29.80
N THR C 134 18.76 3.70 30.16
CA THR C 134 19.29 4.91 29.55
C THR C 134 19.79 4.62 28.13
N ALA C 135 19.23 5.34 27.17
CA ALA C 135 19.75 5.28 25.81
C ALA C 135 20.90 6.25 25.62
N ILE C 136 20.74 7.49 26.07
CA ILE C 136 21.74 8.54 25.84
C ILE C 136 22.16 9.15 27.17
N ILE C 137 23.45 9.14 27.43
CA ILE C 137 24.02 9.99 28.48
C ILE C 137 24.29 11.32 27.80
N TYR C 138 23.47 12.32 28.07
CA TYR C 138 23.68 13.64 27.48
C TYR C 138 24.63 14.40 28.42
N GLU C 139 25.90 14.46 28.04
CA GLU C 139 26.90 15.24 28.78
C GLU C 139 26.94 16.62 28.17
N ALA C 140 26.26 17.57 28.81
CA ALA C 140 26.15 18.94 28.31
C ALA C 140 27.49 19.65 28.39
N ASP C 141 27.58 20.80 27.70
CA ASP C 141 28.76 21.64 27.76
C ASP C 141 29.10 22.01 29.20
N GLU C 142 28.12 22.56 29.92
CA GLU C 142 28.24 22.70 31.37
C GLU C 142 27.96 21.36 32.03
N PRO C 143 28.90 20.81 32.80
CA PRO C 143 28.68 19.48 33.40
C PRO C 143 27.43 19.37 34.23
N SER C 144 27.04 20.45 34.91
CA SER C 144 25.89 20.38 35.82
C SER C 144 24.61 20.07 35.07
N GLU C 145 24.53 20.42 33.79
CA GLU C 145 23.33 20.26 32.99
C GLU C 145 23.19 18.90 32.33
N SER C 146 24.11 17.98 32.60
CA SER C 146 24.04 16.64 32.04
C SER C 146 22.86 15.88 32.62
N ARG C 147 22.35 14.91 31.86
CA ARG C 147 21.30 14.03 32.35
C ARG C 147 21.17 12.83 31.42
N GLU C 148 20.60 11.76 31.96
CA GLU C 148 20.36 10.54 31.21
C GLU C 148 19.01 10.62 30.51
N VAL C 149 18.97 10.11 29.29
CA VAL C 149 17.76 10.10 28.47
C VAL C 149 17.39 8.65 28.22
N SER C 150 16.24 8.23 28.75
CA SER C 150 15.83 6.85 28.63
C SER C 150 15.42 6.51 27.20
N TYR C 151 15.43 5.20 26.90
CA TYR C 151 14.89 4.73 25.62
C TYR C 151 13.47 5.23 25.40
N GLU C 152 12.65 5.25 26.47
CA GLU C 152 11.29 5.76 26.34
C GLU C 152 11.27 7.23 25.94
N GLU C 153 12.07 8.05 26.61
CA GLU C 153 12.03 9.47 26.31
C GLU C 153 12.59 9.73 24.92
N LEU C 154 13.62 8.99 24.54
CA LEU C 154 14.19 9.19 23.22
C LEU C 154 13.22 8.71 22.13
N MET C 155 12.52 7.61 22.37
CA MET C 155 11.57 7.14 21.37
C MET C 155 10.41 8.11 21.22
N GLN C 156 9.94 8.66 22.34
CA GLN C 156 8.82 9.60 22.28
C GLN C 156 9.21 10.87 21.54
N GLU C 157 10.40 11.42 21.82
CA GLU C 157 10.83 12.59 21.06
C GLU C 157 11.02 12.25 19.58
N THR C 158 11.57 11.07 19.28
CA THR C 158 11.75 10.68 17.89
C THR C 158 10.40 10.57 17.18
N CYS C 159 9.42 9.96 17.84
CA CYS C 159 8.10 9.85 17.25
C CYS C 159 7.44 11.21 17.05
N ARG C 160 7.59 12.12 18.01
CA ARG C 160 7.00 13.46 17.82
C ARG C 160 7.61 14.17 16.61
N VAL C 161 8.95 14.17 16.51
CA VAL C 161 9.59 14.81 15.37
C VAL C 161 9.19 14.11 14.06
N ALA C 162 9.12 12.79 14.07
CA ALA C 162 8.65 12.06 12.88
C ALA C 162 7.26 12.55 12.48
N ASN C 163 6.36 12.73 13.46
CA ASN C 163 5.04 13.27 13.17
C ASN C 163 5.10 14.71 12.67
N VAL C 164 6.05 15.50 13.16
CA VAL C 164 6.21 16.85 12.62
C VAL C 164 6.61 16.79 11.14
N LEU C 165 7.66 16.00 10.84
CA LEU C 165 8.12 15.87 9.46
C LEU C 165 6.99 15.39 8.55
N LYS C 166 6.20 14.41 9.01
CA LYS C 166 5.06 13.98 8.20
C LYS C 166 4.08 15.10 7.95
N SER C 167 3.82 15.94 8.95
CA SER C 167 2.88 17.03 8.74
C SER C 167 3.41 18.04 7.74
N TYR C 168 4.73 18.08 7.53
CA TYR C 168 5.31 18.95 6.50
C TYR C 168 5.25 18.33 5.11
N GLY C 169 4.79 17.08 5.00
CA GLY C 169 4.74 16.40 3.73
C GLY C 169 5.97 15.58 3.40
N VAL C 170 6.87 15.36 4.36
CA VAL C 170 8.03 14.54 4.10
C VAL C 170 7.59 13.10 3.88
N LYS C 171 8.01 12.52 2.77
CA LYS C 171 7.64 11.18 2.35
C LYS C 171 8.85 10.27 2.36
N LYS C 172 8.59 8.98 2.36
CA LYS C 172 9.63 7.97 2.13
C LYS C 172 10.52 8.39 0.97
N GLY C 173 11.81 8.52 1.23
CA GLY C 173 12.75 8.80 0.17
C GLY C 173 13.07 10.25 -0.04
N ASP C 174 12.39 11.17 0.63
CA ASP C 174 12.78 12.57 0.60
C ASP C 174 14.03 12.81 1.47
N ALA C 175 14.83 13.77 1.07
CA ALA C 175 16.00 14.16 1.86
C ALA C 175 15.61 15.25 2.85
N VAL C 176 16.21 15.20 4.04
CA VAL C 176 16.05 16.20 5.09
C VAL C 176 17.43 16.60 5.60
N SER C 177 17.74 17.89 5.57
CA SER C 177 19.04 18.30 6.08
C SER C 177 18.96 18.55 7.58
N ILE C 178 20.06 18.27 8.25
CA ILE C 178 20.16 18.39 9.70
C ILE C 178 21.44 19.15 10.02
N TYR C 179 21.29 20.30 10.66
CA TYR C 179 22.38 21.18 11.06
C TYR C 179 22.31 21.31 12.57
N LEU C 180 22.81 20.30 13.26
CA LEU C 180 22.65 20.27 14.73
C LEU C 180 23.97 20.01 15.42
N PRO C 181 24.25 20.69 16.53
CA PRO C 181 25.45 20.36 17.32
C PRO C 181 25.16 19.19 18.25
N MET C 182 26.05 18.92 19.22
CA MET C 182 26.02 17.67 19.96
C MET C 182 25.11 17.75 21.19
N THR C 183 23.83 17.97 20.92
CA THR C 183 22.79 17.81 21.93
C THR C 183 22.04 16.51 21.65
N TRP C 184 21.47 15.91 22.69
CA TRP C 184 20.91 14.56 22.52
C TRP C 184 19.80 14.52 21.49
N GLN C 185 19.10 15.64 21.28
CA GLN C 185 18.03 15.64 20.29
C GLN C 185 18.53 15.41 18.86
N ALA C 186 19.85 15.47 18.63
CA ALA C 186 20.36 15.09 17.31
C ALA C 186 20.02 13.64 16.98
N ALA C 187 20.08 12.75 17.98
CA ALA C 187 19.73 11.35 17.72
C ALA C 187 18.26 11.20 17.35
N ALA C 188 17.37 11.91 18.07
CA ALA C 188 15.96 11.93 17.71
C ALA C 188 15.75 12.45 16.30
N ALA C 189 16.58 13.41 15.89
CA ALA C 189 16.46 13.96 14.53
C ALA C 189 16.84 12.93 13.48
N PHE C 190 17.98 12.24 13.66
CA PHE C 190 18.35 11.16 12.74
C PHE C 190 17.24 10.12 12.67
N LEU C 191 16.83 9.60 13.85
CA LEU C 191 15.94 8.46 13.91
C LEU C 191 14.52 8.83 13.49
N ALA C 192 14.14 10.11 13.57
CA ALA C 192 12.83 10.48 13.05
C ALA C 192 12.80 10.33 11.54
N CYS C 193 13.92 10.69 10.88
CA CYS C 193 14.02 10.54 9.43
C CYS C 193 13.99 9.07 9.05
N ALA C 194 14.79 8.25 9.73
CA ALA C 194 14.79 6.82 9.42
C ALA C 194 13.43 6.19 9.71
N ARG C 195 12.73 6.70 10.74
CA ARG C 195 11.44 6.14 11.10
C ARG C 195 10.46 6.22 9.92
N ILE C 196 10.45 7.32 9.20
CA ILE C 196 9.50 7.53 8.11
C ILE C 196 10.12 7.26 6.73
N GLY C 197 11.34 6.74 6.68
CA GLY C 197 11.98 6.46 5.41
C GLY C 197 12.53 7.68 4.70
N ALA C 198 12.52 8.83 5.35
CA ALA C 198 13.24 9.96 4.80
C ALA C 198 14.73 9.69 4.92
N ILE C 199 15.49 10.43 4.10
CA ILE C 199 16.94 10.29 3.99
C ILE C 199 17.55 11.49 4.69
N HIS C 200 18.18 11.29 5.85
CA HIS C 200 18.74 12.47 6.48
C HIS C 200 20.14 12.76 5.91
N SER C 201 20.48 14.04 5.88
CA SER C 201 21.79 14.51 5.44
C SER C 201 22.32 15.44 6.53
N ALA C 202 23.21 14.94 7.38
CA ALA C 202 23.71 15.72 8.51
C ALA C 202 24.87 16.62 8.06
N VAL C 203 24.82 17.89 8.48
CA VAL C 203 25.84 18.89 8.15
C VAL C 203 26.48 19.32 9.47
N PHE C 204 27.76 19.00 9.64
CA PHE C 204 28.54 19.40 10.81
C PHE C 204 28.24 20.84 11.22
N ALA C 205 27.96 21.03 12.51
CA ALA C 205 27.48 22.32 13.00
C ALA C 205 28.56 23.40 13.08
N GLY C 206 29.82 23.06 12.78
CA GLY C 206 30.84 24.07 12.61
C GLY C 206 31.05 24.55 11.19
N PHE C 207 30.36 23.94 10.22
CA PHE C 207 30.48 24.37 8.84
C PHE C 207 29.88 25.77 8.66
N SER C 208 30.35 26.45 7.62
CA SER C 208 30.00 27.82 7.31
C SER C 208 28.69 27.89 6.53
N ALA C 209 28.18 29.11 6.38
CA ALA C 209 26.94 29.31 5.63
C ALA C 209 27.06 28.78 4.21
N GLU C 210 28.24 28.92 3.60
CA GLU C 210 28.42 28.48 2.22
C GLU C 210 28.52 26.96 2.13
N SER C 211 29.19 26.33 3.10
CA SER C 211 29.29 24.88 3.09
C SER C 211 27.94 24.23 3.39
N LEU C 212 27.17 24.83 4.30
CA LEU C 212 25.82 24.35 4.54
C LEU C 212 24.94 24.51 3.30
N ARG C 213 25.00 25.68 2.66
CA ARG C 213 24.21 25.94 1.48
C ARG C 213 24.49 24.90 0.40
N ASP C 214 25.77 24.61 0.15
CA ASP C 214 26.13 23.65 -0.88
C ASP C 214 25.50 22.28 -0.59
N ARG C 215 25.58 21.83 0.67
CA ARG C 215 25.07 20.50 0.99
C ARG C 215 23.55 20.46 0.99
N VAL C 216 22.91 21.55 1.43
CA VAL C 216 21.45 21.64 1.39
C VAL C 216 20.93 21.60 -0.06
N ASN C 217 21.54 22.40 -0.93
CA ASN C 217 21.13 22.46 -2.33
C ASN C 217 21.43 21.16 -3.06
N ASP C 218 22.53 20.48 -2.73
CA ASP C 218 22.90 19.30 -3.49
C ASP C 218 21.93 18.14 -3.23
N CYS C 219 21.43 18.00 -2.00
CA CYS C 219 20.53 16.91 -1.66
C CYS C 219 19.07 17.24 -1.95
N GLU C 220 18.75 18.50 -2.23
CA GLU C 220 17.42 18.93 -2.65
C GLU C 220 16.36 18.70 -1.58
N CYS C 221 16.77 18.70 -0.32
CA CYS C 221 15.82 18.63 0.78
C CYS C 221 14.88 19.82 0.77
N LYS C 222 13.66 19.62 1.25
CA LYS C 222 12.72 20.71 1.42
C LYS C 222 12.57 21.10 2.88
N VAL C 223 13.19 20.35 3.79
CA VAL C 223 13.10 20.57 5.22
C VAL C 223 14.50 20.57 5.81
N LEU C 224 14.74 21.52 6.71
CA LEU C 224 15.97 21.60 7.47
C LEU C 224 15.64 21.54 8.95
N ILE C 225 16.44 20.79 9.72
CA ILE C 225 16.31 20.70 11.17
C ILE C 225 17.58 21.31 11.78
N THR C 226 17.43 22.32 12.65
CA THR C 226 18.58 23.03 13.22
C THR C 226 18.26 23.51 14.65
N THR C 227 19.21 24.24 15.24
CA THR C 227 19.07 24.80 16.59
C THR C 227 19.01 26.32 16.53
N ASP C 228 18.58 26.93 17.64
CA ASP C 228 18.71 28.37 17.75
C ASP C 228 20.18 28.75 17.93
N GLU C 229 20.90 28.06 18.81
CA GLU C 229 22.32 28.30 19.04
C GLU C 229 22.97 27.00 19.52
N GLY C 230 24.27 26.87 19.24
CA GLY C 230 25.07 25.77 19.78
C GLY C 230 26.00 26.25 20.88
N ARG C 231 26.23 25.38 21.87
CA ARG C 231 27.08 25.70 23.02
C ARG C 231 28.22 24.69 23.10
N ARG C 232 29.45 25.17 22.96
CA ARG C 232 30.60 24.28 22.94
C ARG C 232 31.83 24.99 23.50
N GLY C 233 32.47 24.35 24.47
CA GLY C 233 33.63 24.95 25.13
C GLY C 233 33.34 26.29 25.79
N GLY C 234 32.09 26.53 26.19
CA GLY C 234 31.73 27.76 26.84
C GLY C 234 31.42 28.94 25.94
N LYS C 235 31.31 28.72 24.62
CA LYS C 235 31.02 29.79 23.68
C LYS C 235 29.76 29.46 22.88
N THR C 236 29.23 30.48 22.20
CA THR C 236 27.93 30.43 21.55
C THR C 236 28.11 30.38 20.03
N ILE C 237 27.66 29.27 19.42
CA ILE C 237 27.57 29.14 17.97
C ILE C 237 26.24 29.74 17.52
N ALA C 238 26.28 30.68 16.58
CA ALA C 238 25.06 31.33 16.12
C ALA C 238 24.46 30.54 14.95
N THR C 239 23.99 29.32 15.26
CA THR C 239 23.63 28.39 14.19
C THR C 239 22.48 28.93 13.34
N LYS C 240 21.44 29.47 13.97
CA LYS C 240 20.32 30.00 13.20
C LYS C 240 20.78 31.16 12.29
N GLN C 241 21.68 32.01 12.78
CA GLN C 241 22.19 33.11 11.97
C GLN C 241 22.89 32.59 10.72
N ILE C 242 23.72 31.57 10.90
CA ILE C 242 24.35 30.89 9.77
C ILE C 242 23.31 30.25 8.88
N VAL C 243 22.26 29.66 9.47
CA VAL C 243 21.20 29.05 8.68
C VAL C 243 20.48 30.10 7.84
N ASP C 244 20.15 31.24 8.46
CA ASP C 244 19.41 32.27 7.75
C ASP C 244 20.18 32.78 6.54
N ALA C 245 21.49 32.99 6.69
CA ALA C 245 22.31 33.46 5.58
C ALA C 245 22.48 32.38 4.52
N ALA C 246 22.64 31.12 4.95
CA ALA C 246 22.76 30.03 3.98
C ALA C 246 21.49 29.89 3.16
N LEU C 247 20.33 29.82 3.84
CA LEU C 247 19.07 29.56 3.17
C LEU C 247 18.70 30.62 2.15
N GLN C 248 19.30 31.82 2.23
CA GLN C 248 18.98 32.86 1.26
C GLN C 248 19.30 32.43 -0.17
N GLN C 249 20.18 31.43 -0.34
CA GLN C 249 20.47 30.86 -1.64
C GLN C 249 20.07 29.38 -1.72
N CYS C 250 19.04 29.00 -0.96
CA CYS C 250 18.53 27.62 -0.93
C CYS C 250 17.05 27.65 -1.30
N PRO C 251 16.74 27.66 -2.60
CA PRO C 251 15.35 27.92 -3.00
C PRO C 251 14.38 26.78 -2.73
N LEU C 252 14.83 25.56 -2.45
CA LEU C 252 13.89 24.46 -2.24
C LEU C 252 13.40 24.33 -0.80
N VAL C 253 14.12 24.88 0.19
CA VAL C 253 13.78 24.66 1.59
C VAL C 253 12.55 25.47 1.96
N GLU C 254 11.49 24.78 2.41
CA GLU C 254 10.23 25.40 2.73
C GLU C 254 9.89 25.37 4.22
N ASN C 255 10.58 24.54 5.01
CA ASN C 255 10.24 24.30 6.41
C ASN C 255 11.52 24.16 7.20
N VAL C 256 11.65 24.93 8.27
CA VAL C 256 12.80 24.86 9.17
C VAL C 256 12.29 24.58 10.58
N LEU C 257 12.73 23.47 11.16
CA LEU C 257 12.42 23.08 12.54
C LEU C 257 13.59 23.46 13.43
N VAL C 258 13.34 24.32 14.43
CA VAL C 258 14.40 24.96 15.20
C VAL C 258 14.32 24.49 16.65
N LEU C 259 15.31 23.70 17.07
CA LEU C 259 15.41 23.28 18.46
C LEU C 259 15.78 24.49 19.35
N ARG C 260 15.09 24.63 20.47
CA ARG C 260 15.33 25.78 21.35
C ARG C 260 16.41 25.41 22.37
N ARG C 261 17.64 25.36 21.89
CA ARG C 261 18.75 24.87 22.72
C ARG C 261 19.17 25.88 23.79
N THR C 262 19.20 27.17 23.45
CA THR C 262 19.56 28.19 24.43
C THR C 262 18.41 29.13 24.79
N GLY C 263 17.43 29.32 23.92
CA GLY C 263 16.41 30.31 24.17
C GLY C 263 16.81 31.76 23.95
N ASN C 264 18.05 32.02 23.53
CA ASN C 264 18.44 33.38 23.19
C ASN C 264 17.73 33.85 21.92
N LYS C 265 17.48 35.15 21.83
CA LYS C 265 16.76 35.72 20.69
C LYS C 265 17.49 35.42 19.39
N VAL C 266 16.86 34.65 18.51
CA VAL C 266 17.38 34.41 17.17
C VAL C 266 16.31 34.82 16.17
N PRO C 267 16.68 35.20 14.95
CA PRO C 267 15.65 35.51 13.94
C PRO C 267 14.86 34.26 13.54
N MET C 268 13.55 34.46 13.34
CA MET C 268 12.63 33.42 12.88
C MET C 268 11.79 33.94 11.73
N THR C 269 11.83 33.26 10.59
CA THR C 269 11.06 33.66 9.42
C THR C 269 9.64 33.11 9.53
N GLU C 270 8.64 33.99 9.42
CA GLU C 270 7.26 33.57 9.65
C GLU C 270 6.84 32.55 8.60
N GLY C 271 6.13 31.51 9.04
CA GLY C 271 5.70 30.45 8.16
C GLY C 271 6.76 29.39 7.91
N ARG C 272 7.94 29.84 7.47
CA ARG C 272 9.04 28.92 7.18
C ARG C 272 9.60 28.29 8.46
N ASP C 273 9.80 29.09 9.51
CA ASP C 273 10.49 28.66 10.71
C ASP C 273 9.48 28.39 11.82
N LYS C 274 9.66 27.24 12.49
CA LYS C 274 8.84 26.84 13.63
C LYS C 274 9.73 26.26 14.73
N TRP C 275 9.31 26.47 15.98
CA TRP C 275 10.03 25.94 17.14
C TRP C 275 9.74 24.46 17.31
N TRP C 276 10.80 23.66 17.42
CA TRP C 276 10.75 22.24 17.73
C TRP C 276 9.71 21.89 18.80
N ASP C 277 9.86 22.46 20.00
CA ASP C 277 9.00 22.11 21.13
C ASP C 277 7.54 22.47 20.86
N GLU C 278 7.30 23.60 20.18
CA GLU C 278 5.94 24.00 19.85
C GLU C 278 5.32 23.08 18.81
N GLU C 279 6.11 22.59 17.86
CA GLU C 279 5.59 21.68 16.85
C GLU C 279 5.33 20.30 17.43
N CYS C 280 6.31 19.77 18.17
CA CYS C 280 6.16 18.44 18.77
C CYS C 280 5.03 18.40 19.79
N ALA C 281 4.76 19.52 20.47
CA ALA C 281 3.66 19.55 21.43
C ALA C 281 2.32 19.24 20.79
N LYS C 282 2.20 19.48 19.48
CA LYS C 282 0.94 19.24 18.80
C LYS C 282 0.74 17.80 18.41
N MET C 283 1.78 16.97 18.49
CA MET C 283 1.84 15.65 17.89
C MET C 283 1.73 14.54 18.93
N PRO C 284 1.16 13.41 18.54
CA PRO C 284 1.24 12.22 19.41
C PRO C 284 2.68 11.80 19.61
N ALA C 285 2.92 11.13 20.74
CA ALA C 285 4.23 10.64 21.10
C ALA C 285 4.50 9.21 20.60
N TYR C 286 3.66 8.69 19.70
CA TYR C 286 4.00 7.51 18.91
C TYR C 286 3.71 7.78 17.44
N CYS C 287 4.43 7.07 16.57
CA CYS C 287 4.34 7.17 15.13
C CYS C 287 4.70 5.78 14.60
N PRO C 288 3.96 5.23 13.62
CA PRO C 288 4.35 3.94 13.04
C PRO C 288 5.67 4.04 12.30
N CYS C 289 6.32 2.89 12.13
CA CYS C 289 7.56 2.79 11.36
C CYS C 289 7.27 2.46 9.90
N GLU C 290 7.85 3.24 8.99
CA GLU C 290 7.78 2.87 7.58
C GLU C 290 8.58 1.60 7.34
N ARG C 291 8.03 0.68 6.55
CA ARG C 291 8.68 -0.61 6.29
C ARG C 291 9.66 -0.47 5.12
N MET C 292 10.95 -0.49 5.41
CA MET C 292 11.99 -0.11 4.45
C MET C 292 12.62 -1.33 3.80
N ALA C 293 12.82 -1.26 2.49
CA ALA C 293 13.63 -2.28 1.86
C ALA C 293 15.06 -2.20 2.39
N SER C 294 15.71 -3.36 2.49
CA SER C 294 17.10 -3.41 2.95
CA SER C 294 17.08 -3.42 2.95
C SER C 294 17.97 -2.42 2.23
N GLU C 295 17.76 -2.25 0.91
CA GLU C 295 18.59 -1.37 0.10
C GLU C 295 17.98 0.02 -0.10
N ASP C 296 16.93 0.36 0.63
CA ASP C 296 16.49 1.75 0.63
C ASP C 296 17.60 2.61 1.25
N PRO C 297 17.81 3.83 0.75
CA PRO C 297 18.85 4.68 1.34
C PRO C 297 18.48 5.13 2.75
N LEU C 298 19.43 4.97 3.67
CA LEU C 298 19.23 5.44 5.04
C LEU C 298 19.70 6.87 5.22
N PHE C 299 20.84 7.25 4.63
CA PHE C 299 21.31 8.62 4.77
C PHE C 299 22.34 8.96 3.70
N ILE C 300 22.52 10.27 3.51
CA ILE C 300 23.64 10.85 2.76
C ILE C 300 24.59 11.51 3.75
N LEU C 301 25.90 11.39 3.50
CA LEU C 301 26.89 12.11 4.30
C LEU C 301 27.90 12.74 3.37
N TYR C 302 27.83 14.07 3.24
CA TYR C 302 28.74 14.80 2.39
C TYR C 302 30.12 14.81 3.01
N THR C 303 31.11 14.37 2.24
CA THR C 303 32.50 14.32 2.66
C THR C 303 33.34 15.13 1.69
N SER C 304 34.32 15.86 2.22
CA SER C 304 35.24 16.66 1.41
C SER C 304 36.37 15.79 0.85
N LYS C 309 34.33 19.44 -5.04
CA LYS C 309 32.93 19.51 -4.63
C LYS C 309 32.59 18.45 -3.58
N PRO C 310 31.67 18.78 -2.67
CA PRO C 310 31.23 17.80 -1.67
C PRO C 310 30.53 16.61 -2.32
N LYS C 311 31.00 15.42 -1.94
CA LYS C 311 30.53 14.14 -2.45
C LYS C 311 29.55 13.53 -1.46
N GLY C 312 28.31 13.35 -1.88
CA GLY C 312 27.25 12.84 -1.01
C GLY C 312 27.25 11.33 -0.87
N VAL C 313 27.95 10.81 0.14
CA VAL C 313 28.12 9.37 0.28
C VAL C 313 26.82 8.79 0.83
N VAL C 314 26.22 7.85 0.08
CA VAL C 314 24.92 7.27 0.41
C VAL C 314 25.12 5.88 1.00
N HIS C 315 24.55 5.65 2.18
CA HIS C 315 24.47 4.31 2.75
C HIS C 315 23.03 3.82 2.74
N SER C 316 22.85 2.51 2.57
CA SER C 316 21.51 1.93 2.57
C SER C 316 21.21 1.50 4.00
N THR C 317 20.26 0.59 4.18
CA THR C 317 19.64 0.42 5.50
C THR C 317 20.14 -0.80 6.25
N ALA C 318 19.92 -2.01 5.71
CA ALA C 318 20.20 -3.19 6.51
C ALA C 318 21.69 -3.48 6.62
N GLY C 319 22.40 -3.43 5.48
CA GLY C 319 23.83 -3.72 5.51
C GLY C 319 24.60 -2.78 6.40
N TYR C 320 24.41 -1.47 6.22
CA TYR C 320 25.00 -0.48 7.13
C TYR C 320 24.62 -0.78 8.59
N LEU C 321 23.32 -0.97 8.86
CA LEU C 321 22.89 -1.18 10.23
C LEU C 321 23.52 -2.42 10.82
N LEU C 322 23.65 -3.49 10.03
CA LEU C 322 24.29 -4.70 10.54
C LEU C 322 25.77 -4.45 10.83
N GLY C 323 26.49 -3.83 9.89
CA GLY C 323 27.90 -3.60 10.09
C GLY C 323 28.21 -2.80 11.35
N THR C 324 27.44 -1.75 11.60
CA THR C 324 27.68 -0.93 12.78
C THR C 324 27.38 -1.70 14.06
N ALA C 325 26.33 -2.53 14.05
CA ALA C 325 25.96 -3.25 15.27
C ALA C 325 26.93 -4.38 15.56
N LEU C 326 27.42 -5.06 14.52
CA LEU C 326 28.41 -6.12 14.71
C LEU C 326 29.79 -5.57 15.06
N THR C 327 30.17 -4.41 14.52
CA THR C 327 31.47 -3.85 14.85
C THR C 327 31.49 -3.33 16.28
N LEU C 328 30.45 -2.60 16.68
CA LEU C 328 30.33 -2.17 18.06
C LEU C 328 30.45 -3.35 19.01
N LYS C 329 29.78 -4.47 18.69
CA LYS C 329 29.76 -5.63 19.59
C LYS C 329 31.12 -6.31 19.67
N TYR C 330 31.77 -6.55 18.54
CA TYR C 330 33.02 -7.32 18.58
C TYR C 330 34.26 -6.46 18.71
N VAL C 331 34.35 -5.34 17.99
CA VAL C 331 35.56 -4.53 18.07
C VAL C 331 35.65 -3.82 19.42
N PHE C 332 34.52 -3.50 20.05
CA PHE C 332 34.56 -2.86 21.36
C PHE C 332 34.14 -3.77 22.50
N ASP C 333 33.83 -5.03 22.21
CA ASP C 333 33.35 -6.01 23.19
C ASP C 333 32.24 -5.42 24.08
N ALA C 334 31.16 -5.01 23.43
CA ALA C 334 30.01 -4.47 24.15
C ALA C 334 29.18 -5.60 24.77
N HIS C 335 28.67 -5.34 25.95
CA HIS C 335 27.80 -6.24 26.69
C HIS C 335 26.58 -5.44 27.11
N PRO C 336 25.50 -6.11 27.54
CA PRO C 336 24.19 -5.42 27.60
C PRO C 336 24.15 -4.16 28.46
N ASP C 337 24.92 -4.11 29.54
CA ASP C 337 24.84 -2.98 30.46
C ASP C 337 25.95 -1.95 30.22
N ASP C 338 26.60 -2.02 29.07
CA ASP C 338 27.76 -1.17 28.83
C ASP C 338 27.34 0.28 28.63
N ARG C 339 28.27 1.18 28.93
CA ARG C 339 28.10 2.62 28.74
C ARG C 339 29.22 3.07 27.81
N PHE C 340 28.87 3.21 26.53
CA PHE C 340 29.83 3.43 25.46
C PHE C 340 30.00 4.93 25.23
N ALA C 341 31.24 5.41 25.30
CA ALA C 341 31.49 6.84 25.29
C ALA C 341 32.33 7.21 24.06
N CYS C 342 31.66 7.43 22.93
CA CYS C 342 32.30 7.91 21.72
C CYS C 342 32.22 9.43 21.69
N MET C 343 33.39 10.07 21.70
CA MET C 343 33.49 11.52 21.82
C MET C 343 33.57 12.22 20.46
N ALA C 344 33.08 11.59 19.40
CA ALA C 344 33.13 12.21 18.08
C ALA C 344 31.94 13.15 17.90
N ASP C 345 31.65 13.52 16.67
CA ASP C 345 30.52 14.39 16.36
C ASP C 345 29.58 13.65 15.40
N ILE C 346 28.27 13.82 15.58
CA ILE C 346 27.34 13.13 14.70
C ILE C 346 27.33 13.70 13.29
N GLY C 347 28.03 14.82 13.06
CA GLY C 347 28.23 15.35 11.71
C GLY C 347 29.20 14.54 10.88
N TRP C 348 29.95 13.63 11.50
CA TRP C 348 30.89 12.79 10.79
C TRP C 348 30.44 11.34 10.89
N ILE C 349 31.05 10.48 10.09
CA ILE C 349 30.57 9.10 10.05
C ILE C 349 30.81 8.40 11.37
N THR C 350 31.86 8.80 12.11
CA THR C 350 32.10 8.24 13.45
C THR C 350 30.91 8.49 14.36
N GLY C 351 30.36 9.71 14.32
CA GLY C 351 29.14 9.98 15.07
C GLY C 351 27.96 9.19 14.57
N HIS C 352 27.86 8.99 13.24
CA HIS C 352 26.76 8.20 12.67
C HIS C 352 26.82 6.76 13.17
N SER C 353 27.99 6.13 13.02
CA SER C 353 28.08 4.70 13.24
C SER C 353 28.27 4.37 14.71
N TYR C 354 29.02 5.19 15.45
CA TYR C 354 29.44 4.81 16.79
C TYR C 354 28.94 5.70 17.92
N ILE C 355 28.11 6.70 17.63
CA ILE C 355 27.34 7.37 18.67
C ILE C 355 25.88 6.95 18.62
N ILE C 356 25.27 6.95 17.43
CA ILE C 356 23.84 6.71 17.26
C ILE C 356 23.56 5.26 16.84
N TYR C 357 23.88 4.91 15.58
CA TYR C 357 23.33 3.68 15.00
C TYR C 357 23.88 2.42 15.66
N GLY C 358 25.20 2.28 15.74
CA GLY C 358 25.81 1.13 16.39
C GLY C 358 25.36 0.86 17.83
N PRO C 359 25.52 1.85 18.72
CA PRO C 359 25.15 1.60 20.13
C PRO C 359 23.66 1.44 20.34
N LEU C 360 22.82 2.24 19.70
CA LEU C 360 21.39 2.10 19.94
C LEU C 360 20.85 0.81 19.33
N ALA C 361 21.38 0.39 18.18
CA ALA C 361 21.01 -0.90 17.63
C ALA C 361 21.29 -2.04 18.61
N ASN C 362 22.43 -1.96 19.31
CA ASN C 362 22.74 -2.96 20.33
C ASN C 362 21.98 -2.76 21.63
N GLY C 363 21.18 -1.70 21.76
CA GLY C 363 20.39 -1.54 22.95
C GLY C 363 21.15 -1.12 24.19
N ILE C 364 22.37 -0.60 24.01
CA ILE C 364 23.18 -0.19 25.16
C ILE C 364 23.03 1.31 25.38
N THR C 365 23.82 1.85 26.29
CA THR C 365 23.84 3.27 26.59
C THR C 365 24.95 3.93 25.79
N THR C 366 24.65 5.08 25.19
CA THR C 366 25.64 5.79 24.41
C THR C 366 25.74 7.24 24.88
N ALA C 367 26.95 7.80 24.79
CA ALA C 367 27.21 9.15 25.24
C ALA C 367 27.08 10.13 24.08
N VAL C 368 26.48 11.28 24.35
CA VAL C 368 26.46 12.38 23.41
C VAL C 368 27.10 13.55 24.12
N PHE C 369 28.36 13.84 23.76
CA PHE C 369 29.23 14.77 24.48
C PHE C 369 29.21 16.12 23.77
N GLU C 370 28.68 17.13 24.46
CA GLU C 370 28.51 18.45 23.84
C GLU C 370 29.75 19.34 23.91
N SER C 371 30.71 19.06 24.79
CA SER C 371 31.77 20.01 25.08
C SER C 371 33.02 19.72 24.25
N THR C 372 34.18 20.22 24.72
CA THR C 372 35.50 19.97 24.14
C THR C 372 36.33 19.12 25.11
N PRO C 373 37.44 18.54 24.65
CA PRO C 373 38.27 17.72 25.54
C PRO C 373 38.90 18.47 26.70
N VAL C 374 38.85 19.80 26.71
CA VAL C 374 39.55 20.58 27.71
C VAL C 374 38.67 21.69 28.30
N TYR C 375 37.35 21.53 28.22
CA TYR C 375 36.44 22.47 28.86
C TYR C 375 35.61 21.78 29.93
N PRO C 376 35.50 22.34 31.16
CA PRO C 376 36.23 23.50 31.71
C PRO C 376 37.74 23.37 31.75
N THR C 377 38.25 22.21 32.15
CA THR C 377 39.68 21.95 32.30
C THR C 377 40.08 20.75 31.47
N PRO C 378 41.39 20.53 31.27
CA PRO C 378 41.84 19.37 30.48
C PRO C 378 41.57 18.01 31.12
N SER C 379 40.89 17.97 32.26
CA SER C 379 40.54 16.70 32.89
C SER C 379 39.16 16.21 32.51
N ARG C 380 38.46 16.89 31.59
CA ARG C 380 37.03 16.67 31.39
C ARG C 380 36.72 15.25 30.93
N TYR C 381 37.52 14.70 30.01
CA TYR C 381 37.28 13.34 29.56
C TYR C 381 37.26 12.37 30.74
N TRP C 382 38.17 12.57 31.70
CA TRP C 382 38.26 11.68 32.85
C TRP C 382 37.23 12.01 33.92
N ASP C 383 36.90 13.30 34.09
CA ASP C 383 35.75 13.67 34.89
C ASP C 383 34.50 12.97 34.37
N PHE C 384 34.34 12.93 33.05
CA PHE C 384 33.23 12.22 32.44
C PHE C 384 33.32 10.72 32.70
N VAL C 385 34.50 10.13 32.53
CA VAL C 385 34.62 8.68 32.62
C VAL C 385 34.24 8.18 34.01
N ASP C 386 34.72 8.86 35.06
CA ASP C 386 34.38 8.43 36.41
C ASP C 386 32.95 8.77 36.80
N LYS C 387 32.43 9.91 36.35
CA LYS C 387 31.09 10.33 36.74
C LYS C 387 30.04 9.35 36.23
N TRP C 388 30.22 8.85 35.00
CA TRP C 388 29.26 7.93 34.39
C TRP C 388 29.72 6.48 34.39
N LYS C 389 30.96 6.21 34.81
CA LYS C 389 31.51 4.86 34.81
C LYS C 389 31.44 4.24 33.40
N ALA C 390 31.92 4.99 32.42
CA ALA C 390 31.97 4.52 31.05
C ALA C 390 32.80 3.27 30.92
N THR C 391 32.30 2.29 30.18
CA THR C 391 33.02 1.04 30.00
C THR C 391 33.90 1.03 28.75
N GLN C 392 33.62 1.88 27.76
CA GLN C 392 34.52 2.09 26.64
C GLN C 392 34.63 3.57 26.36
N LEU C 393 35.78 3.96 25.82
CA LEU C 393 36.01 5.31 25.34
C LEU C 393 36.55 5.21 23.92
N TYR C 394 36.22 6.19 23.09
CA TYR C 394 36.51 6.12 21.67
C TYR C 394 36.77 7.53 21.20
N THR C 395 37.99 7.79 20.72
CA THR C 395 38.34 9.16 20.37
C THR C 395 39.44 9.15 19.31
N ALA C 396 39.69 10.32 18.76
CA ALA C 396 40.69 10.61 17.73
C ALA C 396 42.06 10.86 18.36
N PRO C 397 43.14 10.46 17.67
CA PRO C 397 44.49 10.78 18.17
C PRO C 397 44.71 12.27 18.44
N THR C 398 44.08 13.14 17.64
CA THR C 398 44.17 14.58 17.85
C THR C 398 43.89 14.95 19.30
N ALA C 399 42.76 14.49 19.84
CA ALA C 399 42.42 14.76 21.23
C ALA C 399 43.28 13.97 22.22
N ILE C 400 43.66 12.74 21.87
CA ILE C 400 44.57 11.98 22.73
C ILE C 400 45.90 12.68 22.88
N ARG C 401 46.23 13.59 21.96
CA ARG C 401 47.47 14.35 22.03
CA ARG C 401 47.47 14.34 22.06
C ARG C 401 47.28 15.76 22.58
N LEU C 402 46.06 16.31 22.55
CA LEU C 402 45.81 17.57 23.23
C LEU C 402 45.64 17.38 24.73
N LEU C 403 45.37 16.13 25.17
CA LEU C 403 45.34 15.79 26.59
C LEU C 403 46.73 15.48 27.12
N ARG C 404 47.50 14.65 26.40
CA ARG C 404 48.87 14.34 26.82
C ARG C 404 49.76 15.57 26.81
N ARG C 405 49.42 16.58 26.01
CA ARG C 405 50.16 17.84 26.05
C ARG C 405 49.77 18.68 27.25
N MET C 406 48.53 18.55 27.74
CA MET C 406 48.04 19.35 28.86
C MET C 406 48.60 18.93 30.21
N GLY C 407 49.24 17.77 30.31
CA GLY C 407 49.88 17.35 31.55
C GLY C 407 49.30 16.12 32.23
N GLU C 408 50.18 15.26 32.76
CA GLU C 408 49.75 14.04 33.44
C GLU C 408 48.96 14.30 34.73
N ASP C 409 48.96 15.53 35.23
CA ASP C 409 48.25 15.84 36.47
C ASP C 409 46.74 15.65 36.34
N HIS C 410 46.20 15.73 35.13
CA HIS C 410 44.76 15.69 34.89
C HIS C 410 44.20 14.27 34.77
N VAL C 411 45.05 13.25 34.67
CA VAL C 411 44.58 11.87 34.47
C VAL C 411 45.10 10.91 35.54
N LYS C 412 46.18 11.23 36.25
CA LYS C 412 46.80 10.23 37.11
C LYS C 412 46.00 9.95 38.37
N ASN C 413 45.14 10.88 38.80
CA ASN C 413 44.41 10.75 40.05
C ASN C 413 42.94 10.43 39.82
N HIS C 414 42.63 9.81 38.69
CA HIS C 414 41.29 9.31 38.44
C HIS C 414 41.26 7.80 38.59
N ASP C 415 40.04 7.28 38.72
CA ASP C 415 39.85 5.84 38.75
C ASP C 415 40.03 5.25 37.35
N LEU C 416 39.14 5.61 36.43
CA LEU C 416 39.16 5.10 35.05
C LEU C 416 39.08 3.59 35.02
N SER C 417 38.66 2.98 36.13
CA SER C 417 38.61 1.53 36.26
C SER C 417 37.43 0.93 35.51
N SER C 418 36.37 1.72 35.27
CA SER C 418 35.22 1.18 34.55
C SER C 418 35.56 0.93 33.08
N LEU C 419 36.55 1.65 32.54
CA LEU C 419 36.97 1.44 31.16
C LEU C 419 37.57 0.05 30.99
N ARG C 420 37.25 -0.59 29.86
CA ARG C 420 37.86 -1.85 29.44
C ARG C 420 38.60 -1.72 28.12
N VAL C 421 38.05 -0.97 27.18
CA VAL C 421 38.59 -0.82 25.83
C VAL C 421 38.72 0.66 25.53
N LEU C 422 39.83 1.05 24.91
CA LEU C 422 40.08 2.41 24.47
C LEU C 422 40.30 2.39 22.97
N GLY C 423 39.66 3.31 22.25
CA GLY C 423 39.63 3.27 20.80
C GLY C 423 40.18 4.54 20.18
N SER C 424 40.91 4.38 19.09
CA SER C 424 41.43 5.50 18.32
C SER C 424 40.85 5.44 16.92
N VAL C 425 40.61 6.61 16.32
CA VAL C 425 39.90 6.67 15.04
C VAL C 425 40.22 7.99 14.35
N GLY C 426 40.42 7.91 13.03
CA GLY C 426 40.53 9.08 12.18
C GLY C 426 41.92 9.29 11.60
N GLU C 427 42.95 8.92 12.34
CA GLU C 427 44.32 9.21 11.94
C GLU C 427 45.22 8.19 12.60
N PRO C 428 46.40 7.94 12.03
CA PRO C 428 47.38 7.09 12.71
C PRO C 428 47.71 7.64 14.09
N ILE C 429 47.88 6.74 15.05
CA ILE C 429 48.31 7.10 16.40
C ILE C 429 49.81 6.88 16.49
N ASN C 430 50.56 7.96 16.71
CA ASN C 430 52.00 7.85 16.86
C ASN C 430 52.33 6.95 18.04
N PRO C 431 53.47 6.25 18.01
CA PRO C 431 53.81 5.36 19.14
C PRO C 431 53.97 6.08 20.48
N GLU C 432 54.18 7.40 20.48
CA GLU C 432 54.19 8.13 21.75
C GLU C 432 52.77 8.37 22.26
N ALA C 433 51.80 8.47 21.35
CA ALA C 433 50.40 8.61 21.75
C ALA C 433 49.81 7.28 22.21
N TRP C 434 50.13 6.18 21.51
CA TRP C 434 49.63 4.86 21.88
C TRP C 434 50.04 4.48 23.29
N HIS C 435 51.32 4.70 23.64
CA HIS C 435 51.83 4.32 24.97
C HIS C 435 51.21 5.18 26.07
N TRP C 436 50.97 6.47 25.80
CA TRP C 436 50.35 7.34 26.79
C TRP C 436 48.89 6.94 27.04
N TYR C 437 48.12 6.72 25.97
CA TYR C 437 46.73 6.29 26.12
C TYR C 437 46.66 4.96 26.88
N ASN C 438 47.63 4.08 26.67
CA ASN C 438 47.68 2.85 27.45
C ASN C 438 47.99 3.14 28.92
N ASP C 439 48.92 4.06 29.19
CA ASP C 439 49.40 4.32 30.54
C ASP C 439 48.43 5.19 31.34
N PHE C 440 48.23 6.44 30.91
CA PHE C 440 47.44 7.39 31.70
C PHE C 440 45.93 7.21 31.54
N ALA C 441 45.47 6.58 30.47
CA ALA C 441 44.04 6.36 30.29
C ALA C 441 43.60 4.94 30.62
N GLY C 442 44.42 3.94 30.32
CA GLY C 442 44.06 2.57 30.63
C GLY C 442 44.70 2.04 31.90
N LYS C 443 45.61 2.81 32.49
CA LYS C 443 46.48 2.32 33.57
C LYS C 443 47.05 0.96 33.19
N ASN C 444 47.38 0.83 31.90
CA ASN C 444 47.90 -0.41 31.31
C ASN C 444 47.01 -1.62 31.60
N GLN C 445 45.71 -1.37 31.74
CA GLN C 445 44.73 -2.42 32.01
C GLN C 445 43.57 -2.42 31.04
N CYS C 446 43.52 -1.46 30.11
CA CYS C 446 42.53 -1.45 29.04
C CYS C 446 43.19 -1.87 27.73
N ALA C 447 42.47 -2.63 26.92
CA ALA C 447 42.92 -2.89 25.57
C ALA C 447 42.76 -1.63 24.74
N ILE C 448 43.73 -1.37 23.87
CA ILE C 448 43.68 -0.24 22.95
C ILE C 448 43.38 -0.77 21.57
N VAL C 449 42.27 -0.34 20.97
CA VAL C 449 41.86 -0.76 19.63
C VAL C 449 42.11 0.37 18.66
N ASP C 450 43.08 0.19 17.77
CA ASP C 450 43.30 1.07 16.64
C ASP C 450 42.36 0.61 15.54
N THR C 451 41.37 1.42 15.24
CA THR C 451 40.31 1.06 14.29
C THR C 451 40.51 1.85 13.01
N TYR C 452 40.67 1.15 11.91
CA TYR C 452 40.81 1.78 10.60
C TYR C 452 39.54 1.57 9.77
N TRP C 453 38.99 2.66 9.27
CA TRP C 453 37.85 2.61 8.35
C TRP C 453 37.72 3.99 7.71
N MET C 454 36.66 4.15 6.91
CA MET C 454 36.34 5.40 6.25
C MET C 454 34.83 5.52 6.15
N THR C 455 34.38 6.70 5.73
CA THR C 455 32.97 6.96 5.50
C THR C 455 32.34 5.91 4.59
N GLU C 456 33.03 5.57 3.48
CA GLU C 456 32.49 4.68 2.47
C GLU C 456 32.45 3.22 2.93
N THR C 457 33.16 2.86 4.01
CA THR C 457 33.09 1.50 4.53
C THR C 457 31.95 1.31 5.52
N GLY C 458 31.47 2.38 6.15
CA GLY C 458 30.34 2.32 7.05
C GLY C 458 30.67 1.80 8.43
N SER C 459 31.47 0.73 8.49
CA SER C 459 31.84 0.10 9.73
C SER C 459 33.32 -0.23 9.70
N ILE C 460 33.93 -0.33 10.90
CA ILE C 460 35.36 -0.53 11.07
C ILE C 460 35.85 -1.69 10.20
N SER C 461 36.90 -1.45 9.41
CA SER C 461 37.38 -2.45 8.47
C SER C 461 38.48 -3.33 9.06
N ILE C 462 39.51 -2.73 9.65
CA ILE C 462 40.61 -3.47 10.26
C ILE C 462 40.85 -2.91 11.66
N ALA C 463 40.90 -3.80 12.65
CA ALA C 463 41.08 -3.41 14.04
C ALA C 463 41.36 -4.67 14.87
N PRO C 464 41.97 -4.52 16.05
CA PRO C 464 42.12 -5.66 16.94
C PRO C 464 40.82 -5.96 17.68
N LEU C 465 40.50 -7.25 17.78
CA LEU C 465 39.41 -7.61 18.67
C LEU C 465 40.02 -7.75 20.07
N PRO C 466 39.62 -6.91 21.03
CA PRO C 466 40.47 -6.64 22.20
C PRO C 466 40.67 -7.82 23.13
N GLY C 467 39.87 -8.88 23.00
CA GLY C 467 40.06 -10.08 23.79
C GLY C 467 40.79 -11.19 23.09
N ALA C 468 41.31 -10.96 21.88
CA ALA C 468 41.85 -12.05 21.06
C ALA C 468 43.18 -11.66 20.42
N ILE C 469 43.36 -10.39 20.10
CA ILE C 469 44.53 -9.93 19.35
C ILE C 469 45.48 -9.20 20.30
N SER C 470 46.77 -9.50 20.17
CA SER C 470 47.80 -8.75 20.88
C SER C 470 48.24 -7.58 20.02
N THR C 471 48.24 -6.39 20.61
CA THR C 471 48.41 -5.17 19.85
C THR C 471 49.87 -4.82 19.63
N LYS C 472 50.15 -4.20 18.49
CA LYS C 472 51.38 -3.47 18.26
C LYS C 472 51.04 -1.99 18.14
N PRO C 473 51.77 -1.10 18.83
CA PRO C 473 51.43 0.34 18.78
C PRO C 473 51.51 0.89 17.37
N GLY C 474 50.39 1.47 16.91
CA GLY C 474 50.29 2.01 15.56
C GLY C 474 49.76 1.05 14.52
N SER C 475 49.46 -0.19 14.90
CA SER C 475 48.97 -1.21 13.98
C SER C 475 47.48 -1.48 14.24
N ALA C 476 46.73 -1.65 13.15
CA ALA C 476 45.34 -2.09 13.23
C ALA C 476 45.21 -3.61 13.32
N THR C 477 46.30 -4.36 13.13
CA THR C 477 46.35 -5.83 13.17
C THR C 477 45.48 -6.47 12.10
N PHE C 478 44.41 -7.29 12.50
CA PHE C 478 43.76 -8.18 11.54
C PHE C 478 42.41 -7.62 11.07
N PRO C 479 41.94 -7.97 9.86
CA PRO C 479 40.75 -7.31 9.31
C PRO C 479 39.44 -7.86 9.86
N PHE C 480 38.44 -6.99 9.95
CA PHE C 480 37.20 -7.37 10.60
C PHE C 480 36.39 -8.33 9.72
N PHE C 481 35.48 -9.05 10.38
CA PHE C 481 34.53 -9.95 9.72
C PHE C 481 33.99 -9.32 8.45
N GLY C 482 34.04 -10.09 7.35
CA GLY C 482 33.58 -9.62 6.07
C GLY C 482 34.57 -8.80 5.28
N MET C 483 35.73 -8.45 5.85
CA MET C 483 36.73 -7.62 5.20
C MET C 483 37.90 -8.50 4.75
N ASP C 484 37.88 -8.88 3.48
CA ASP C 484 39.00 -9.56 2.84
C ASP C 484 39.82 -8.48 2.15
N VAL C 485 40.90 -8.06 2.80
CA VAL C 485 41.74 -6.98 2.27
C VAL C 485 43.03 -7.58 1.73
N ASP C 486 43.66 -6.85 0.81
CA ASP C 486 44.90 -7.25 0.17
C ASP C 486 45.70 -5.99 -0.17
N ILE C 487 46.93 -6.20 -0.65
CA ILE C 487 47.87 -5.13 -0.98
C ILE C 487 48.28 -5.27 -2.45
N ILE C 488 48.14 -4.20 -3.22
CA ILE C 488 48.43 -4.22 -4.65
C ILE C 488 49.53 -3.21 -4.97
N ASP C 489 50.42 -3.59 -5.89
CA ASP C 489 51.47 -2.68 -6.35
C ASP C 489 50.87 -1.69 -7.33
N PRO C 490 50.93 -0.38 -7.06
CA PRO C 490 50.36 0.56 -8.02
C PRO C 490 51.11 0.60 -9.34
N GLN C 491 52.44 0.44 -9.31
CA GLN C 491 53.21 0.38 -10.56
C GLN C 491 52.91 -0.87 -11.37
N THR C 492 52.38 -1.93 -10.73
CA THR C 492 52.06 -3.17 -11.41
C THR C 492 50.57 -3.48 -11.50
N GLY C 493 49.73 -2.80 -10.70
CA GLY C 493 48.34 -3.22 -10.62
C GLY C 493 48.18 -4.63 -10.13
N GLN C 494 49.21 -5.20 -9.51
CA GLN C 494 49.22 -6.59 -9.09
C GLN C 494 49.24 -6.68 -7.57
N VAL C 495 48.44 -7.60 -7.02
CA VAL C 495 48.42 -7.82 -5.59
C VAL C 495 49.71 -8.49 -5.17
N LEU C 496 50.44 -7.87 -4.23
CA LEU C 496 51.70 -8.39 -3.69
C LEU C 496 51.38 -9.31 -2.50
N GLU C 497 51.28 -10.61 -2.79
CA GLU C 497 50.88 -11.57 -1.77
C GLU C 497 52.02 -11.85 -0.79
N GLY C 498 51.65 -12.34 0.39
CA GLY C 498 52.62 -12.70 1.41
C GLY C 498 52.79 -11.64 2.48
N ASN C 499 53.89 -11.76 3.21
CA ASN C 499 54.21 -10.85 4.30
C ASN C 499 55.41 -9.98 3.93
N ASP C 500 55.62 -8.93 4.72
CA ASP C 500 56.66 -7.93 4.47
C ASP C 500 56.48 -7.29 3.09
N VAL C 501 55.24 -6.86 2.82
CA VAL C 501 54.87 -6.25 1.55
C VAL C 501 54.28 -4.86 1.83
N GLU C 502 54.28 -4.02 0.79
CA GLU C 502 53.79 -2.66 0.89
C GLU C 502 53.21 -2.22 -0.44
N GLY C 503 52.11 -1.46 -0.38
CA GLY C 503 51.44 -0.98 -1.58
C GLY C 503 50.10 -0.38 -1.22
N VAL C 504 49.21 -0.28 -2.20
CA VAL C 504 47.91 0.33 -1.97
C VAL C 504 46.98 -0.70 -1.33
N LEU C 505 46.10 -0.22 -0.46
CA LEU C 505 45.14 -1.09 0.22
C LEU C 505 43.86 -1.20 -0.60
N VAL C 506 43.40 -2.45 -0.80
CA VAL C 506 42.21 -2.76 -1.56
C VAL C 506 41.42 -3.83 -0.81
N ALA C 507 40.16 -4.01 -1.22
CA ALA C 507 39.28 -5.05 -0.69
C ALA C 507 38.86 -5.97 -1.83
N ARG C 508 38.78 -7.27 -1.54
CA ARG C 508 38.56 -8.24 -2.61
C ARG C 508 37.07 -8.43 -2.93
N ARG C 509 36.21 -8.37 -1.92
CA ARG C 509 34.77 -8.65 -2.04
C ARG C 509 33.97 -7.60 -1.31
N PRO C 510 32.75 -7.29 -1.78
CA PRO C 510 31.91 -6.33 -1.07
C PRO C 510 31.59 -6.78 0.36
N TRP C 511 31.36 -5.80 1.23
CA TRP C 511 30.93 -6.05 2.59
C TRP C 511 29.59 -5.35 2.86
N PRO C 512 28.82 -5.82 3.85
CA PRO C 512 27.43 -5.30 3.99
C PRO C 512 27.32 -3.79 4.16
N SER C 513 28.23 -3.16 4.91
CA SER C 513 28.12 -1.75 5.23
C SER C 513 28.73 -0.82 4.17
N ILE C 514 29.19 -1.33 3.03
CA ILE C 514 29.87 -0.50 2.05
C ILE C 514 28.90 0.51 1.48
N ALA C 515 29.36 1.75 1.29
CA ALA C 515 28.53 2.77 0.68
C ALA C 515 28.12 2.33 -0.72
N ARG C 516 26.88 2.66 -1.09
CA ARG C 516 26.26 2.12 -2.30
C ARG C 516 26.41 3.00 -3.53
N THR C 517 26.51 4.32 -3.34
CA THR C 517 26.63 5.26 -4.44
C THR C 517 27.11 6.59 -3.88
N VAL C 518 27.33 7.53 -4.80
CA VAL C 518 27.48 8.95 -4.48
C VAL C 518 26.25 9.64 -5.04
N TYR C 519 25.61 10.46 -4.21
CA TYR C 519 24.23 10.85 -4.44
C TYR C 519 24.10 11.64 -5.74
N ARG C 520 23.29 11.10 -6.66
CA ARG C 520 23.07 11.66 -8.01
C ARG C 520 24.39 11.82 -8.78
N ASP C 521 25.38 11.01 -8.44
CA ASP C 521 26.65 11.03 -9.14
C ASP C 521 27.30 9.65 -9.02
N HIS C 522 26.61 8.65 -9.54
CA HIS C 522 27.13 7.28 -9.50
C HIS C 522 28.40 7.13 -10.33
N LYS C 523 28.53 7.93 -11.39
CA LYS C 523 29.76 7.92 -12.19
C LYS C 523 30.98 8.26 -11.33
N ARG C 524 30.87 9.32 -10.53
CA ARG C 524 31.96 9.68 -9.62
C ARG C 524 32.22 8.59 -8.60
N TYR C 525 31.22 7.76 -8.31
CA TYR C 525 31.41 6.66 -7.37
C TYR C 525 32.25 5.55 -7.98
N LEU C 526 31.95 5.20 -9.23
CA LEU C 526 32.71 4.15 -9.91
C LEU C 526 34.14 4.60 -10.20
N GLU C 527 34.32 5.86 -10.60
CA GLU C 527 35.65 6.32 -10.99
C GLU C 527 36.58 6.40 -9.79
N THR C 528 36.05 6.84 -8.64
CA THR C 528 36.89 7.05 -7.48
C THR C 528 37.29 5.74 -6.79
N TYR C 529 36.36 4.80 -6.62
CA TYR C 529 36.64 3.62 -5.81
C TYR C 529 36.75 2.33 -6.62
N MET C 530 36.18 2.29 -7.81
CA MET C 530 36.03 1.03 -8.54
C MET C 530 36.83 0.97 -9.83
N LYS C 531 37.02 2.10 -10.50
CA LYS C 531 37.81 2.09 -11.74
C LYS C 531 39.27 1.78 -11.50
N PRO C 532 39.97 2.35 -10.49
CA PRO C 532 41.44 2.20 -10.45
C PRO C 532 41.94 0.78 -10.37
N TYR C 533 41.20 -0.13 -9.72
CA TYR C 533 41.62 -1.52 -9.60
C TYR C 533 40.40 -2.38 -9.83
N PRO C 534 40.19 -2.84 -11.07
CA PRO C 534 38.99 -3.61 -11.40
C PRO C 534 38.93 -4.90 -10.61
N GLY C 535 37.76 -5.18 -10.05
CA GLY C 535 37.57 -6.30 -9.17
C GLY C 535 37.88 -6.00 -7.73
N TYR C 536 38.13 -4.73 -7.39
CA TYR C 536 38.58 -4.36 -6.06
C TYR C 536 37.97 -3.03 -5.66
N PHE C 537 37.96 -2.79 -4.35
CA PHE C 537 37.62 -1.49 -3.79
C PHE C 537 38.89 -0.77 -3.41
N PHE C 538 38.98 0.52 -3.75
CA PHE C 538 40.20 1.31 -3.60
C PHE C 538 40.03 2.32 -2.47
N PHE C 539 40.58 1.99 -1.29
CA PHE C 539 40.43 2.85 -0.13
C PHE C 539 41.07 4.22 -0.35
N GLY C 540 42.07 4.28 -1.22
CA GLY C 540 42.87 5.48 -1.37
C GLY C 540 44.02 5.61 -0.42
N ASP C 541 44.28 4.59 0.40
CA ASP C 541 45.30 4.64 1.45
C ASP C 541 46.41 3.62 1.17
N GLY C 542 47.66 4.03 1.41
CA GLY C 542 48.77 3.10 1.33
C GLY C 542 48.88 2.28 2.60
N ALA C 543 49.44 1.07 2.47
CA ALA C 543 49.53 0.20 3.62
C ALA C 543 50.66 -0.81 3.43
N ALA C 544 51.07 -1.42 4.55
CA ALA C 544 52.05 -2.49 4.57
C ALA C 544 51.62 -3.57 5.55
N ARG C 545 51.95 -4.82 5.23
CA ARG C 545 51.75 -5.95 6.12
C ARG C 545 53.11 -6.55 6.46
N ASP C 546 53.45 -6.56 7.75
CA ASP C 546 54.79 -6.94 8.19
C ASP C 546 54.91 -8.46 8.28
N TYR C 547 56.05 -8.94 8.83
CA TYR C 547 56.27 -10.37 8.92
C TYR C 547 55.22 -11.06 9.78
N ASP C 548 54.75 -10.39 10.85
CA ASP C 548 53.76 -10.98 11.74
C ASP C 548 52.36 -11.03 11.15
N GLY C 549 52.18 -10.58 9.90
CA GLY C 549 50.86 -10.47 9.33
C GLY C 549 50.05 -9.30 9.80
N TYR C 550 50.65 -8.39 10.57
CA TYR C 550 49.96 -7.23 11.12
C TYR C 550 49.89 -6.12 10.09
N MET C 551 48.72 -5.50 9.96
CA MET C 551 48.52 -4.44 8.99
C MET C 551 48.91 -3.09 9.56
N TRP C 552 49.62 -2.29 8.76
CA TRP C 552 50.06 -0.95 9.12
C TRP C 552 49.55 0.02 8.06
N ILE C 553 48.75 0.99 8.48
CA ILE C 553 48.11 1.92 7.56
C ILE C 553 48.97 3.16 7.42
N LYS C 554 49.41 3.42 6.19
CA LYS C 554 50.29 4.56 5.89
C LYS C 554 49.48 5.85 5.67
C11 WT7 D . -20.86 11.47 26.97
C10 WT7 D . -20.01 11.25 25.73
C01 WT7 D . -21.57 7.31 23.66
C02 WT7 D . -21.69 7.76 22.19
C03 WT7 D . -22.70 8.90 22.02
C04 WT7 D . -22.26 10.15 22.76
C13 WT7 D . -22.75 10.56 28.06
C15 WT7 D . -23.14 8.37 26.84
C17 WT7 D . -24.16 7.24 28.37
C18 WT7 D . -24.83 6.32 29.17
C21 WT7 D . -24.85 7.90 30.86
C23 WT7 D . -23.89 8.48 28.93
C24 WT7 D . -21.58 10.70 29.09
C26 WT7 D . -20.35 10.67 28.15
N14 WT7 D . -23.25 9.20 27.97
N16 WT7 D . -23.67 7.20 27.07
N19 WT7 D . -25.15 5.09 28.74
N20 WT7 D . -25.15 6.68 30.41
N22 WT7 D . -24.23 8.85 30.18
O05 WT7 D . -20.85 10.32 22.56
O07 WT7 D . -20.74 12.91 22.31
O08 WT7 D . -18.55 11.51 23.07
O09 WT7 D . -20.70 11.75 24.59
O12 WT7 D . -22.22 10.93 26.79
O25 WT7 D . -21.60 11.92 29.81
O27 WT7 D . -19.23 11.39 28.69
P06 WT7 D . -20.08 11.72 23.05
C1 EDO E . -5.61 -11.72 5.12
O1 EDO E . -5.39 -12.10 6.48
C2 EDO E . -4.75 -12.63 4.25
O2 EDO E . -3.40 -12.19 4.40
C1 EDO F . -21.39 -12.95 14.74
O1 EDO F . -20.98 -14.28 14.41
C2 EDO F . -20.62 -12.47 15.96
O2 EDO F . -19.22 -12.81 15.81
C1 EDO G . -9.95 -16.23 23.65
O1 EDO G . -10.97 -16.74 22.77
C2 EDO G . -8.98 -17.34 24.03
O2 EDO G . -8.79 -18.21 22.90
C1 EDO H . 2.05 -12.71 22.00
O1 EDO H . 1.60 -13.98 21.51
C2 EDO H . 3.30 -12.27 21.26
O2 EDO H . 2.99 -11.95 19.90
P PO4 I . -17.90 -17.86 21.42
O1 PO4 I . -19.34 -18.07 21.88
O2 PO4 I . -17.90 -17.62 19.93
O3 PO4 I . -17.31 -16.67 22.17
O4 PO4 I . -17.03 -19.08 21.74
C11 WT7 J . -8.00 -10.86 -32.76
C10 WT7 J . -7.29 -10.22 -31.58
C01 WT7 J . -3.42 -12.41 -30.53
C02 WT7 J . -2.25 -11.44 -30.23
C03 WT7 J . -2.10 -10.37 -31.32
C04 WT7 J . -3.45 -9.89 -31.83
C13 WT7 J . -7.55 -12.61 -34.30
C15 WT7 J . -5.50 -13.72 -33.24
C17 WT7 J . -5.65 -15.69 -34.08
C18 WT7 J . -5.51 -17.01 -34.48
C21 WT7 J . -7.44 -16.76 -35.74
C23 WT7 J . -6.73 -14.98 -34.58
C24 WT7 J . -8.98 -12.79 -33.71
C26 WT7 J . -8.83 -12.06 -32.36
N14 WT7 J . -6.65 -13.73 -34.05
N16 WT7 J . -4.90 -14.87 -33.24
N19 WT7 J . -4.51 -17.80 -34.06
N20 WT7 J . -6.43 -17.52 -35.32
N22 WT7 J . -7.64 -15.48 -35.42
O05 WT7 J . -4.21 -9.36 -30.72
O07 WT7 J . -4.87 -7.17 -31.91
O08 WT7 J . -6.24 -8.00 -29.72
O09 WT7 J . -6.32 -9.28 -32.02
O12 WT7 J . -7.04 -11.43 -33.70
O25 WT7 J . -9.98 -12.14 -34.48
O27 WT7 J . -10.10 -11.58 -31.87
P06 WT7 J . -5.45 -8.30 -31.01
C1 EDO K . 10.61 -13.63 -2.99
O1 EDO K . 9.89 -14.85 -2.76
C2 EDO K . 11.31 -13.23 -1.71
O2 EDO K . 10.35 -13.31 -0.66
C1 EDO L . 10.38 -23.02 -18.15
O1 EDO L . 9.70 -23.22 -16.91
C2 EDO L . 11.77 -23.66 -18.10
O2 EDO L . 11.64 -25.07 -17.86
C1 EDO M . -6.74 1.32 -14.20
O1 EDO M . -5.91 2.17 -13.36
C2 EDO M . -8.23 1.52 -13.85
O2 EDO M . -8.96 2.45 -14.69
C1 EDO N . -5.42 -22.41 -1.05
O1 EDO N . -4.13 -22.95 -0.78
C2 EDO N . -5.73 -21.26 -0.09
O2 EDO N . -4.65 -20.31 -0.09
C1 EDO O . -13.41 -22.99 -40.68
O1 EDO O . -14.09 -22.03 -41.49
C2 EDO O . -14.42 -23.66 -39.77
O2 EDO O . -15.40 -24.33 -40.56
P PO4 P . 7.13 -30.23 -15.39
O1 PO4 P . 5.74 -29.71 -15.74
O2 PO4 P . 8.15 -29.11 -15.30
O3 PO4 P . 7.58 -31.21 -16.46
O4 PO4 P . 7.05 -30.93 -14.04
C11 WT7 Q . 40.50 8.15 6.70
C10 WT7 Q . 38.97 8.19 6.67
C01 WT7 Q . 37.76 6.77 10.40
C02 WT7 Q . 36.48 7.60 10.24
C03 WT7 Q . 36.70 9.08 10.63
C04 WT7 Q . 36.59 10.00 9.42
C13 WT7 Q . 42.27 7.49 8.11
C15 WT7 Q . 41.13 6.11 9.94
C17 WT7 Q . 42.83 5.07 10.76
C18 WT7 Q . 43.74 4.28 11.45
C21 WT7 Q . 45.40 5.13 10.11
C23 WT7 Q . 43.32 5.86 9.74
C24 WT7 Q . 42.48 6.85 6.71
C26 WT7 Q . 41.04 6.85 6.14
N14 WT7 Q . 42.26 6.53 9.22
N16 WT7 Q . 41.45 5.25 10.86
N19 WT7 Q . 43.35 3.47 12.45
N20 WT7 Q . 45.02 4.33 11.10
N22 WT7 Q . 44.61 5.92 9.38
O05 WT7 Q . 36.61 9.19 8.23
O07 WT7 Q . 36.77 11.43 6.92
O08 WT7 Q . 36.09 9.15 5.64
O09 WT7 Q . 38.49 9.52 6.66
O12 WT7 Q . 41.02 8.16 8.07
O25 WT7 Q . 43.29 7.60 5.82
O27 WT7 Q . 41.08 6.98 4.71
P06 WT7 Q . 36.86 9.89 6.74
C1 EDO R . 9.55 -7.08 14.41
O1 EDO R . 10.51 -7.94 13.78
C2 EDO R . 8.19 -7.72 14.31
O2 EDO R . 7.85 -7.78 12.92
C1 EDO S . 25.20 -5.69 23.61
O1 EDO S . 24.35 -6.54 24.39
C2 EDO S . 26.04 -6.52 22.64
O2 EDO S . 25.19 -7.24 21.72
C1 EDO T . 19.65 -18.24 3.92
O1 EDO T . 19.37 -19.02 5.08
C2 EDO T . 18.38 -18.09 3.10
O2 EDO T . 17.90 -16.75 3.16
#